data_5IN5
#
_entry.id   5IN5
#
_cell.length_a   63.137
_cell.length_b   140.164
_cell.length_c   86.028
_cell.angle_alpha   90.000
_cell.angle_beta   106.320
_cell.angle_gamma   90.000
#
_symmetry.space_group_name_H-M   'P 1 21 1'
#
loop_
_entity.id
_entity.type
_entity.pdbx_description
1 polymer 'GDP-mannose 4,6 dehydratase'
2 non-polymer 'NADP NICOTINAMIDE-ADENINE-DINUCLEOTIDE PHOSPHATE'
3 non-polymer "GUANOSINE-5'-DIPHOSPHATE"
4 non-polymer "GUANOSINE-5'-DIPHOSPHATE-BETA-L-FUCOPYRANOSE"
5 non-polymer GLYCEROL
6 water water
#
_entity_poly.entity_id   1
_entity_poly.type   'polypeptide(L)'
_entity_poly.pdbx_seq_one_letter_code
;MHHHHHHENLYFQGRNVALITGITGQDGSYLAEFLLEKGYEVHGIVRRSSSFNTGRIEHLYKNPQAHIEGNMKLHYGDLT
DSTCLVKIINEVKPTEIYNLGAQSHVKISFDLAEYTADVDGVGTLRLLDAVKTCGLINSVKFYQASTSELYGKVQEIPQK
ETTPFYPRSPYGAAKLYAYWIVVNFREAYNLFAVNGILFNHESPRRGANFVTRKISRSVAKIYLGQLECFSLGNLDAKRD
WGHAKDYVEAMWLMLQNDEPEDFVIATGEVHSVREFVEKSFLHIGKTIVWEGKNENEVGRCKETGKVHVTVDLKYYRPTE
VDFLQGDCTKAKQKLNWKPRVAFDELVREMVHADVELMRTNPNA
;
_entity_poly.pdbx_strand_id   A,B,C,D
#
# COMPACT_ATOMS: atom_id res chain seq x y z
N GLY A 14 26.33 -17.40 21.35
CA GLY A 14 26.14 -18.76 20.85
C GLY A 14 24.88 -19.46 21.35
N ARG A 15 23.81 -19.36 20.58
CA ARG A 15 23.78 -18.50 19.40
C ARG A 15 23.00 -17.23 19.73
N ASN A 16 23.63 -16.07 19.62
CA ASN A 16 22.98 -14.78 19.93
C ASN A 16 23.09 -13.91 18.69
N VAL A 17 22.00 -13.83 17.92
CA VAL A 17 21.95 -13.09 16.68
C VAL A 17 20.72 -12.20 16.74
N ALA A 18 20.96 -10.88 16.78
CA ALA A 18 19.89 -9.91 16.92
C ALA A 18 19.62 -9.24 15.58
N LEU A 19 18.36 -8.96 15.30
CA LEU A 19 17.94 -8.18 14.15
C LEU A 19 17.20 -6.95 14.67
N ILE A 20 17.73 -5.77 14.43
CA ILE A 20 17.14 -4.53 14.89
C ILE A 20 16.57 -3.80 13.68
N THR A 21 15.25 -3.66 13.61
CA THR A 21 14.72 -2.65 12.72
C THR A 21 14.82 -1.30 13.41
N GLY A 22 15.02 -0.24 12.61
CA GLY A 22 15.24 1.06 13.21
C GLY A 22 16.59 1.20 13.86
N ILE A 23 17.59 0.48 13.37
CA ILE A 23 18.91 0.51 14.00
C ILE A 23 19.57 1.88 13.90
N THR A 24 19.21 2.70 12.89
CA THR A 24 19.84 4.02 12.74
C THR A 24 19.31 5.06 13.71
N GLY A 25 18.19 4.78 14.40
CA GLY A 25 17.60 5.76 15.28
C GLY A 25 18.31 5.81 16.63
N GLN A 26 17.76 6.66 17.50
CA GLN A 26 18.30 6.81 18.85
C GLN A 26 18.46 5.48 19.56
N ASP A 27 17.33 4.77 19.76
CA ASP A 27 17.36 3.55 20.56
C ASP A 27 18.18 2.46 19.87
N GLY A 28 17.99 2.29 18.55
CA GLY A 28 18.74 1.27 17.84
C GLY A 28 20.23 1.42 18.01
N SER A 29 20.73 2.65 18.02
CA SER A 29 22.17 2.87 18.17
C SER A 29 22.66 2.44 19.55
N TYR A 30 21.92 2.81 20.61
CA TYR A 30 22.29 2.36 21.95
C TYR A 30 22.11 0.84 22.11
N LEU A 31 21.03 0.30 21.56
CA LEU A 31 20.79 -1.14 21.67
C LEU A 31 21.88 -1.94 20.97
N ALA A 32 22.29 -1.50 19.77
CA ALA A 32 23.39 -2.15 19.07
C ALA A 32 24.62 -2.27 19.96
N GLU A 33 25.05 -1.14 20.54
CA GLU A 33 26.22 -1.17 21.42
C GLU A 33 26.00 -2.09 22.60
N PHE A 34 24.81 -2.04 23.19
CA PHE A 34 24.50 -2.89 24.34
C PHE A 34 24.64 -4.36 23.97
N LEU A 35 24.08 -4.75 22.83
CA LEU A 35 24.12 -6.15 22.42
C LEU A 35 25.52 -6.55 21.96
N LEU A 36 26.23 -5.65 21.30
CA LEU A 36 27.61 -5.97 20.87
C LEU A 36 28.49 -6.25 22.08
N GLU A 37 28.35 -5.43 23.12
CA GLU A 37 29.09 -5.69 24.36
C GLU A 37 28.80 -7.07 24.92
N LYS A 38 27.59 -7.59 24.74
CA LYS A 38 27.28 -8.92 25.22
C LYS A 38 27.69 -10.03 24.25
N GLY A 39 28.38 -9.69 23.16
CA GLY A 39 28.85 -10.69 22.23
C GLY A 39 27.85 -11.13 21.19
N TYR A 40 26.76 -10.37 21.00
CA TYR A 40 25.81 -10.68 19.95
C TYR A 40 26.40 -10.36 18.58
N GLU A 41 26.01 -11.17 17.60
CA GLU A 41 26.07 -10.71 16.22
C GLU A 41 24.83 -9.85 15.98
N VAL A 42 25.02 -8.59 15.57
CA VAL A 42 23.93 -7.62 15.48
C VAL A 42 23.70 -7.26 14.03
N HIS A 43 22.48 -7.48 13.54
CA HIS A 43 22.08 -7.11 12.19
C HIS A 43 21.05 -5.98 12.27
N GLY A 44 21.16 -5.03 11.37
CA GLY A 44 20.18 -3.96 11.28
C GLY A 44 19.60 -3.86 9.88
N ILE A 45 18.35 -3.40 9.83
CA ILE A 45 17.71 -2.99 8.58
C ILE A 45 17.81 -1.47 8.49
N VAL A 46 18.36 -0.99 7.38
CA VAL A 46 18.55 0.43 7.13
CA VAL A 46 18.52 0.44 7.15
C VAL A 46 17.76 0.82 5.88
N ARG A 47 17.11 1.98 5.92
CA ARG A 47 16.43 2.47 4.73
C ARG A 47 17.45 2.97 3.73
N ARG A 48 17.22 2.72 2.45
CA ARG A 48 17.97 3.44 1.43
C ARG A 48 17.67 4.93 1.56
N SER A 49 18.72 5.74 1.53
CA SER A 49 18.54 7.19 1.50
C SER A 49 19.59 7.79 0.57
N SER A 50 19.27 8.97 0.05
CA SER A 50 20.15 9.59 -0.94
C SER A 50 21.47 10.00 -0.33
N SER A 51 21.52 10.24 0.97
CA SER A 51 22.78 10.36 1.67
C SER A 51 22.74 9.40 2.85
N PHE A 52 23.91 9.01 3.35
CA PHE A 52 23.91 7.96 4.36
C PHE A 52 23.21 8.43 5.63
N ASN A 53 22.52 7.51 6.29
CA ASN A 53 21.73 7.79 7.49
C ASN A 53 22.25 7.02 8.69
N THR A 54 23.52 6.62 8.66
CA THR A 54 24.10 5.72 9.64
C THR A 54 24.97 6.44 10.66
N GLY A 55 24.82 7.76 10.79
CA GLY A 55 25.71 8.51 11.65
C GLY A 55 25.75 8.05 13.09
N ARG A 56 24.62 7.57 13.63
CA ARG A 56 24.63 7.15 15.03
C ARG A 56 25.41 5.85 15.25
N ILE A 57 25.61 5.07 14.19
CA ILE A 57 26.19 3.73 14.31
C ILE A 57 27.46 3.56 13.49
N GLU A 58 27.91 4.62 12.80
CA GLU A 58 29.08 4.41 11.96
CA GLU A 58 29.14 4.59 12.00
C GLU A 58 30.33 4.11 12.79
N HIS A 59 30.36 4.42 14.08
CA HIS A 59 31.50 4.01 14.91
C HIS A 59 31.50 2.52 15.19
N LEU A 60 30.43 1.80 14.85
CA LEU A 60 30.36 0.37 15.08
C LEU A 60 30.80 -0.44 13.87
N TYR A 61 31.19 0.20 12.78
CA TYR A 61 31.95 -0.51 11.76
C TYR A 61 33.26 -1.01 12.35
N LYS A 62 33.73 -2.16 11.85
CA LYS A 62 35.06 -2.64 12.22
C LYS A 62 36.13 -1.65 11.80
N ASN A 63 36.03 -1.15 10.57
CA ASN A 63 36.90 -0.09 10.05
C ASN A 63 35.99 1.09 9.71
N PRO A 64 35.87 2.08 10.59
CA PRO A 64 34.97 3.20 10.31
C PRO A 64 35.41 4.08 9.15
N GLN A 65 36.69 4.07 8.77
CA GLN A 65 37.10 4.88 7.63
C GLN A 65 36.77 4.22 6.31
N ALA A 66 36.83 2.90 6.23
CA ALA A 66 36.44 2.17 5.04
C ALA A 66 34.98 1.71 5.07
N HIS A 67 34.31 1.87 6.21
CA HIS A 67 32.94 1.39 6.40
C HIS A 67 32.85 -0.09 6.10
N ILE A 68 33.78 -0.85 6.67
CA ILE A 68 33.83 -2.31 6.59
C ILE A 68 33.22 -2.86 7.87
N GLU A 69 32.29 -3.80 7.71
CA GLU A 69 31.52 -4.30 8.84
C GLU A 69 32.27 -5.41 9.58
N GLY A 70 32.09 -5.41 10.91
CA GLY A 70 32.55 -6.50 11.75
C GLY A 70 31.36 -7.27 12.27
N ASN A 71 31.08 -7.14 13.57
CA ASN A 71 29.98 -7.85 14.20
C ASN A 71 28.65 -7.11 14.09
N MET A 72 28.62 -5.91 13.51
CA MET A 72 27.37 -5.25 13.15
C MET A 72 27.24 -5.23 11.64
N LYS A 73 26.18 -5.86 11.13
CA LYS A 73 25.96 -6.04 9.70
C LYS A 73 24.65 -5.40 9.29
N LEU A 74 24.69 -4.58 8.25
CA LEU A 74 23.53 -3.80 7.85
C LEU A 74 22.92 -4.33 6.57
N HIS A 75 21.60 -4.16 6.45
CA HIS A 75 20.84 -4.65 5.30
C HIS A 75 19.86 -3.57 4.88
N TYR A 76 19.84 -3.24 3.59
CA TYR A 76 18.86 -2.29 3.09
C TYR A 76 17.46 -2.92 3.15
N GLY A 77 16.48 -2.15 3.62
CA GLY A 77 15.13 -2.66 3.66
C GLY A 77 14.16 -1.58 4.12
N ASP A 78 12.90 -1.98 4.21
CA ASP A 78 11.84 -1.09 4.64
C ASP A 78 10.71 -1.91 5.23
N LEU A 79 10.10 -1.39 6.31
CA LEU A 79 9.00 -2.09 6.96
C LEU A 79 7.75 -2.17 6.09
N THR A 80 7.71 -1.48 4.97
CA THR A 80 6.57 -1.57 4.07
C THR A 80 6.80 -2.52 2.91
N ASP A 81 7.94 -3.21 2.86
CA ASP A 81 8.29 -4.12 1.77
C ASP A 81 8.39 -5.54 2.35
N SER A 82 7.30 -6.32 2.25
CA SER A 82 7.25 -7.64 2.88
C SER A 82 8.34 -8.57 2.38
N THR A 83 8.52 -8.63 1.05
CA THR A 83 9.54 -9.51 0.48
C THR A 83 10.92 -9.24 1.06
N CYS A 84 11.30 -7.96 1.19
CA CYS A 84 12.65 -7.68 1.71
C CYS A 84 12.76 -8.12 3.17
N LEU A 85 11.68 -7.98 3.95
CA LEU A 85 11.69 -8.45 5.32
C LEU A 85 11.89 -9.96 5.40
N VAL A 86 11.18 -10.72 4.57
CA VAL A 86 11.34 -12.16 4.58
C VAL A 86 12.76 -12.54 4.16
N LYS A 87 13.28 -11.87 3.13
CA LYS A 87 14.63 -12.19 2.67
C LYS A 87 15.66 -11.95 3.75
N ILE A 88 15.56 -10.83 4.45
CA ILE A 88 16.55 -10.52 5.49
C ILE A 88 16.45 -11.51 6.64
N ILE A 89 15.23 -11.80 7.10
CA ILE A 89 15.07 -12.72 8.22
C ILE A 89 15.54 -14.12 7.85
N ASN A 90 15.26 -14.55 6.61
CA ASN A 90 15.73 -15.86 6.16
C ASN A 90 17.26 -15.91 6.15
N GLU A 91 17.89 -14.83 5.70
CA GLU A 91 19.34 -14.79 5.62
C GLU A 91 19.98 -14.70 7.00
N VAL A 92 19.40 -13.89 7.89
CA VAL A 92 20.03 -13.62 9.18
C VAL A 92 19.74 -14.73 10.19
N LYS A 93 18.54 -15.30 10.15
CA LYS A 93 18.08 -16.29 11.12
C LYS A 93 18.30 -15.76 12.55
N PRO A 94 17.65 -14.66 12.91
CA PRO A 94 17.92 -14.08 14.22
C PRO A 94 17.31 -14.90 15.34
N THR A 95 17.95 -14.85 16.50
CA THR A 95 17.34 -15.36 17.72
C THR A 95 16.48 -14.32 18.42
N GLU A 96 16.77 -13.05 18.19
CA GLU A 96 16.03 -11.96 18.81
C GLU A 96 15.78 -10.91 17.76
N ILE A 97 14.56 -10.37 17.75
CA ILE A 97 14.16 -9.31 16.83
C ILE A 97 13.62 -8.16 17.63
N TYR A 98 14.17 -6.97 17.42
CA TYR A 98 13.69 -5.76 18.07
C TYR A 98 13.10 -4.85 17.00
N ASN A 99 11.78 -4.67 17.02
CA ASN A 99 11.10 -3.82 16.04
C ASN A 99 11.05 -2.39 16.58
N LEU A 100 12.12 -1.64 16.33
CA LEU A 100 12.20 -0.24 16.70
C LEU A 100 11.92 0.71 15.53
N GLY A 101 11.82 0.18 14.31
CA GLY A 101 11.64 1.05 13.15
C GLY A 101 10.26 1.68 13.13
N ALA A 102 10.21 2.99 12.92
CA ALA A 102 8.94 3.70 12.97
C ALA A 102 9.15 5.14 12.53
N GLN A 103 8.08 5.71 11.97
CA GLN A 103 7.88 7.15 11.98
C GLN A 103 7.44 7.47 13.41
N SER A 104 8.35 8.03 14.20
CA SER A 104 8.19 8.07 15.66
C SER A 104 7.78 9.43 16.20
N HIS A 105 7.46 10.37 15.32
CA HIS A 105 7.24 11.76 15.72
C HIS A 105 5.74 12.04 15.75
N VAL A 106 5.23 12.49 16.89
CA VAL A 106 3.79 12.61 17.05
C VAL A 106 3.23 13.74 16.20
N LYS A 107 3.85 14.93 16.27
CA LYS A 107 3.31 16.06 15.52
C LYS A 107 3.33 15.78 14.01
N ILE A 108 4.43 15.22 13.51
CA ILE A 108 4.48 14.90 12.09
C ILE A 108 3.39 13.89 11.71
N SER A 109 3.05 12.97 12.61
CA SER A 109 2.06 11.94 12.29
C SER A 109 0.70 12.52 11.95
N PHE A 110 0.39 13.75 12.37
CA PHE A 110 -0.93 14.30 12.09
C PHE A 110 -1.13 14.58 10.60
N ASP A 111 -0.11 15.07 9.90
CA ASP A 111 -0.21 15.31 8.47
C ASP A 111 0.53 14.26 7.66
N LEU A 112 1.01 13.20 8.30
CA LEU A 112 1.58 12.03 7.65
C LEU A 112 0.89 10.78 8.22
N ALA A 113 -0.45 10.86 8.30
CA ALA A 113 -1.19 9.87 9.06
C ALA A 113 -1.18 8.50 8.39
N GLU A 114 -1.31 8.47 7.06
CA GLU A 114 -1.39 7.19 6.34
C GLU A 114 -0.05 6.49 6.32
N TYR A 115 1.02 7.23 6.02
CA TYR A 115 2.35 6.62 6.07
C TYR A 115 2.67 6.09 7.47
N THR A 116 2.33 6.84 8.50
CA THR A 116 2.57 6.41 9.87
C THR A 116 1.78 5.14 10.21
N ALA A 117 0.55 5.03 9.71
CA ALA A 117 -0.21 3.78 9.85
C ALA A 117 0.51 2.64 9.14
N ASP A 118 0.96 2.87 7.92
CA ASP A 118 1.57 1.81 7.13
C ASP A 118 2.86 1.32 7.75
N VAL A 119 3.67 2.22 8.30
CA VAL A 119 4.96 1.84 8.87
C VAL A 119 4.79 1.34 10.29
N ASP A 120 4.09 2.11 11.13
CA ASP A 120 4.07 1.79 12.57
C ASP A 120 3.06 0.71 12.91
N GLY A 121 1.94 0.67 12.21
CA GLY A 121 0.93 -0.33 12.46
C GLY A 121 1.11 -1.52 11.55
N VAL A 122 0.82 -1.35 10.26
CA VAL A 122 0.87 -2.50 9.35
C VAL A 122 2.29 -3.01 9.23
N GLY A 123 3.30 -2.14 9.36
CA GLY A 123 4.68 -2.60 9.28
C GLY A 123 5.00 -3.61 10.35
N THR A 124 4.37 -3.47 11.51
CA THR A 124 4.59 -4.42 12.59
C THR A 124 4.01 -5.78 12.24
N LEU A 125 2.80 -5.80 11.67
CA LEU A 125 2.23 -7.06 11.18
C LEU A 125 3.12 -7.67 10.10
N ARG A 126 3.63 -6.85 9.18
CA ARG A 126 4.49 -7.37 8.13
C ARG A 126 5.72 -8.06 8.73
N LEU A 127 6.30 -7.46 9.77
CA LEU A 127 7.48 -8.09 10.33
C LEU A 127 7.13 -9.39 11.06
N LEU A 128 5.99 -9.41 11.75
CA LEU A 128 5.54 -10.63 12.41
C LEU A 128 5.20 -11.73 11.40
N ASP A 129 4.47 -11.35 10.34
CA ASP A 129 4.15 -12.31 9.28
C ASP A 129 5.42 -12.85 8.62
N ALA A 130 6.44 -12.00 8.50
CA ALA A 130 7.70 -12.46 7.93
C ALA A 130 8.34 -13.51 8.82
N VAL A 131 8.33 -13.30 10.14
CA VAL A 131 8.82 -14.30 11.09
C VAL A 131 8.08 -15.62 10.87
N LYS A 132 6.75 -15.56 10.74
CA LYS A 132 5.96 -16.77 10.55
C LYS A 132 6.30 -17.42 9.20
N THR A 133 6.32 -16.62 8.13
CA THR A 133 6.69 -17.13 6.81
C THR A 133 8.04 -17.83 6.83
N CYS A 134 9.00 -17.29 7.57
CA CYS A 134 10.35 -17.86 7.65
C CYS A 134 10.44 -19.07 8.58
N GLY A 135 9.33 -19.51 9.17
CA GLY A 135 9.39 -20.68 10.02
C GLY A 135 10.03 -20.49 11.38
N LEU A 136 10.13 -19.24 11.85
CA LEU A 136 10.81 -18.94 13.11
C LEU A 136 9.85 -18.64 14.25
N ILE A 137 8.58 -19.01 14.11
CA ILE A 137 7.58 -18.59 15.10
C ILE A 137 7.88 -19.18 16.46
N ASN A 138 8.53 -20.34 16.51
CA ASN A 138 8.83 -20.99 17.77
C ASN A 138 10.27 -20.79 18.22
N SER A 139 11.11 -20.12 17.44
CA SER A 139 12.49 -19.94 17.86
C SER A 139 12.85 -18.49 18.19
N VAL A 140 12.24 -17.51 17.55
CA VAL A 140 12.69 -16.14 17.75
C VAL A 140 11.88 -15.48 18.86
N LYS A 141 12.53 -14.56 19.56
CA LYS A 141 11.89 -13.69 20.54
C LYS A 141 11.79 -12.29 19.95
N PHE A 142 10.59 -11.71 20.02
CA PHE A 142 10.20 -10.49 19.31
C PHE A 142 9.92 -9.38 20.32
N TYR A 143 10.61 -8.25 20.18
CA TYR A 143 10.36 -7.08 21.01
C TYR A 143 9.66 -6.01 20.18
N GLN A 144 8.51 -5.55 20.63
CA GLN A 144 7.77 -4.48 19.95
C GLN A 144 7.96 -3.16 20.69
N ALA A 145 8.25 -2.09 19.94
CA ALA A 145 8.49 -0.78 20.57
C ALA A 145 7.17 -0.07 20.80
N SER A 146 6.47 -0.49 21.85
CA SER A 146 5.25 0.22 22.23
C SER A 146 5.62 1.48 23.03
N THR A 147 4.60 2.19 23.53
CA THR A 147 4.87 3.59 23.88
C THR A 147 3.81 4.10 24.84
N SER A 148 4.23 5.02 25.70
CA SER A 148 3.29 5.70 26.59
C SER A 148 2.30 6.57 25.84
N GLU A 149 2.54 6.90 24.56
CA GLU A 149 1.50 7.61 23.81
C GLU A 149 0.21 6.82 23.73
N LEU A 150 0.26 5.51 23.94
CA LEU A 150 -0.95 4.71 23.95
C LEU A 150 -1.92 5.17 25.03
N TYR A 151 -1.40 5.64 26.17
CA TYR A 151 -2.24 6.14 27.26
C TYR A 151 -2.88 7.48 26.93
N GLY A 152 -2.27 8.25 26.03
CA GLY A 152 -2.82 9.50 25.52
C GLY A 152 -3.49 10.39 26.56
N LYS A 153 -4.82 10.52 26.47
CA LYS A 153 -5.59 11.25 27.48
C LYS A 153 -5.77 10.31 28.66
N VAL A 154 -4.88 10.43 29.64
CA VAL A 154 -4.67 9.36 30.61
C VAL A 154 -5.91 9.16 31.47
N GLN A 155 -6.22 7.89 31.75
CA GLN A 155 -7.39 7.50 32.52
C GLN A 155 -7.06 7.15 33.96
N GLU A 156 -5.77 7.04 34.29
CA GLU A 156 -5.27 6.82 35.63
C GLU A 156 -3.96 7.60 35.77
N ILE A 157 -3.65 8.02 37.00
CA ILE A 157 -2.34 8.56 37.33
C ILE A 157 -1.80 7.80 38.54
N PRO A 158 -0.59 7.24 38.44
CA PRO A 158 0.26 7.12 37.25
C PRO A 158 -0.33 6.08 36.27
N GLN A 159 0.32 5.84 35.14
CA GLN A 159 -0.15 4.84 34.17
C GLN A 159 0.63 3.54 34.32
N LYS A 160 -0.10 2.43 34.40
CA LYS A 160 0.54 1.11 34.46
C LYS A 160 -0.03 0.21 33.36
N GLU A 161 0.34 -1.08 33.38
CA GLU A 161 -0.04 -1.97 32.29
C GLU A 161 -1.56 -2.10 32.17
N THR A 162 -2.28 -2.05 33.28
CA THR A 162 -3.73 -2.19 33.27
C THR A 162 -4.46 -0.88 33.03
N THR A 163 -3.75 0.24 32.92
CA THR A 163 -4.40 1.50 32.58
C THR A 163 -4.93 1.45 31.15
N PRO A 164 -6.20 1.74 30.91
CA PRO A 164 -6.74 1.61 29.56
C PRO A 164 -6.09 2.62 28.62
N PHE A 165 -5.94 2.19 27.36
CA PHE A 165 -5.32 3.02 26.34
C PHE A 165 -6.33 4.02 25.79
N TYR A 166 -5.84 5.20 25.44
CA TYR A 166 -6.68 6.27 24.88
C TYR A 166 -5.80 7.12 23.97
N PRO A 167 -5.50 6.63 22.77
CA PRO A 167 -4.56 7.33 21.88
C PRO A 167 -5.11 8.67 21.40
N ARG A 168 -4.18 9.58 21.08
CA ARG A 168 -4.51 10.96 20.76
C ARG A 168 -3.80 11.46 19.50
N SER A 169 -3.36 10.57 18.62
CA SER A 169 -2.74 10.99 17.37
C SER A 169 -2.77 9.83 16.40
N PRO A 170 -2.53 10.08 15.12
CA PRO A 170 -2.36 8.95 14.19
C PRO A 170 -1.19 8.07 14.59
N TYR A 171 -0.15 8.65 15.22
CA TYR A 171 0.94 7.84 15.74
C TYR A 171 0.46 6.87 16.82
N GLY A 172 -0.27 7.40 17.81
CA GLY A 172 -0.78 6.55 18.88
C GLY A 172 -1.72 5.47 18.38
N ALA A 173 -2.60 5.82 17.45
CA ALA A 173 -3.52 4.82 16.91
C ALA A 173 -2.76 3.70 16.19
N ALA A 174 -1.75 4.08 15.39
CA ALA A 174 -0.99 3.08 14.67
C ALA A 174 -0.21 2.18 15.63
N LYS A 175 0.41 2.78 16.65
CA LYS A 175 1.10 1.99 17.67
C LYS A 175 0.14 1.10 18.44
N LEU A 176 -1.13 1.53 18.59
CA LEU A 176 -2.10 0.71 19.31
C LEU A 176 -2.47 -0.50 18.49
N TYR A 177 -2.61 -0.35 17.16
CA TYR A 177 -2.75 -1.52 16.29
C TYR A 177 -1.57 -2.46 16.47
N ALA A 178 -0.35 -1.92 16.47
CA ALA A 178 0.83 -2.75 16.59
C ALA A 178 0.89 -3.47 17.92
N TYR A 179 0.51 -2.77 19.00
CA TYR A 179 0.44 -3.40 20.31
C TYR A 179 -0.42 -4.66 20.26
N TRP A 180 -1.64 -4.55 19.73
CA TRP A 180 -2.57 -5.66 19.79
C TRP A 180 -2.27 -6.76 18.78
N ILE A 181 -1.67 -6.42 17.64
CA ILE A 181 -1.34 -7.48 16.69
C ILE A 181 -0.17 -8.31 17.23
N VAL A 182 0.75 -7.66 17.97
CA VAL A 182 1.78 -8.41 18.67
C VAL A 182 1.17 -9.36 19.69
N VAL A 183 0.21 -8.87 20.48
CA VAL A 183 -0.46 -9.74 21.44
C VAL A 183 -1.11 -10.90 20.70
N ASN A 184 -1.72 -10.62 19.55
CA ASN A 184 -2.44 -11.68 18.85
C ASN A 184 -1.48 -12.76 18.35
N PHE A 185 -0.31 -12.38 17.82
CA PHE A 185 0.65 -13.39 17.38
C PHE A 185 1.16 -14.20 18.57
N ARG A 186 1.32 -13.57 19.73
CA ARG A 186 1.71 -14.28 20.93
C ARG A 186 0.65 -15.30 21.30
N GLU A 187 -0.61 -14.86 21.37
CA GLU A 187 -1.69 -15.74 21.83
C GLU A 187 -2.07 -16.78 20.79
N ALA A 188 -2.01 -16.46 19.51
CA ALA A 188 -2.49 -17.38 18.49
C ALA A 188 -1.44 -18.42 18.11
N TYR A 189 -0.18 -18.02 18.02
CA TYR A 189 0.88 -18.87 17.49
C TYR A 189 1.97 -19.19 18.49
N ASN A 190 1.83 -18.74 19.74
CA ASN A 190 2.82 -18.94 20.82
C ASN A 190 4.18 -18.35 20.47
N LEU A 191 4.16 -17.25 19.72
CA LEU A 191 5.38 -16.51 19.47
C LEU A 191 5.77 -15.81 20.76
N PHE A 192 7.05 -15.92 21.13
CA PHE A 192 7.56 -15.12 22.24
C PHE A 192 7.67 -13.68 21.77
N ALA A 193 6.64 -12.89 22.00
CA ALA A 193 6.58 -11.50 21.57
C ALA A 193 6.08 -10.64 22.71
N VAL A 194 6.72 -9.49 22.93
CA VAL A 194 6.45 -8.64 24.07
C VAL A 194 6.27 -7.20 23.61
N ASN A 195 5.44 -6.45 24.35
CA ASN A 195 5.31 -5.01 24.18
C ASN A 195 6.08 -4.29 25.28
N GLY A 196 7.14 -3.59 24.90
CA GLY A 196 7.75 -2.63 25.80
C GLY A 196 6.96 -1.34 25.76
N ILE A 197 6.24 -1.02 26.84
CA ILE A 197 5.44 0.21 26.91
C ILE A 197 6.36 1.26 27.53
N LEU A 198 7.23 1.83 26.71
CA LEU A 198 8.26 2.72 27.22
C LEU A 198 7.75 4.16 27.25
N PHE A 199 8.02 4.83 28.36
CA PHE A 199 7.75 6.25 28.43
C PHE A 199 8.91 7.02 27.78
N ASN A 200 8.70 8.32 27.56
CA ASN A 200 9.66 9.14 26.81
C ASN A 200 11.08 8.92 27.30
N HIS A 201 12.02 8.74 26.37
CA HIS A 201 13.43 8.62 26.74
C HIS A 201 14.31 9.34 25.71
N GLU A 202 15.26 10.10 26.24
CA GLU A 202 16.05 11.06 25.50
C GLU A 202 17.53 10.73 25.66
N SER A 203 18.37 11.51 25.00
CA SER A 203 19.82 11.31 25.04
C SER A 203 20.47 12.39 24.19
N PRO A 204 21.81 12.47 24.17
CA PRO A 204 22.46 13.35 23.17
C PRO A 204 22.26 12.89 21.73
N ARG A 205 21.67 11.72 21.49
CA ARG A 205 21.40 11.21 20.16
C ARG A 205 19.93 11.36 19.76
N ARG A 206 19.13 11.99 20.62
CA ARG A 206 17.69 12.15 20.39
C ARG A 206 17.42 12.98 19.14
N GLY A 207 16.36 12.62 18.40
CA GLY A 207 15.96 13.41 17.24
C GLY A 207 15.87 14.90 17.55
N ALA A 208 16.35 15.74 16.63
CA ALA A 208 16.50 17.17 16.93
C ALA A 208 15.18 17.90 17.09
N ASN A 209 14.07 17.34 16.59
CA ASN A 209 12.78 18.04 16.68
C ASN A 209 11.84 17.44 17.72
N PHE A 210 12.33 16.55 18.56
CA PHE A 210 11.67 16.26 19.83
C PHE A 210 12.01 17.38 20.82
N VAL A 211 11.14 17.56 21.83
CA VAL A 211 11.15 18.83 22.55
C VAL A 211 12.44 18.99 23.37
N THR A 212 12.94 17.90 23.94
CA THR A 212 14.10 17.99 24.84
C THR A 212 15.37 18.35 24.06
N ARG A 213 15.62 17.62 22.97
CA ARG A 213 16.78 17.89 22.13
C ARG A 213 16.66 19.25 21.44
N LYS A 214 15.45 19.63 21.05
CA LYS A 214 15.25 20.96 20.50
C LYS A 214 15.71 22.03 21.50
N ILE A 215 15.35 21.86 22.77
CA ILE A 215 15.75 22.82 23.79
C ILE A 215 17.26 22.79 24.00
N SER A 216 17.83 21.59 24.15
CA SER A 216 19.26 21.55 24.46
C SER A 216 20.10 22.04 23.29
N ARG A 217 19.72 21.67 22.05
CA ARG A 217 20.36 22.27 20.88
C ARG A 217 20.29 23.79 20.92
N SER A 218 19.10 24.33 21.22
CA SER A 218 18.91 25.77 21.10
C SER A 218 19.63 26.51 22.22
N VAL A 219 19.56 25.97 23.44
CA VAL A 219 20.30 26.55 24.55
C VAL A 219 21.80 26.50 24.28
N ALA A 220 22.28 25.42 23.65
CA ALA A 220 23.71 25.32 23.35
C ALA A 220 24.12 26.38 22.34
N LYS A 221 23.31 26.58 21.31
CA LYS A 221 23.60 27.62 20.34
C LYS A 221 23.59 28.99 20.99
N ILE A 222 22.62 29.26 21.86
CA ILE A 222 22.57 30.55 22.54
C ILE A 222 23.81 30.77 23.40
N TYR A 223 24.25 29.71 24.10
CA TYR A 223 25.45 29.82 24.92
C TYR A 223 26.66 30.19 24.07
N LEU A 224 26.75 29.67 22.85
CA LEU A 224 27.87 29.92 21.98
C LEU A 224 27.67 31.13 21.09
N GLY A 225 26.63 31.92 21.36
CA GLY A 225 26.37 33.09 20.55
C GLY A 225 26.15 32.78 19.09
N GLN A 226 25.53 31.64 18.81
CA GLN A 226 25.18 31.22 17.46
C GLN A 226 23.69 31.37 17.17
N LEU A 227 22.90 31.68 18.19
CA LEU A 227 21.45 31.80 18.07
C LEU A 227 20.97 32.77 19.16
N GLU A 228 19.91 33.52 18.86
CA GLU A 228 19.35 34.43 19.87
C GLU A 228 18.04 33.93 20.48
N CYS A 229 17.17 33.32 19.68
CA CYS A 229 15.80 33.04 20.10
C CYS A 229 15.33 31.74 19.44
N PHE A 230 14.40 31.04 20.09
CA PHE A 230 13.73 29.93 19.43
C PHE A 230 12.30 29.83 19.92
N SER A 231 11.46 29.23 19.10
CA SER A 231 10.05 29.10 19.44
C SER A 231 9.72 27.66 19.78
N LEU A 232 8.79 27.51 20.74
CA LEU A 232 8.26 26.22 21.17
C LEU A 232 6.74 26.22 21.00
N GLY A 233 6.14 25.07 21.31
CA GLY A 233 4.71 24.93 21.34
C GLY A 233 4.17 24.99 22.76
N ASN A 234 3.52 23.91 23.20
CA ASN A 234 2.81 23.87 24.47
C ASN A 234 3.82 23.76 25.61
N LEU A 235 4.07 24.88 26.29
CA LEU A 235 5.07 24.90 27.37
C LEU A 235 4.64 24.10 28.59
N ASP A 236 3.37 23.78 28.75
CA ASP A 236 2.93 23.20 30.01
C ASP A 236 2.64 21.71 29.91
N ALA A 237 2.99 21.08 28.79
CA ALA A 237 2.94 19.62 28.71
C ALA A 237 3.89 19.01 29.74
N LYS A 238 3.45 17.92 30.34
CA LYS A 238 4.18 17.25 31.41
C LYS A 238 4.55 15.84 30.97
N ARG A 239 5.79 15.43 31.24
CA ARG A 239 6.31 14.17 30.72
C ARG A 239 7.17 13.44 31.75
N ASP A 240 7.20 12.12 31.62
CA ASP A 240 8.12 11.24 32.32
C ASP A 240 9.29 10.98 31.37
N TRP A 241 10.46 11.57 31.66
CA TRP A 241 11.63 11.51 30.78
C TRP A 241 12.75 10.70 31.43
N GLY A 242 13.18 9.64 30.76
CA GLY A 242 14.38 8.92 31.16
C GLY A 242 15.44 8.96 30.08
N HIS A 243 16.49 8.17 30.24
CA HIS A 243 17.61 8.16 29.30
C HIS A 243 17.55 6.91 28.44
N ALA A 244 17.61 7.11 27.11
CA ALA A 244 17.49 5.98 26.18
C ALA A 244 18.49 4.88 26.49
N LYS A 245 19.67 5.24 26.99
CA LYS A 245 20.68 4.20 27.20
C LYS A 245 20.26 3.23 28.30
N ASP A 246 19.57 3.72 29.34
CA ASP A 246 19.00 2.84 30.35
C ASP A 246 17.87 1.99 29.76
N TYR A 247 17.07 2.59 28.87
CA TYR A 247 15.84 1.93 28.44
C TYR A 247 16.10 0.78 27.47
N VAL A 248 17.19 0.81 26.70
CA VAL A 248 17.42 -0.30 25.79
C VAL A 248 17.77 -1.55 26.56
N GLU A 249 18.38 -1.41 27.75
CA GLU A 249 18.64 -2.56 28.58
C GLU A 249 17.35 -3.26 28.97
N ALA A 250 16.29 -2.49 29.22
CA ALA A 250 15.00 -3.09 29.57
C ALA A 250 14.43 -3.89 28.42
N MET A 251 14.65 -3.44 27.18
CA MET A 251 14.21 -4.21 26.01
C MET A 251 14.83 -5.59 26.02
N TRP A 252 16.15 -5.64 26.22
CA TRP A 252 16.84 -6.92 26.26
C TRP A 252 16.34 -7.77 27.43
N LEU A 253 16.13 -7.16 28.60
CA LEU A 253 15.65 -7.92 29.75
C LEU A 253 14.29 -8.54 29.50
N MET A 254 13.42 -7.85 28.76
CA MET A 254 12.09 -8.39 28.46
C MET A 254 12.17 -9.66 27.62
N LEU A 255 13.19 -9.77 26.78
CA LEU A 255 13.39 -11.00 26.00
C LEU A 255 14.17 -12.05 26.76
N GLN A 256 14.80 -11.68 27.88
CA GLN A 256 15.40 -12.67 28.76
C GLN A 256 14.40 -13.28 29.71
N ASN A 257 13.24 -12.63 29.89
CA ASN A 257 12.19 -13.14 30.78
C ASN A 257 11.79 -14.57 30.37
N ASP A 258 11.40 -15.36 31.36
CA ASP A 258 11.04 -16.75 31.09
C ASP A 258 9.78 -16.85 30.23
N GLU A 259 8.80 -15.99 30.49
CA GLU A 259 7.55 -15.90 29.76
C GLU A 259 7.43 -14.56 29.07
N PRO A 260 6.81 -14.49 27.89
CA PRO A 260 6.63 -13.20 27.21
C PRO A 260 5.56 -12.37 27.87
N GLU A 261 5.95 -11.21 28.39
CA GLU A 261 5.00 -10.33 29.08
C GLU A 261 5.24 -8.91 28.61
N ASP A 262 4.20 -8.09 28.73
CA ASP A 262 4.27 -6.67 28.42
C ASP A 262 4.60 -5.89 29.69
N PHE A 263 5.42 -4.83 29.55
CA PHE A 263 5.93 -4.08 30.69
C PHE A 263 5.96 -2.58 30.40
N VAL A 264 5.50 -1.80 31.38
CA VAL A 264 5.77 -0.36 31.42
C VAL A 264 7.21 -0.13 31.86
N ILE A 265 7.90 0.82 31.21
CA ILE A 265 9.24 1.25 31.55
C ILE A 265 9.23 2.76 31.63
N ALA A 266 9.63 3.32 32.76
CA ALA A 266 9.44 4.74 33.02
C ALA A 266 10.27 5.10 34.24
N THR A 267 10.32 6.39 34.56
CA THR A 267 10.96 6.84 35.79
C THR A 267 9.98 7.10 36.91
N GLY A 268 8.69 7.28 36.61
CA GLY A 268 7.74 7.68 37.62
C GLY A 268 7.81 9.13 38.03
N GLU A 269 8.71 9.92 37.47
CA GLU A 269 8.87 11.32 37.82
C GLU A 269 8.39 12.21 36.68
N VAL A 270 7.65 13.28 37.02
CA VAL A 270 7.01 14.14 36.04
C VAL A 270 7.67 15.51 36.04
N HIS A 271 7.91 16.05 34.85
CA HIS A 271 8.39 17.43 34.70
C HIS A 271 7.76 18.03 33.46
N SER A 272 7.69 19.36 33.45
CA SER A 272 7.07 20.08 32.33
C SER A 272 8.13 20.44 31.29
N VAL A 273 7.64 20.71 30.07
CA VAL A 273 8.52 21.31 29.07
C VAL A 273 9.11 22.60 29.59
N ARG A 274 8.28 23.43 30.23
CA ARG A 274 8.74 24.68 30.83
C ARG A 274 9.90 24.45 31.79
N GLU A 275 9.82 23.40 32.60
CA GLU A 275 10.92 23.08 33.51
C GLU A 275 12.17 22.68 32.74
N PHE A 276 12.00 21.89 31.67
CA PHE A 276 13.16 21.54 30.86
C PHE A 276 13.84 22.80 30.34
N VAL A 277 13.06 23.76 29.83
CA VAL A 277 13.62 25.04 29.40
C VAL A 277 14.39 25.69 30.54
N GLU A 278 13.72 25.88 31.67
CA GLU A 278 14.33 26.59 32.80
C GLU A 278 15.61 25.90 33.25
N LYS A 279 15.57 24.58 33.43
CA LYS A 279 16.76 23.87 33.90
C LYS A 279 17.88 23.92 32.84
N SER A 280 17.53 23.82 31.55
CA SER A 280 18.55 23.87 30.51
C SER A 280 19.27 25.21 30.52
N PHE A 281 18.51 26.30 30.59
CA PHE A 281 19.15 27.63 30.59
C PHE A 281 19.99 27.83 31.82
N LEU A 282 19.55 27.31 32.98
CA LEU A 282 20.36 27.41 34.20
C LEU A 282 21.76 26.85 33.98
N HIS A 283 21.88 25.81 33.14
CA HIS A 283 23.18 25.20 32.90
C HIS A 283 24.10 26.07 32.07
N ILE A 284 23.58 27.09 31.39
CA ILE A 284 24.43 28.05 30.70
C ILE A 284 24.42 29.39 31.42
N GLY A 285 23.95 29.40 32.68
CA GLY A 285 24.06 30.58 33.51
C GLY A 285 22.96 31.61 33.34
N LYS A 286 21.81 31.22 32.80
CA LYS A 286 20.72 32.15 32.56
C LYS A 286 19.47 31.71 33.30
N THR A 287 18.80 32.65 33.94
CA THR A 287 17.51 32.41 34.60
C THR A 287 16.39 32.89 33.71
N ILE A 288 15.53 31.97 33.25
CA ILE A 288 14.38 32.34 32.43
C ILE A 288 13.22 32.78 33.33
N VAL A 289 12.69 33.97 33.03
CA VAL A 289 11.45 34.46 33.61
C VAL A 289 10.44 34.65 32.48
N TRP A 290 9.21 34.26 32.73
CA TRP A 290 8.18 34.22 31.70
C TRP A 290 7.24 35.42 31.85
N GLU A 291 6.71 35.88 30.72
CA GLU A 291 5.71 36.95 30.69
C GLU A 291 4.72 36.67 29.57
N GLY A 292 3.45 37.01 29.81
CA GLY A 292 2.41 36.79 28.82
C GLY A 292 1.81 35.40 28.89
N LYS A 293 0.79 35.20 28.05
CA LYS A 293 -0.04 33.99 28.08
C LYS A 293 -0.15 33.38 26.68
N ASN A 294 -0.32 32.06 26.66
CA ASN A 294 -0.72 31.33 25.45
C ASN A 294 0.35 31.58 24.39
N GLU A 295 -0.01 31.89 23.15
CA GLU A 295 0.97 32.06 22.10
C GLU A 295 1.72 33.38 22.22
N ASN A 296 1.35 34.25 23.14
CA ASN A 296 2.10 35.48 23.38
C ASN A 296 3.09 35.38 24.54
N GLU A 297 3.26 34.20 25.13
CA GLU A 297 4.20 34.03 26.22
C GLU A 297 5.62 34.02 25.69
N VAL A 298 6.52 34.73 26.38
CA VAL A 298 7.92 34.73 26.01
C VAL A 298 8.76 34.42 27.24
N GLY A 299 9.94 33.87 27.00
CA GLY A 299 10.87 33.56 28.06
C GLY A 299 12.06 34.48 27.96
N ARG A 300 12.29 35.27 29.01
CA ARG A 300 13.32 36.30 29.03
C ARG A 300 14.43 35.92 30.02
N CYS A 301 15.69 36.13 29.62
CA CYS A 301 16.80 35.96 30.55
C CYS A 301 16.71 37.05 31.62
N LYS A 302 16.60 36.66 32.88
CA LYS A 302 16.46 37.68 33.93
C LYS A 302 17.72 38.53 34.03
N GLU A 303 18.89 37.91 33.89
CA GLU A 303 20.14 38.65 34.13
C GLU A 303 20.39 39.70 33.06
N THR A 304 19.99 39.43 31.81
CA THR A 304 20.24 40.33 30.69
C THR A 304 19.02 41.06 30.18
N GLY A 305 17.81 40.53 30.43
CA GLY A 305 16.61 41.08 29.85
C GLY A 305 16.32 40.65 28.40
N LYS A 306 17.15 39.79 27.82
CA LYS A 306 16.95 39.38 26.43
C LYS A 306 15.94 38.25 26.33
N VAL A 307 15.06 38.34 25.33
CA VAL A 307 14.10 37.27 25.04
C VAL A 307 14.83 36.13 24.32
N HIS A 308 14.70 34.92 24.85
CA HIS A 308 15.26 33.74 24.19
C HIS A 308 14.23 32.71 23.76
N VAL A 309 13.00 32.75 24.27
CA VAL A 309 12.00 31.72 23.97
C VAL A 309 10.68 32.40 23.64
N THR A 310 10.07 31.98 22.53
CA THR A 310 8.72 32.39 22.19
C THR A 310 7.86 31.16 21.93
N VAL A 311 6.57 31.39 21.72
CA VAL A 311 5.60 30.33 21.46
C VAL A 311 5.00 30.54 20.07
N ASP A 312 4.88 29.45 19.32
CA ASP A 312 4.28 29.44 18.00
C ASP A 312 3.28 28.30 17.96
N LEU A 313 2.01 28.63 17.68
CA LEU A 313 0.96 27.62 17.65
C LEU A 313 1.23 26.50 16.65
N LYS A 314 2.11 26.72 15.68
CA LYS A 314 2.39 25.67 14.70
C LYS A 314 3.01 24.44 15.34
N TYR A 315 3.59 24.56 16.53
CA TYR A 315 4.14 23.39 17.21
C TYR A 315 3.14 22.71 18.14
N TYR A 316 1.96 23.32 18.35
CA TYR A 316 0.90 22.64 19.08
C TYR A 316 0.42 21.42 18.28
N ARG A 317 -0.22 20.48 19.00
CA ARG A 317 -0.90 19.35 18.36
C ARG A 317 -2.41 19.50 18.55
N PRO A 318 -3.23 19.14 17.56
CA PRO A 318 -4.69 19.36 17.71
C PRO A 318 -5.31 18.57 18.86
N THR A 319 -4.77 17.40 19.20
CA THR A 319 -5.20 16.63 20.36
C THR A 319 -3.97 16.38 21.21
N GLU A 320 -3.70 17.27 22.16
CA GLU A 320 -2.51 17.19 23.00
C GLU A 320 -2.60 16.01 23.97
N VAL A 321 -1.43 15.49 24.32
CA VAL A 321 -1.26 14.53 25.40
C VAL A 321 -0.68 15.33 26.57
N ASP A 322 -1.55 15.69 27.54
CA ASP A 322 -1.17 16.72 28.51
C ASP A 322 -0.19 16.22 29.56
N PHE A 323 -0.26 14.94 29.93
CA PHE A 323 0.38 14.48 31.16
C PHE A 323 0.71 13.00 31.03
N LEU A 324 1.95 12.62 31.31
CA LEU A 324 2.34 11.22 31.35
C LEU A 324 3.19 10.97 32.57
N GLN A 325 2.90 9.87 33.29
CA GLN A 325 3.70 9.46 34.44
C GLN A 325 3.58 7.95 34.56
N GLY A 326 4.70 7.24 34.37
CA GLY A 326 4.67 5.80 34.30
C GLY A 326 4.93 5.14 35.64
N ASP A 327 4.26 4.02 35.86
CA ASP A 327 4.45 3.20 37.04
C ASP A 327 5.05 1.89 36.56
N CYS A 328 6.36 1.71 36.73
CA CYS A 328 7.03 0.49 36.27
C CYS A 328 7.24 -0.51 37.40
N THR A 329 6.31 -0.58 38.34
CA THR A 329 6.43 -1.52 39.44
C THR A 329 6.60 -2.95 38.93
N LYS A 330 5.83 -3.34 37.90
CA LYS A 330 5.90 -4.73 37.43
C LYS A 330 7.29 -5.07 36.92
N ALA A 331 7.89 -4.16 36.15
CA ALA A 331 9.23 -4.40 35.60
C ALA A 331 10.30 -4.41 36.69
N LYS A 332 10.16 -3.53 37.68
CA LYS A 332 11.13 -3.53 38.77
C LYS A 332 11.10 -4.87 39.50
N GLN A 333 9.91 -5.44 39.70
CA GLN A 333 9.78 -6.69 40.42
C GLN A 333 10.20 -7.90 39.60
N LYS A 334 9.83 -7.96 38.32
CA LYS A 334 10.08 -9.14 37.50
C LYS A 334 11.37 -9.04 36.69
N LEU A 335 11.75 -7.86 36.22
CA LEU A 335 12.95 -7.71 35.41
C LEU A 335 14.13 -7.20 36.20
N ASN A 336 13.91 -6.70 37.43
CA ASN A 336 14.95 -6.03 38.21
C ASN A 336 15.50 -4.81 37.48
N TRP A 337 14.70 -4.21 36.60
CA TRP A 337 15.15 -3.01 35.92
C TRP A 337 14.91 -1.80 36.80
N LYS A 338 15.85 -0.85 36.77
CA LYS A 338 15.67 0.41 37.45
C LYS A 338 16.39 1.48 36.66
N PRO A 339 15.79 2.65 36.49
CA PRO A 339 16.48 3.73 35.76
C PRO A 339 17.68 4.24 36.53
N ARG A 340 18.74 4.58 35.79
CA ARG A 340 19.95 5.14 36.39
C ARG A 340 20.07 6.65 36.22
N VAL A 341 19.64 7.20 35.08
CA VAL A 341 19.74 8.63 34.82
C VAL A 341 18.43 9.30 35.21
N ALA A 342 18.52 10.32 36.04
CA ALA A 342 17.36 11.09 36.48
C ALA A 342 17.30 12.42 35.74
N PHE A 343 16.17 13.13 35.91
CA PHE A 343 15.83 14.28 35.07
C PHE A 343 16.93 15.35 35.10
N ASP A 344 17.42 15.72 36.28
CA ASP A 344 18.43 16.78 36.35
C ASP A 344 19.70 16.38 35.60
N GLU A 345 20.15 15.13 35.78
CA GLU A 345 21.32 14.66 35.06
C GLU A 345 21.07 14.62 33.55
N LEU A 346 19.85 14.25 33.14
CA LEU A 346 19.55 14.19 31.70
C LEU A 346 19.68 15.56 31.06
N VAL A 347 19.11 16.59 31.72
CA VAL A 347 19.16 17.95 31.18
C VAL A 347 20.61 18.41 31.04
N ARG A 348 21.40 18.25 32.11
CA ARG A 348 22.80 18.68 32.09
C ARG A 348 23.60 17.90 31.06
N GLU A 349 23.34 16.59 30.94
CA GLU A 349 24.05 15.79 29.96
C GLU A 349 23.76 16.26 28.54
N MET A 350 22.49 16.58 28.26
CA MET A 350 22.11 16.93 26.90
C MET A 350 22.59 18.32 26.52
N VAL A 351 22.50 19.28 27.44
CA VAL A 351 23.03 20.62 27.16
C VAL A 351 24.54 20.56 26.94
N HIS A 352 25.26 19.85 27.82
CA HIS A 352 26.70 19.76 27.68
C HIS A 352 27.10 19.12 26.35
N ALA A 353 26.45 18.00 25.99
CA ALA A 353 26.77 17.35 24.72
C ALA A 353 26.55 18.28 23.55
N ASP A 354 25.44 19.03 23.56
CA ASP A 354 25.14 19.89 22.43
C ASP A 354 26.05 21.13 22.40
N VAL A 355 26.53 21.58 23.56
CA VAL A 355 27.54 22.64 23.54
C VAL A 355 28.80 22.15 22.83
N GLU A 356 29.26 20.95 23.19
CA GLU A 356 30.43 20.40 22.52
C GLU A 356 30.18 20.19 21.03
N LEU A 357 28.96 19.78 20.67
CA LEU A 357 28.62 19.57 19.26
C LEU A 357 28.60 20.88 18.49
N MET A 358 27.90 21.89 19.02
CA MET A 358 27.79 23.17 18.33
C MET A 358 29.11 23.94 18.28
N ARG A 359 30.03 23.70 19.22
CA ARG A 359 31.35 24.30 19.09
C ARG A 359 32.02 23.88 17.79
N THR A 360 31.79 22.63 17.36
CA THR A 360 32.46 22.14 16.17
C THR A 360 31.78 22.63 14.90
N ASN A 361 30.52 23.05 14.96
CA ASN A 361 29.79 23.36 13.74
C ASN A 361 28.59 24.26 14.04
N PRO A 362 28.67 25.54 13.68
CA PRO A 362 27.52 26.45 13.92
C PRO A 362 26.27 26.08 13.14
N ASN A 363 26.38 25.30 12.08
CA ASN A 363 25.23 24.90 11.27
C ASN A 363 24.69 23.53 11.64
N ALA A 364 25.24 22.91 12.67
CA ALA A 364 24.80 21.61 13.14
C ALA A 364 23.35 21.65 13.66
N GLY B 14 5.21 36.34 -14.02
CA GLY B 14 4.15 36.11 -13.05
C GLY B 14 4.63 35.29 -11.87
N ARG B 15 3.73 34.51 -11.28
CA ARG B 15 4.10 33.62 -10.19
C ARG B 15 5.10 32.56 -10.67
N ASN B 16 6.17 32.36 -9.91
CA ASN B 16 7.10 31.26 -10.16
C ASN B 16 7.28 30.52 -8.85
N VAL B 17 6.48 29.48 -8.63
CA VAL B 17 6.49 28.70 -7.39
C VAL B 17 6.76 27.25 -7.76
N ALA B 18 7.94 26.74 -7.41
CA ALA B 18 8.31 25.36 -7.74
C ALA B 18 8.09 24.44 -6.56
N LEU B 19 7.60 23.23 -6.83
CA LEU B 19 7.57 22.19 -5.83
C LEU B 19 8.47 21.06 -6.32
N ILE B 20 9.46 20.70 -5.51
CA ILE B 20 10.43 19.67 -5.85
C ILE B 20 10.23 18.50 -4.90
N THR B 21 9.78 17.37 -5.41
CA THR B 21 9.96 16.15 -4.65
C THR B 21 11.40 15.70 -4.86
N GLY B 22 11.96 15.04 -3.85
CA GLY B 22 13.34 14.65 -3.92
C GLY B 22 14.31 15.81 -3.79
N ILE B 23 13.92 16.85 -3.06
CA ILE B 23 14.75 18.03 -2.98
C ILE B 23 16.03 17.77 -2.19
N THR B 24 16.05 16.77 -1.30
CA THR B 24 17.26 16.48 -0.55
C THR B 24 18.32 15.73 -1.38
N GLY B 25 17.94 15.19 -2.53
CA GLY B 25 18.87 14.42 -3.35
C GLY B 25 19.84 15.28 -4.15
N GLN B 26 20.73 14.60 -4.89
CA GLN B 26 21.71 15.30 -5.70
C GLN B 26 21.06 16.36 -6.57
N ASP B 27 20.14 15.92 -7.45
CA ASP B 27 19.54 16.82 -8.42
C ASP B 27 18.71 17.90 -7.74
N GLY B 28 17.88 17.51 -6.77
CA GLY B 28 17.07 18.49 -6.07
C GLY B 28 17.90 19.64 -5.50
N SER B 29 19.09 19.33 -4.97
CA SER B 29 19.90 20.39 -4.38
C SER B 29 20.40 21.37 -5.44
N TYR B 30 20.85 20.85 -6.60
CA TYR B 30 21.27 21.76 -7.68
C TYR B 30 20.08 22.51 -8.28
N LEU B 31 18.96 21.81 -8.49
CA LEU B 31 17.78 22.46 -9.05
C LEU B 31 17.28 23.58 -8.14
N ALA B 32 17.25 23.34 -6.83
CA ALA B 32 16.83 24.38 -5.90
C ALA B 32 17.70 25.63 -6.07
N GLU B 33 19.02 25.46 -6.12
CA GLU B 33 19.90 26.61 -6.34
C GLU B 33 19.58 27.29 -7.66
N PHE B 34 19.37 26.51 -8.72
CA PHE B 34 19.11 27.05 -10.05
C PHE B 34 17.83 27.88 -10.07
N LEU B 35 16.76 27.37 -9.46
CA LEU B 35 15.49 28.10 -9.46
C LEU B 35 15.54 29.30 -8.52
N LEU B 36 16.20 29.16 -7.37
CA LEU B 36 16.34 30.31 -6.47
C LEU B 36 17.05 31.45 -7.18
N GLU B 37 18.08 31.16 -7.97
CA GLU B 37 18.79 32.21 -8.69
C GLU B 37 17.86 32.97 -9.63
N LYS B 38 16.82 32.32 -10.14
CA LYS B 38 15.87 32.97 -11.04
C LYS B 38 14.71 33.62 -10.29
N GLY B 39 14.83 33.78 -8.98
CA GLY B 39 13.78 34.42 -8.21
C GLY B 39 12.59 33.56 -7.88
N TYR B 40 12.67 32.25 -8.08
CA TYR B 40 11.56 31.37 -7.74
C TYR B 40 11.40 31.26 -6.23
N GLU B 41 10.17 31.10 -5.77
CA GLU B 41 9.95 30.53 -4.46
C GLU B 41 9.97 29.01 -4.62
N VAL B 42 10.82 28.33 -3.85
CA VAL B 42 11.08 26.91 -4.06
C VAL B 42 10.60 26.14 -2.84
N HIS B 43 9.62 25.26 -3.05
CA HIS B 43 9.16 24.35 -2.00
C HIS B 43 9.68 22.96 -2.28
N GLY B 44 9.98 22.22 -1.21
CA GLY B 44 10.45 20.86 -1.33
C GLY B 44 9.72 19.94 -0.37
N ILE B 45 9.59 18.68 -0.78
CA ILE B 45 9.05 17.65 0.09
C ILE B 45 10.21 16.83 0.62
N VAL B 46 10.29 16.72 1.95
CA VAL B 46 11.38 16.02 2.61
C VAL B 46 10.78 14.89 3.42
N ARG B 47 11.45 13.74 3.40
CA ARG B 47 11.01 12.61 4.21
C ARG B 47 11.30 12.90 5.68
N ARG B 48 10.41 12.41 6.55
CA ARG B 48 10.77 12.31 7.97
C ARG B 48 11.88 11.29 8.11
N SER B 49 12.95 11.68 8.81
CA SER B 49 14.07 10.82 9.06
C SER B 49 14.47 10.97 10.51
N SER B 50 15.07 9.92 11.08
CA SER B 50 15.47 9.97 12.49
C SER B 50 16.64 10.92 12.71
N SER B 51 17.45 11.16 11.69
CA SER B 51 18.45 12.23 11.67
C SER B 51 18.10 13.18 10.53
N PHE B 52 18.75 14.32 10.46
CA PHE B 52 18.37 15.21 9.38
C PHE B 52 18.96 14.72 8.07
N ASN B 53 18.21 14.94 6.98
CA ASN B 53 18.60 14.45 5.66
C ASN B 53 18.77 15.60 4.69
N THR B 54 18.90 16.82 5.19
CA THR B 54 18.91 18.03 4.39
C THR B 54 20.31 18.58 4.19
N GLY B 55 21.34 17.75 4.39
CA GLY B 55 22.72 18.25 4.31
C GLY B 55 23.07 18.94 3.02
N ARG B 56 22.51 18.49 1.90
CA ARG B 56 22.82 19.11 0.60
C ARG B 56 22.21 20.48 0.44
N ILE B 57 21.18 20.83 1.20
CA ILE B 57 20.44 22.07 1.00
C ILE B 57 20.40 22.95 2.25
N GLU B 58 21.09 22.57 3.33
CA GLU B 58 21.10 23.36 4.55
C GLU B 58 21.63 24.77 4.32
N HIS B 59 22.54 24.94 3.35
CA HIS B 59 23.06 26.27 3.02
C HIS B 59 22.01 27.17 2.39
N LEU B 60 20.83 26.67 2.05
CA LEU B 60 19.79 27.47 1.42
C LEU B 60 18.73 27.95 2.40
N TYR B 61 18.86 27.56 3.67
CA TYR B 61 18.13 28.28 4.71
C TYR B 61 18.52 29.74 4.70
N LYS B 62 17.57 30.61 5.03
CA LYS B 62 17.90 32.02 5.18
C LYS B 62 18.92 32.22 6.29
N ASN B 63 18.80 31.45 7.38
CA ASN B 63 19.77 31.44 8.47
C ASN B 63 20.20 30.00 8.68
N PRO B 64 21.39 29.61 8.19
CA PRO B 64 21.82 28.21 8.34
C PRO B 64 22.11 27.79 9.76
N GLN B 65 22.39 28.73 10.67
CA GLN B 65 22.69 28.34 12.03
C GLN B 65 21.43 27.99 12.81
N ALA B 66 20.32 28.65 12.49
CA ALA B 66 19.04 28.44 13.13
C ALA B 66 18.09 27.58 12.31
N HIS B 67 18.44 27.34 11.04
CA HIS B 67 17.59 26.57 10.12
C HIS B 67 16.24 27.23 9.94
N ILE B 68 16.28 28.55 9.73
CA ILE B 68 15.11 29.36 9.44
C ILE B 68 15.06 29.57 7.94
N GLU B 69 13.88 29.39 7.36
CA GLU B 69 13.71 29.40 5.91
C GLU B 69 13.52 30.81 5.36
N GLY B 70 14.06 31.03 4.17
CA GLY B 70 13.68 32.19 3.37
C GLY B 70 12.85 31.73 2.18
N ASN B 71 13.44 31.76 0.99
CA ASN B 71 12.68 31.44 -0.22
C ASN B 71 12.65 29.96 -0.58
N MET B 72 13.39 29.11 0.15
CA MET B 72 13.26 27.66 0.05
C MET B 72 12.54 27.16 1.30
N LYS B 73 11.39 26.52 1.11
CA LYS B 73 10.49 26.13 2.19
C LYS B 73 10.24 24.64 2.11
N LEU B 74 10.44 23.94 3.21
CA LEU B 74 10.37 22.48 3.19
C LEU B 74 9.11 21.98 3.87
N HIS B 75 8.65 20.82 3.43
CA HIS B 75 7.41 20.23 3.90
C HIS B 75 7.64 18.74 4.11
N TYR B 76 7.30 18.22 5.29
CA TYR B 76 7.43 16.79 5.51
C TYR B 76 6.40 16.03 4.66
N GLY B 77 6.84 14.95 4.04
CA GLY B 77 5.90 14.20 3.21
C GLY B 77 6.54 12.95 2.67
N ASP B 78 5.75 12.22 1.89
CA ASP B 78 6.23 10.99 1.28
C ASP B 78 5.37 10.67 0.07
N LEU B 79 6.03 10.19 -1.00
CA LEU B 79 5.32 9.85 -2.23
C LEU B 79 4.40 8.64 -2.08
N THR B 80 4.44 7.93 -0.95
CA THR B 80 3.47 6.87 -0.73
C THR B 80 2.26 7.32 0.10
N ASP B 81 2.18 8.60 0.47
CA ASP B 81 1.07 9.09 1.29
C ASP B 81 0.25 10.06 0.45
N SER B 82 -0.87 9.56 -0.11
CA SER B 82 -1.68 10.36 -1.03
C SER B 82 -2.20 11.62 -0.36
N THR B 83 -2.77 11.47 0.83
CA THR B 83 -3.35 12.62 1.52
C THR B 83 -2.29 13.69 1.77
N CYS B 84 -1.08 13.28 2.17
CA CYS B 84 -0.05 14.28 2.44
CA CYS B 84 -0.04 14.27 2.43
C CYS B 84 0.33 15.03 1.16
N LEU B 85 0.37 14.34 0.02
CA LEU B 85 0.70 15.02 -1.22
C LEU B 85 -0.37 16.05 -1.58
N VAL B 86 -1.65 15.72 -1.40
CA VAL B 86 -2.71 16.68 -1.72
C VAL B 86 -2.61 17.91 -0.83
N LYS B 87 -2.38 17.70 0.46
CA LYS B 87 -2.29 18.83 1.38
C LYS B 87 -1.15 19.76 0.98
N ILE B 88 0.00 19.18 0.63
CA ILE B 88 1.15 20.01 0.28
C ILE B 88 0.88 20.78 -1.01
N ILE B 89 0.35 20.08 -2.03
CA ILE B 89 0.10 20.76 -3.30
C ILE B 89 -0.98 21.81 -3.14
N ASN B 90 -2.01 21.52 -2.35
CA ASN B 90 -3.06 22.51 -2.15
C ASN B 90 -2.56 23.74 -1.39
N GLU B 91 -1.62 23.55 -0.46
CA GLU B 91 -1.05 24.67 0.26
C GLU B 91 -0.11 25.48 -0.62
N VAL B 92 0.74 24.79 -1.39
CA VAL B 92 1.80 25.47 -2.13
C VAL B 92 1.27 26.05 -3.44
N LYS B 93 0.34 25.35 -4.09
CA LYS B 93 -0.18 25.72 -5.40
C LYS B 93 0.96 26.04 -6.37
N PRO B 94 1.86 25.09 -6.61
CA PRO B 94 3.04 25.39 -7.43
C PRO B 94 2.64 25.67 -8.87
N THR B 95 3.45 26.48 -9.53
CA THR B 95 3.32 26.63 -10.97
C THR B 95 4.14 25.58 -11.72
N GLU B 96 5.16 25.01 -11.07
CA GLU B 96 6.02 24.01 -11.67
C GLU B 96 6.29 22.92 -10.62
N ILE B 97 6.14 21.66 -11.03
CA ILE B 97 6.40 20.53 -10.15
C ILE B 97 7.49 19.68 -10.79
N TYR B 98 8.52 19.36 -10.01
CA TYR B 98 9.60 18.49 -10.45
C TYR B 98 9.56 17.23 -9.60
N ASN B 99 9.12 16.12 -10.19
CA ASN B 99 9.06 14.87 -9.43
C ASN B 99 10.41 14.18 -9.53
N LEU B 100 11.31 14.54 -8.63
CA LEU B 100 12.63 13.90 -8.58
C LEU B 100 12.72 12.85 -7.48
N GLY B 101 11.71 12.76 -6.62
CA GLY B 101 11.76 11.85 -5.49
C GLY B 101 11.67 10.40 -5.97
N ALA B 102 12.57 9.56 -5.46
CA ALA B 102 12.65 8.17 -5.89
C ALA B 102 13.68 7.42 -5.04
N GLN B 103 13.44 6.13 -4.87
CA GLN B 103 14.50 5.16 -4.62
C GLN B 103 15.25 5.03 -5.94
N SER B 104 16.43 5.64 -6.06
CA SER B 104 17.05 5.83 -7.35
C SER B 104 18.19 4.85 -7.64
N HIS B 105 18.46 3.92 -6.74
CA HIS B 105 19.60 3.04 -6.89
C HIS B 105 19.19 1.73 -7.56
N VAL B 106 19.88 1.40 -8.64
CA VAL B 106 19.50 0.23 -9.43
C VAL B 106 19.80 -1.06 -8.69
N LYS B 107 21.02 -1.20 -8.16
CA LYS B 107 21.37 -2.43 -7.47
C LYS B 107 20.45 -2.66 -6.28
N ILE B 108 20.14 -1.61 -5.52
CA ILE B 108 19.30 -1.80 -4.35
C ILE B 108 17.87 -2.15 -4.75
N SER B 109 17.42 -1.70 -5.93
CA SER B 109 16.05 -2.01 -6.36
C SER B 109 15.80 -3.51 -6.49
N PHE B 110 16.83 -4.33 -6.68
CA PHE B 110 16.61 -5.77 -6.80
C PHE B 110 16.22 -6.41 -5.47
N ASP B 111 16.65 -5.85 -4.35
CA ASP B 111 16.25 -6.34 -3.03
C ASP B 111 15.09 -5.55 -2.45
N LEU B 112 14.70 -4.47 -3.09
CA LEU B 112 13.67 -3.57 -2.64
C LEU B 112 12.70 -3.30 -3.77
N ALA B 113 12.28 -4.37 -4.45
CA ALA B 113 11.54 -4.21 -5.69
C ALA B 113 10.17 -3.59 -5.45
N GLU B 114 9.47 -4.04 -4.40
CA GLU B 114 8.11 -3.54 -4.16
C GLU B 114 8.14 -2.11 -3.66
N TYR B 115 9.03 -1.80 -2.72
CA TYR B 115 9.14 -0.40 -2.28
C TYR B 115 9.49 0.48 -3.48
N THR B 116 10.41 0.03 -4.34
CA THR B 116 10.80 0.82 -5.49
C THR B 116 9.62 1.03 -6.43
N ALA B 117 8.78 0.00 -6.60
CA ALA B 117 7.58 0.14 -7.43
C ALA B 117 6.63 1.16 -6.80
N ASP B 118 6.42 1.05 -5.48
CA ASP B 118 5.43 1.92 -4.86
C ASP B 118 5.85 3.39 -4.90
N VAL B 119 7.15 3.66 -4.76
CA VAL B 119 7.62 5.05 -4.72
C VAL B 119 7.82 5.60 -6.12
N ASP B 120 8.54 4.85 -6.96
CA ASP B 120 8.97 5.37 -8.26
C ASP B 120 7.87 5.26 -9.31
N GLY B 121 7.04 4.23 -9.24
CA GLY B 121 5.95 4.05 -10.19
C GLY B 121 4.66 4.61 -9.63
N VAL B 122 4.10 3.94 -8.62
CA VAL B 122 2.80 4.37 -8.13
C VAL B 122 2.89 5.76 -7.51
N GLY B 123 4.03 6.09 -6.89
CA GLY B 123 4.20 7.43 -6.35
C GLY B 123 4.08 8.53 -7.39
N THR B 124 4.51 8.27 -8.63
CA THR B 124 4.28 9.26 -9.69
C THR B 124 2.79 9.43 -9.98
N LEU B 125 2.05 8.32 -10.06
CA LEU B 125 0.60 8.42 -10.19
C LEU B 125 -0.01 9.18 -9.02
N ARG B 126 0.46 8.92 -7.80
CA ARG B 126 -0.07 9.66 -6.64
C ARG B 126 0.11 11.16 -6.79
N LEU B 127 1.27 11.59 -7.30
CA LEU B 127 1.53 13.02 -7.41
C LEU B 127 0.69 13.64 -8.52
N LEU B 128 0.54 12.93 -9.65
CA LEU B 128 -0.32 13.41 -10.72
C LEU B 128 -1.77 13.51 -10.26
N ASP B 129 -2.27 12.48 -9.59
CA ASP B 129 -3.64 12.51 -9.08
C ASP B 129 -3.81 13.62 -8.06
N ALA B 130 -2.78 13.91 -7.26
CA ALA B 130 -2.87 15.00 -6.30
C ALA B 130 -3.05 16.33 -7.02
N VAL B 131 -2.26 16.56 -8.07
CA VAL B 131 -2.43 17.76 -8.91
C VAL B 131 -3.87 17.85 -9.39
N LYS B 132 -4.40 16.74 -9.89
CA LYS B 132 -5.77 16.73 -10.41
C LYS B 132 -6.79 16.97 -9.31
N THR B 133 -6.61 16.31 -8.15
CA THR B 133 -7.52 16.50 -7.04
C THR B 133 -7.56 17.96 -6.58
N CYS B 134 -6.41 18.63 -6.61
CA CYS B 134 -6.36 20.03 -6.21
C CYS B 134 -6.94 20.97 -7.26
N GLY B 135 -7.42 20.47 -8.39
CA GLY B 135 -7.95 21.32 -9.43
C GLY B 135 -6.91 22.09 -10.22
N LEU B 136 -5.65 21.63 -10.20
CA LEU B 136 -4.55 22.37 -10.80
C LEU B 136 -4.08 21.79 -12.12
N ILE B 137 -4.91 20.96 -12.77
CA ILE B 137 -4.46 20.23 -13.95
C ILE B 137 -4.13 21.19 -15.09
N ASN B 138 -4.82 22.33 -15.18
CA ASN B 138 -4.52 23.31 -16.21
C ASN B 138 -3.65 24.45 -15.69
N SER B 139 -3.16 24.35 -14.47
CA SER B 139 -2.45 25.45 -13.81
C SER B 139 -1.02 25.13 -13.42
N VAL B 140 -0.52 23.93 -13.73
CA VAL B 140 0.81 23.55 -13.30
C VAL B 140 1.50 22.85 -14.46
N LYS B 141 2.83 22.96 -14.48
CA LYS B 141 3.68 22.23 -15.42
C LYS B 141 4.45 21.17 -14.63
N PHE B 142 4.40 19.93 -15.10
CA PHE B 142 4.88 18.77 -14.36
C PHE B 142 6.10 18.19 -15.07
N TYR B 143 7.22 18.06 -14.35
CA TYR B 143 8.42 17.41 -14.85
C TYR B 143 8.59 16.05 -14.16
N GLN B 144 8.75 14.99 -14.94
CA GLN B 144 9.00 13.64 -14.42
C GLN B 144 10.45 13.25 -14.62
N ALA B 145 11.09 12.74 -13.56
CA ALA B 145 12.50 12.32 -13.63
C ALA B 145 12.58 10.93 -14.26
N SER B 146 12.45 10.89 -15.59
CA SER B 146 12.69 9.65 -16.32
C SER B 146 14.19 9.47 -16.51
N THR B 147 14.59 8.40 -17.20
CA THR B 147 15.96 7.90 -17.02
C THR B 147 16.39 7.04 -18.20
N SER B 148 17.67 7.09 -18.52
CA SER B 148 18.25 6.21 -19.53
C SER B 148 18.14 4.74 -19.16
N GLU B 149 17.91 4.42 -17.88
CA GLU B 149 17.68 3.04 -17.49
C GLU B 149 16.47 2.42 -18.19
N LEU B 150 15.55 3.26 -18.69
CA LEU B 150 14.42 2.75 -19.47
C LEU B 150 14.89 1.99 -20.71
N TYR B 151 16.05 2.34 -21.26
CA TYR B 151 16.55 1.67 -22.46
C TYR B 151 17.19 0.33 -22.16
N GLY B 152 17.65 0.13 -20.92
CA GLY B 152 18.17 -1.14 -20.46
C GLY B 152 19.07 -1.86 -21.45
N LYS B 153 18.60 -2.99 -21.97
CA LYS B 153 19.28 -3.71 -23.05
C LYS B 153 18.97 -2.94 -24.33
N VAL B 154 19.84 -1.98 -24.68
CA VAL B 154 19.48 -0.95 -25.66
C VAL B 154 19.07 -1.59 -26.98
N GLN B 155 17.97 -1.09 -27.54
CA GLN B 155 17.43 -1.53 -28.81
C GLN B 155 17.95 -0.73 -29.99
N GLU B 156 18.61 0.40 -29.72
CA GLU B 156 19.27 1.21 -30.72
C GLU B 156 20.52 1.80 -30.08
N ILE B 157 21.51 2.10 -30.92
CA ILE B 157 22.69 2.85 -30.51
C ILE B 157 22.95 3.94 -31.56
N PRO B 158 22.97 5.21 -31.11
CA PRO B 158 22.72 5.66 -29.73
C PRO B 158 21.22 5.60 -29.42
N GLN B 159 20.81 6.06 -28.24
CA GLN B 159 19.41 6.00 -27.83
C GLN B 159 18.81 7.41 -27.89
N LYS B 160 17.63 7.51 -28.50
CA LYS B 160 16.91 8.79 -28.52
C LYS B 160 15.47 8.60 -28.09
N GLU B 161 14.66 9.67 -28.17
CA GLU B 161 13.31 9.66 -27.61
C GLU B 161 12.46 8.52 -28.18
N THR B 162 12.74 8.11 -29.41
CA THR B 162 11.95 7.12 -30.13
C THR B 162 12.53 5.72 -30.05
N THR B 163 13.66 5.55 -29.37
CA THR B 163 14.24 4.22 -29.21
C THR B 163 13.33 3.39 -28.31
N PRO B 164 12.92 2.20 -28.75
CA PRO B 164 12.05 1.35 -27.91
C PRO B 164 12.72 1.00 -26.58
N PHE B 165 11.94 1.03 -25.51
CA PHE B 165 12.44 0.78 -24.19
C PHE B 165 12.62 -0.72 -23.94
N TYR B 166 13.50 -1.04 -23.00
CA TYR B 166 13.74 -2.41 -22.57
C TYR B 166 14.33 -2.41 -21.15
N PRO B 167 13.51 -2.19 -20.12
CA PRO B 167 14.05 -2.12 -18.75
C PRO B 167 14.65 -3.44 -18.28
N ARG B 168 15.60 -3.32 -17.34
CA ARG B 168 16.44 -4.43 -16.88
C ARG B 168 16.57 -4.46 -15.36
N SER B 169 15.66 -3.83 -14.62
CA SER B 169 15.68 -3.88 -13.15
C SER B 169 14.30 -3.52 -12.63
N PRO B 170 14.00 -3.85 -11.36
CA PRO B 170 12.78 -3.30 -10.73
C PRO B 170 12.74 -1.78 -10.77
N TYR B 171 13.90 -1.13 -10.70
CA TYR B 171 13.95 0.31 -10.87
C TYR B 171 13.50 0.70 -12.27
N GLY B 172 14.06 0.06 -13.29
CA GLY B 172 13.69 0.42 -14.65
C GLY B 172 12.22 0.21 -14.93
N ALA B 173 11.68 -0.92 -14.47
CA ALA B 173 10.26 -1.20 -14.69
C ALA B 173 9.37 -0.18 -13.98
N ALA B 174 9.72 0.17 -12.75
CA ALA B 174 8.95 1.18 -12.02
C ALA B 174 8.99 2.53 -12.73
N LYS B 175 10.17 2.95 -13.21
CA LYS B 175 10.27 4.22 -13.92
C LYS B 175 9.54 4.19 -15.25
N LEU B 176 9.43 3.00 -15.87
CA LEU B 176 8.68 2.93 -17.13
C LEU B 176 7.19 3.07 -16.88
N TYR B 177 6.68 2.49 -15.78
CA TYR B 177 5.30 2.78 -15.41
C TYR B 177 5.10 4.29 -15.26
N ALA B 178 6.03 4.95 -14.56
CA ALA B 178 5.91 6.39 -14.33
C ALA B 178 5.95 7.17 -15.63
N TYR B 179 6.90 6.81 -16.52
CA TYR B 179 6.95 7.44 -17.84
C TYR B 179 5.58 7.44 -18.50
N TRP B 180 4.91 6.28 -18.52
CA TRP B 180 3.70 6.14 -19.31
C TRP B 180 2.49 6.71 -18.60
N ILE B 181 2.43 6.65 -17.26
CA ILE B 181 1.31 7.29 -16.58
C ILE B 181 1.40 8.80 -16.74
N VAL B 182 2.62 9.35 -16.83
CA VAL B 182 2.80 10.76 -17.13
C VAL B 182 2.28 11.10 -18.54
N VAL B 183 2.68 10.31 -19.54
CA VAL B 183 2.12 10.51 -20.88
C VAL B 183 0.60 10.46 -20.83
N ASN B 184 0.04 9.53 -20.06
CA ASN B 184 -1.41 9.37 -20.08
C ASN B 184 -2.12 10.58 -19.46
N PHE B 185 -1.57 11.16 -18.39
CA PHE B 185 -2.19 12.36 -17.83
C PHE B 185 -2.07 13.53 -18.80
N ARG B 186 -0.96 13.61 -19.52
CA ARG B 186 -0.80 14.61 -20.55
C ARG B 186 -1.85 14.45 -21.64
N GLU B 187 -2.03 13.22 -22.11
CA GLU B 187 -2.93 12.98 -23.23
C GLU B 187 -4.40 12.96 -22.81
N ALA B 188 -4.70 12.52 -21.58
CA ALA B 188 -6.10 12.41 -21.16
C ALA B 188 -6.67 13.72 -20.66
N TYR B 189 -5.90 14.48 -19.86
CA TYR B 189 -6.42 15.66 -19.18
C TYR B 189 -5.73 16.95 -19.61
N ASN B 190 -4.88 16.88 -20.64
CA ASN B 190 -4.14 18.04 -21.15
CA ASN B 190 -4.14 18.05 -21.14
C ASN B 190 -3.22 18.63 -20.08
N LEU B 191 -2.70 17.79 -19.21
CA LEU B 191 -1.71 18.28 -18.25
C LEU B 191 -0.41 18.57 -18.99
N PHE B 192 0.18 19.73 -18.73
CA PHE B 192 1.52 20.02 -19.24
C PHE B 192 2.51 19.17 -18.45
N ALA B 193 2.76 17.95 -18.91
CA ALA B 193 3.66 17.01 -18.25
C ALA B 193 4.70 16.51 -19.25
N VAL B 194 5.95 16.41 -18.79
CA VAL B 194 7.05 16.00 -19.65
C VAL B 194 7.89 14.94 -18.95
N ASN B 195 8.46 14.03 -19.74
CA ASN B 195 9.46 13.09 -19.27
C ASN B 195 10.84 13.60 -19.67
N GLY B 196 11.65 13.94 -18.67
CA GLY B 196 13.05 14.17 -18.96
C GLY B 196 13.76 12.83 -18.94
N ILE B 197 14.27 12.38 -20.09
CA ILE B 197 14.94 11.07 -20.18
C ILE B 197 16.44 11.36 -20.01
N LEU B 198 16.84 11.57 -18.76
CA LEU B 198 18.22 11.96 -18.49
C LEU B 198 19.12 10.74 -18.40
N PHE B 199 20.30 10.85 -19.01
CA PHE B 199 21.32 9.84 -18.85
C PHE B 199 22.12 10.14 -17.58
N ASN B 200 23.02 9.22 -17.22
CA ASN B 200 23.71 9.32 -15.93
C ASN B 200 24.33 10.69 -15.75
N HIS B 201 24.10 11.29 -14.59
CA HIS B 201 24.73 12.57 -14.29
C HIS B 201 25.16 12.56 -12.83
N GLU B 202 26.38 13.06 -12.61
CA GLU B 202 27.10 12.91 -11.36
C GLU B 202 27.55 14.29 -10.91
N SER B 203 28.15 14.35 -9.73
CA SER B 203 28.61 15.59 -9.12
C SER B 203 29.33 15.27 -7.82
N PRO B 204 30.00 16.24 -7.20
CA PRO B 204 30.49 16.02 -5.82
C PRO B 204 29.38 15.67 -4.83
N ARG B 205 28.12 15.92 -5.18
CA ARG B 205 27.00 15.60 -4.31
C ARG B 205 26.36 14.26 -4.63
N ARG B 206 26.90 13.53 -5.61
CA ARG B 206 26.36 12.24 -6.02
C ARG B 206 26.35 11.28 -4.84
N GLY B 207 25.32 10.42 -4.78
CA GLY B 207 25.25 9.42 -3.72
C GLY B 207 26.49 8.55 -3.74
N ALA B 208 26.95 8.21 -2.54
CA ALA B 208 28.26 7.57 -2.36
C ALA B 208 28.35 6.17 -2.96
N ASN B 209 27.23 5.47 -3.13
CA ASN B 209 27.27 4.11 -3.64
C ASN B 209 26.90 4.01 -5.11
N PHE B 210 26.79 5.13 -5.82
CA PHE B 210 26.87 5.05 -7.28
C PHE B 210 28.33 4.96 -7.71
N VAL B 211 28.56 4.43 -8.91
CA VAL B 211 29.92 3.95 -9.21
C VAL B 211 30.91 5.10 -9.26
N THR B 212 30.50 6.26 -9.79
CA THR B 212 31.46 7.34 -9.98
C THR B 212 31.90 7.92 -8.64
N ARG B 213 30.94 8.19 -7.77
CA ARG B 213 31.26 8.76 -6.46
C ARG B 213 31.96 7.73 -5.57
N LYS B 214 31.55 6.47 -5.66
CA LYS B 214 32.30 5.43 -4.95
C LYS B 214 33.79 5.47 -5.32
N ILE B 215 34.08 5.63 -6.62
CA ILE B 215 35.47 5.69 -7.08
C ILE B 215 36.15 6.97 -6.57
N SER B 216 35.52 8.14 -6.77
CA SER B 216 36.20 9.37 -6.37
C SER B 216 36.44 9.40 -4.86
N ARG B 217 35.46 8.91 -4.08
CA ARG B 217 35.63 8.80 -2.63
C ARG B 217 36.79 7.87 -2.26
N SER B 218 36.88 6.71 -2.92
CA SER B 218 37.90 5.74 -2.54
C SER B 218 39.31 6.21 -2.96
N VAL B 219 39.41 6.83 -4.13
CA VAL B 219 40.67 7.42 -4.56
C VAL B 219 41.10 8.51 -3.59
N ALA B 220 40.16 9.32 -3.12
CA ALA B 220 40.48 10.36 -2.15
C ALA B 220 41.04 9.76 -0.86
N LYS B 221 40.40 8.71 -0.35
CA LYS B 221 40.86 8.06 0.88
C LYS B 221 42.23 7.42 0.68
N ILE B 222 42.43 6.78 -0.47
CA ILE B 222 43.72 6.15 -0.78
C ILE B 222 44.83 7.20 -0.84
N TYR B 223 44.55 8.35 -1.46
CA TYR B 223 45.54 9.42 -1.49
C TYR B 223 45.92 9.87 -0.09
N LEU B 224 44.95 9.96 0.82
CA LEU B 224 45.20 10.44 2.17
C LEU B 224 45.69 9.34 3.12
N GLY B 225 45.91 8.13 2.62
CA GLY B 225 46.34 7.03 3.46
C GLY B 225 45.27 6.54 4.40
N GLN B 226 44.00 6.87 4.14
CA GLN B 226 42.90 6.40 4.98
C GLN B 226 42.33 5.09 4.50
N LEU B 227 42.76 4.62 3.32
CA LEU B 227 42.26 3.41 2.70
C LEU B 227 43.36 2.85 1.82
N GLU B 228 43.41 1.52 1.70
CA GLU B 228 44.37 0.88 0.81
C GLU B 228 43.76 0.34 -0.46
N CYS B 229 42.54 -0.19 -0.41
CA CYS B 229 41.96 -0.91 -1.54
CA CYS B 229 41.96 -0.79 -1.60
C CYS B 229 40.44 -0.86 -1.45
N PHE B 230 39.77 -0.89 -2.59
CA PHE B 230 38.32 -0.99 -2.62
C PHE B 230 37.92 -1.93 -3.75
N SER B 231 36.68 -2.41 -3.69
CA SER B 231 36.20 -3.39 -4.66
C SER B 231 35.04 -2.81 -5.45
N LEU B 232 35.02 -3.10 -6.74
CA LEU B 232 33.93 -2.73 -7.63
C LEU B 232 33.27 -4.00 -8.17
N GLY B 233 32.25 -3.77 -8.99
CA GLY B 233 31.60 -4.87 -9.69
C GLY B 233 32.09 -5.01 -11.12
N ASN B 234 31.21 -4.75 -12.07
CA ASN B 234 31.48 -4.92 -13.49
C ASN B 234 32.29 -3.72 -14.02
N LEU B 235 33.60 -3.94 -14.25
CA LEU B 235 34.47 -2.88 -14.73
C LEU B 235 34.22 -2.51 -16.19
N ASP B 236 33.55 -3.36 -16.95
CA ASP B 236 33.40 -3.14 -18.38
C ASP B 236 32.15 -2.39 -18.76
N ALA B 237 31.30 -2.08 -17.78
CA ALA B 237 30.08 -1.32 -18.04
C ALA B 237 30.45 0.04 -18.63
N LYS B 238 29.68 0.48 -19.62
CA LYS B 238 29.92 1.72 -20.33
C LYS B 238 28.75 2.68 -20.16
N ARG B 239 29.06 3.94 -19.87
CA ARG B 239 28.04 4.91 -19.50
C ARG B 239 28.31 6.25 -20.16
N ASP B 240 27.21 6.98 -20.38
CA ASP B 240 27.18 8.38 -20.79
C ASP B 240 27.03 9.20 -19.50
N TRP B 241 28.12 9.83 -19.05
CA TRP B 241 28.16 10.56 -17.77
C TRP B 241 28.29 12.05 -18.00
N GLY B 242 27.32 12.83 -17.49
CA GLY B 242 27.39 14.28 -17.47
C GLY B 242 27.36 14.84 -16.05
N HIS B 243 27.19 16.16 -15.91
CA HIS B 243 27.24 16.80 -14.60
C HIS B 243 25.83 17.23 -14.21
N ALA B 244 25.43 16.91 -12.96
CA ALA B 244 24.05 17.16 -12.55
C ALA B 244 23.68 18.63 -12.65
N LYS B 245 24.64 19.54 -12.42
CA LYS B 245 24.36 20.96 -12.50
C LYS B 245 23.94 21.38 -13.91
N ASP B 246 24.59 20.80 -14.94
CA ASP B 246 24.13 21.07 -16.30
C ASP B 246 22.73 20.52 -16.52
N TYR B 247 22.45 19.34 -15.96
CA TYR B 247 21.24 18.64 -16.34
C TYR B 247 20.01 19.24 -15.67
N VAL B 248 20.15 19.87 -14.50
CA VAL B 248 18.96 20.46 -13.91
C VAL B 248 18.52 21.67 -14.70
N GLU B 249 19.47 22.33 -15.39
CA GLU B 249 19.07 23.41 -16.28
C GLU B 249 18.16 22.89 -17.39
N ALA B 250 18.47 21.70 -17.91
CA ALA B 250 17.62 21.13 -18.96
C ALA B 250 16.21 20.87 -18.44
N MET B 251 16.07 20.41 -17.18
CA MET B 251 14.74 20.20 -16.61
C MET B 251 13.90 21.46 -16.70
N TRP B 252 14.45 22.58 -16.23
CA TRP B 252 13.74 23.85 -16.29
C TRP B 252 13.43 24.25 -17.74
N LEU B 253 14.37 24.04 -18.66
CA LEU B 253 14.12 24.40 -20.06
C LEU B 253 12.94 23.62 -20.62
N MET B 254 12.79 22.35 -20.24
CA MET B 254 11.69 21.56 -20.74
C MET B 254 10.35 22.13 -20.30
N LEU B 255 10.28 22.70 -19.10
CA LEU B 255 9.05 23.36 -18.66
C LEU B 255 8.90 24.77 -19.21
N GLN B 256 9.97 25.36 -19.76
CA GLN B 256 9.82 26.63 -20.48
C GLN B 256 9.35 26.42 -21.91
N ASN B 257 9.40 25.18 -22.41
CA ASN B 257 9.01 24.90 -23.80
C ASN B 257 7.54 25.25 -24.03
N ASP B 258 7.24 25.71 -25.24
CA ASP B 258 5.87 26.10 -25.55
C ASP B 258 4.90 24.94 -25.45
N GLU B 259 5.35 23.72 -25.74
CA GLU B 259 4.51 22.53 -25.72
C GLU B 259 5.16 21.43 -24.90
N PRO B 260 4.36 20.57 -24.27
CA PRO B 260 4.93 19.49 -23.45
C PRO B 260 5.53 18.38 -24.30
N GLU B 261 6.84 18.31 -24.36
CA GLU B 261 7.53 17.25 -25.10
C GLU B 261 8.46 16.50 -24.17
N ASP B 262 8.75 15.24 -24.52
CA ASP B 262 9.77 14.48 -23.81
C ASP B 262 11.12 14.66 -24.50
N PHE B 263 12.18 14.63 -23.71
CA PHE B 263 13.53 14.95 -24.19
C PHE B 263 14.57 14.04 -23.58
N VAL B 264 15.45 13.51 -24.42
CA VAL B 264 16.67 12.89 -23.94
C VAL B 264 17.67 13.99 -23.59
N ILE B 265 18.37 13.82 -22.46
CA ILE B 265 19.43 14.72 -22.02
C ILE B 265 20.65 13.87 -21.73
N ALA B 266 21.78 14.18 -22.37
CA ALA B 266 22.96 13.32 -22.32
C ALA B 266 24.14 14.05 -22.95
N THR B 267 25.33 13.46 -22.82
CA THR B 267 26.48 14.03 -23.50
C THR B 267 26.76 13.39 -24.86
N GLY B 268 26.28 12.17 -25.09
CA GLY B 268 26.62 11.44 -26.30
C GLY B 268 27.99 10.81 -26.32
N GLU B 269 28.77 10.95 -25.25
CA GLU B 269 30.09 10.34 -25.17
C GLU B 269 30.05 9.21 -24.15
N VAL B 270 30.82 8.15 -24.43
CA VAL B 270 30.76 6.91 -23.67
C VAL B 270 32.14 6.60 -23.11
N HIS B 271 32.15 6.21 -21.84
CA HIS B 271 33.37 5.76 -21.17
C HIS B 271 33.01 4.54 -20.32
N SER B 272 34.03 3.76 -20.00
CA SER B 272 33.83 2.58 -19.18
C SER B 272 34.09 2.91 -17.70
N VAL B 273 33.57 2.04 -16.82
CA VAL B 273 33.89 2.14 -15.39
C VAL B 273 35.40 2.06 -15.19
N ARG B 274 36.03 1.10 -15.86
CA ARG B 274 37.49 1.01 -15.91
C ARG B 274 38.13 2.35 -16.21
N GLU B 275 37.63 3.07 -17.23
CA GLU B 275 38.23 4.36 -17.57
C GLU B 275 38.04 5.38 -16.46
N PHE B 276 36.86 5.39 -15.84
CA PHE B 276 36.65 6.30 -14.71
C PHE B 276 37.66 6.03 -13.60
N VAL B 277 37.90 4.76 -13.28
CA VAL B 277 38.95 4.40 -12.33
C VAL B 277 40.29 4.96 -12.78
N GLU B 278 40.69 4.65 -14.02
CA GLU B 278 42.00 5.09 -14.50
C GLU B 278 42.17 6.60 -14.38
N LYS B 279 41.16 7.38 -14.81
CA LYS B 279 41.29 8.83 -14.78
C LYS B 279 41.29 9.38 -13.35
N SER B 280 40.47 8.80 -12.46
CA SER B 280 40.45 9.28 -11.08
C SER B 280 41.81 9.10 -10.42
N PHE B 281 42.37 7.88 -10.51
CA PHE B 281 43.68 7.61 -9.91
C PHE B 281 44.76 8.48 -10.52
N LEU B 282 44.65 8.79 -11.81
CA LEU B 282 45.60 9.70 -12.44
C LEU B 282 45.61 11.07 -11.78
N HIS B 283 44.53 11.45 -11.10
CA HIS B 283 44.50 12.76 -10.48
C HIS B 283 45.19 12.80 -9.14
N ILE B 284 45.43 11.66 -8.52
CA ILE B 284 46.29 11.60 -7.37
C ILE B 284 47.69 11.09 -7.75
N GLY B 285 48.02 11.16 -9.04
CA GLY B 285 49.36 10.79 -9.50
C GLY B 285 49.67 9.31 -9.49
N LYS B 286 48.67 8.45 -9.71
CA LYS B 286 48.86 7.02 -9.71
C LYS B 286 48.38 6.45 -11.04
N THR B 287 49.18 5.58 -11.64
CA THR B 287 48.82 4.92 -12.89
C THR B 287 48.28 3.53 -12.58
N ILE B 288 47.02 3.30 -12.87
CA ILE B 288 46.40 2.00 -12.60
C ILE B 288 46.66 1.08 -13.77
N VAL B 289 47.22 -0.09 -13.48
CA VAL B 289 47.46 -1.11 -14.49
C VAL B 289 46.67 -2.36 -14.10
N TRP B 290 45.89 -2.88 -15.03
CA TRP B 290 45.02 -4.01 -14.74
C TRP B 290 45.76 -5.32 -14.95
N GLU B 291 45.44 -6.31 -14.11
CA GLU B 291 45.94 -7.67 -14.27
C GLU B 291 44.86 -8.66 -13.91
N GLY B 292 44.79 -9.77 -14.64
CA GLY B 292 43.79 -10.76 -14.38
C GLY B 292 42.49 -10.47 -15.12
N LYS B 293 41.49 -11.32 -14.86
CA LYS B 293 40.27 -11.31 -15.65
C LYS B 293 39.07 -11.65 -14.78
N ASN B 294 37.92 -11.09 -15.16
CA ASN B 294 36.61 -11.41 -14.55
C ASN B 294 36.69 -11.08 -13.06
N GLU B 295 36.28 -11.98 -12.18
CA GLU B 295 36.24 -11.67 -10.75
C GLU B 295 37.62 -11.62 -10.12
N ASN B 296 38.65 -12.07 -10.82
CA ASN B 296 40.01 -12.06 -10.28
C ASN B 296 40.80 -10.85 -10.73
N GLU B 297 40.23 -9.99 -11.57
CA GLU B 297 40.96 -8.84 -12.06
C GLU B 297 41.22 -7.85 -10.93
N VAL B 298 42.44 -7.30 -10.86
CA VAL B 298 42.75 -6.25 -9.90
C VAL B 298 43.49 -5.12 -10.62
N GLY B 299 43.39 -3.93 -10.03
CA GLY B 299 44.06 -2.74 -10.53
C GLY B 299 45.20 -2.37 -9.59
N ARG B 300 46.40 -2.27 -10.14
CA ARG B 300 47.62 -2.03 -9.36
C ARG B 300 48.27 -0.72 -9.76
N CYS B 301 48.72 0.04 -8.76
CA CYS B 301 49.45 1.26 -9.03
C CYS B 301 50.83 0.93 -9.60
N LYS B 302 51.10 1.41 -10.82
CA LYS B 302 52.41 1.21 -11.43
C LYS B 302 53.53 1.77 -10.56
N GLU B 303 53.35 3.00 -10.06
CA GLU B 303 54.45 3.67 -9.37
C GLU B 303 54.89 2.93 -8.12
N THR B 304 53.95 2.31 -7.40
CA THR B 304 54.23 1.71 -6.10
C THR B 304 54.05 0.19 -6.04
N GLY B 305 53.45 -0.42 -7.06
CA GLY B 305 53.12 -1.83 -7.00
C GLY B 305 51.96 -2.20 -6.08
N LYS B 306 51.26 -1.21 -5.51
CA LYS B 306 50.20 -1.48 -4.56
C LYS B 306 48.88 -1.76 -5.27
N VAL B 307 48.18 -2.81 -4.84
CA VAL B 307 46.85 -3.12 -5.35
C VAL B 307 45.84 -2.19 -4.70
N HIS B 308 45.04 -1.51 -5.52
CA HIS B 308 44.05 -0.56 -5.04
C HIS B 308 42.61 -0.89 -5.42
N VAL B 309 42.39 -1.75 -6.40
CA VAL B 309 41.05 -2.06 -6.89
C VAL B 309 40.94 -3.56 -7.04
N THR B 310 39.85 -4.13 -6.53
CA THR B 310 39.52 -5.53 -6.76
C THR B 310 38.10 -5.62 -7.29
N VAL B 311 37.68 -6.83 -7.66
CA VAL B 311 36.31 -7.08 -8.12
C VAL B 311 35.62 -7.98 -7.11
N ASP B 312 34.41 -7.62 -6.73
CA ASP B 312 33.57 -8.43 -5.86
C ASP B 312 32.23 -8.60 -6.56
N LEU B 313 31.87 -9.85 -6.85
CA LEU B 313 30.66 -10.06 -7.64
C LEU B 313 29.39 -9.65 -6.89
N LYS B 314 29.48 -9.37 -5.59
CA LYS B 314 28.28 -8.89 -4.90
C LYS B 314 27.83 -7.52 -5.42
N TYR B 315 28.69 -6.80 -6.16
CA TYR B 315 28.27 -5.54 -6.76
C TYR B 315 27.74 -5.71 -8.19
N TYR B 316 27.75 -6.92 -8.74
CA TYR B 316 27.13 -7.14 -10.04
C TYR B 316 25.62 -6.98 -9.94
N ARG B 317 24.97 -6.80 -11.11
CA ARG B 317 23.52 -6.84 -11.17
C ARG B 317 23.06 -8.08 -11.92
N PRO B 318 21.96 -8.71 -11.50
CA PRO B 318 21.49 -9.91 -12.20
C PRO B 318 21.21 -9.68 -13.69
N THR B 319 20.66 -8.52 -14.05
CA THR B 319 20.41 -8.18 -15.45
C THR B 319 21.11 -6.85 -15.72
N GLU B 320 22.39 -6.91 -16.08
CA GLU B 320 23.20 -5.71 -16.27
C GLU B 320 22.68 -4.87 -17.43
N VAL B 321 23.02 -3.59 -17.39
CA VAL B 321 22.80 -2.64 -18.47
C VAL B 321 24.18 -2.30 -19.00
N ASP B 322 24.54 -2.87 -20.15
CA ASP B 322 25.95 -2.92 -20.53
C ASP B 322 26.45 -1.60 -21.10
N PHE B 323 25.56 -0.84 -21.73
CA PHE B 323 25.99 0.24 -22.62
C PHE B 323 24.86 1.25 -22.71
N LEU B 324 25.19 2.51 -22.46
CA LEU B 324 24.26 3.61 -22.65
C LEU B 324 24.98 4.74 -23.37
N GLN B 325 24.32 5.32 -24.37
CA GLN B 325 24.86 6.45 -25.11
C GLN B 325 23.68 7.26 -25.61
N GLY B 326 23.56 8.50 -25.15
CA GLY B 326 22.38 9.31 -25.45
C GLY B 326 22.56 10.18 -26.69
N ASP B 327 21.47 10.34 -27.44
CA ASP B 327 21.39 11.27 -28.57
C ASP B 327 20.42 12.38 -28.19
N CYS B 328 20.96 13.54 -27.80
CA CYS B 328 20.14 14.69 -27.39
C CYS B 328 20.00 15.71 -28.51
N THR B 329 19.98 15.25 -29.77
CA THR B 329 19.78 16.16 -30.90
C THR B 329 18.52 17.01 -30.70
N LYS B 330 17.41 16.37 -30.34
CA LYS B 330 16.13 17.07 -30.18
C LYS B 330 16.22 18.20 -29.15
N ALA B 331 16.84 17.94 -28.00
CA ALA B 331 16.93 19.00 -26.98
C ALA B 331 17.88 20.11 -27.41
N LYS B 332 18.95 19.78 -28.13
CA LYS B 332 19.82 20.83 -28.63
C LYS B 332 19.08 21.75 -29.59
N GLN B 333 18.28 21.18 -30.50
CA GLN B 333 17.58 21.99 -31.49
C GLN B 333 16.43 22.78 -30.88
N LYS B 334 15.64 22.14 -30.01
CA LYS B 334 14.42 22.75 -29.49
C LYS B 334 14.63 23.55 -28.22
N LEU B 335 15.56 23.14 -27.35
CA LEU B 335 15.80 23.85 -26.11
C LEU B 335 17.07 24.68 -26.10
N ASN B 336 17.92 24.55 -27.12
CA ASN B 336 19.24 25.16 -27.13
C ASN B 336 20.05 24.75 -25.91
N TRP B 337 19.84 23.53 -25.42
CA TRP B 337 20.60 23.03 -24.29
C TRP B 337 21.92 22.46 -24.76
N LYS B 338 22.99 22.72 -23.99
CA LYS B 338 24.33 22.25 -24.32
C LYS B 338 24.99 21.94 -22.99
N PRO B 339 25.51 20.73 -22.81
CA PRO B 339 26.29 20.44 -21.60
C PRO B 339 27.63 21.15 -21.68
N ARG B 340 28.08 21.68 -20.53
CA ARG B 340 29.36 22.37 -20.52
C ARG B 340 30.47 21.59 -19.85
N VAL B 341 30.13 20.60 -19.02
CA VAL B 341 31.12 19.77 -18.33
C VAL B 341 31.21 18.44 -19.07
N ALA B 342 32.41 18.06 -19.50
CA ALA B 342 32.64 16.79 -20.15
C ALA B 342 33.35 15.83 -19.20
N PHE B 343 33.52 14.59 -19.66
CA PHE B 343 33.90 13.47 -18.78
C PHE B 343 35.17 13.75 -18.00
N ASP B 344 36.21 14.26 -18.66
CA ASP B 344 37.49 14.45 -17.98
C ASP B 344 37.39 15.49 -16.89
N GLU B 345 36.69 16.61 -17.14
CA GLU B 345 36.51 17.61 -16.09
C GLU B 345 35.64 17.11 -14.94
N LEU B 346 34.64 16.26 -15.22
CA LEU B 346 33.83 15.69 -14.16
C LEU B 346 34.69 14.87 -13.20
N VAL B 347 35.59 14.04 -13.74
CA VAL B 347 36.48 13.23 -12.92
C VAL B 347 37.36 14.11 -12.02
N ARG B 348 38.07 15.08 -12.61
CA ARG B 348 38.92 15.98 -11.81
C ARG B 348 38.13 16.59 -10.68
N GLU B 349 36.95 17.13 -11.01
CA GLU B 349 36.16 17.84 -10.03
C GLU B 349 35.76 16.95 -8.87
N MET B 350 35.37 15.70 -9.16
CA MET B 350 34.88 14.82 -8.11
C MET B 350 36.02 14.35 -7.22
N VAL B 351 37.17 14.01 -7.80
CA VAL B 351 38.29 13.60 -6.98
C VAL B 351 38.77 14.77 -6.12
N HIS B 352 38.88 15.95 -6.73
CA HIS B 352 39.31 17.14 -5.98
C HIS B 352 38.38 17.41 -4.80
N ALA B 353 37.06 17.36 -5.02
CA ALA B 353 36.13 17.66 -3.95
C ALA B 353 36.19 16.63 -2.83
N ASP B 354 36.36 15.34 -3.18
CA ASP B 354 36.37 14.32 -2.14
C ASP B 354 37.69 14.30 -1.36
N VAL B 355 38.80 14.68 -1.98
CA VAL B 355 40.05 14.82 -1.23
C VAL B 355 39.89 15.87 -0.13
N GLU B 356 39.35 17.04 -0.49
CA GLU B 356 39.09 18.09 0.49
C GLU B 356 38.12 17.60 1.57
N LEU B 357 37.06 16.90 1.17
CA LEU B 357 36.11 16.38 2.13
C LEU B 357 36.76 15.39 3.08
N MET B 358 37.52 14.43 2.54
CA MET B 358 38.09 13.38 3.38
C MET B 358 39.23 13.91 4.26
N ARG B 359 39.92 14.96 3.83
CA ARG B 359 40.92 15.57 4.70
C ARG B 359 40.26 16.13 5.96
N THR B 360 39.09 16.77 5.81
CA THR B 360 38.37 17.34 6.95
C THR B 360 37.77 16.27 7.86
N ASN B 361 37.49 15.08 7.33
CA ASN B 361 36.78 14.05 8.08
C ASN B 361 37.09 12.65 7.54
N PRO B 362 38.02 11.92 8.15
CA PRO B 362 38.39 10.58 7.63
C PRO B 362 37.29 9.53 7.70
N ASN B 363 36.20 9.80 8.41
CA ASN B 363 35.06 8.89 8.44
C ASN B 363 33.95 9.30 7.48
N ALA B 364 34.17 10.35 6.68
CA ALA B 364 33.17 10.77 5.71
C ALA B 364 32.84 9.69 4.70
N LEU C 10 -23.85 23.32 -2.57
CA LEU C 10 -24.80 22.23 -2.80
C LEU C 10 -25.55 21.87 -1.51
N TYR C 11 -24.97 22.17 -0.35
CA TYR C 11 -25.60 21.82 0.92
C TYR C 11 -26.70 22.82 1.26
N PHE C 12 -27.82 22.30 1.74
CA PHE C 12 -28.87 23.16 2.29
C PHE C 12 -29.76 22.32 3.18
N GLN C 13 -30.43 22.99 4.11
CA GLN C 13 -31.28 22.29 5.06
C GLN C 13 -32.43 21.63 4.33
N GLY C 14 -32.69 20.35 4.64
CA GLY C 14 -33.69 19.56 3.94
C GLY C 14 -33.14 18.67 2.85
N ARG C 15 -31.87 18.81 2.51
CA ARG C 15 -31.21 17.96 1.52
C ARG C 15 -30.44 16.89 2.29
N ASN C 16 -30.91 15.65 2.19
CA ASN C 16 -30.36 14.51 2.91
C ASN C 16 -29.74 13.56 1.88
N VAL C 17 -28.41 13.43 1.92
CA VAL C 17 -27.66 12.63 0.95
C VAL C 17 -26.71 11.73 1.72
N ALA C 18 -26.92 10.42 1.63
CA ALA C 18 -26.05 9.48 2.32
C ALA C 18 -25.04 8.87 1.34
N LEU C 19 -23.87 8.56 1.87
CA LEU C 19 -22.88 7.77 1.14
C LEU C 19 -22.55 6.54 1.97
N ILE C 20 -22.84 5.36 1.42
CA ILE C 20 -22.63 4.09 2.12
C ILE C 20 -21.45 3.39 1.46
N THR C 21 -20.36 3.22 2.20
CA THR C 21 -19.39 2.21 1.77
C THR C 21 -19.87 0.86 2.27
N GLY C 22 -19.56 -0.18 1.51
CA GLY C 22 -20.12 -1.49 1.83
C GLY C 22 -21.61 -1.63 1.54
N ILE C 23 -22.12 -0.89 0.55
CA ILE C 23 -23.57 -0.92 0.29
C ILE C 23 -24.03 -2.29 -0.20
N THR C 24 -23.13 -3.09 -0.81
CA THR C 24 -23.55 -4.39 -1.31
C THR C 24 -23.66 -5.45 -0.22
N GLY C 25 -23.17 -5.19 1.00
CA GLY C 25 -23.20 -6.18 2.04
C GLY C 25 -24.56 -6.30 2.71
N GLN C 26 -24.61 -7.16 3.73
CA GLN C 26 -25.85 -7.33 4.49
C GLN C 26 -26.37 -6.00 5.01
N ASP C 27 -25.58 -5.31 5.84
CA ASP C 27 -26.05 -4.10 6.49
C ASP C 27 -26.34 -3.01 5.46
N GLY C 28 -25.42 -2.84 4.51
CA GLY C 28 -25.58 -1.78 3.53
C GLY C 28 -26.89 -1.90 2.77
N SER C 29 -27.32 -3.13 2.49
CA SER C 29 -28.55 -3.32 1.72
C SER C 29 -29.79 -2.93 2.54
N TYR C 30 -29.83 -3.31 3.82
CA TYR C 30 -30.92 -2.88 4.69
C TYR C 30 -30.87 -1.38 4.95
N LEU C 31 -29.67 -0.84 5.17
CA LEU C 31 -29.55 0.59 5.44
C LEU C 31 -29.96 1.41 4.22
N ALA C 32 -29.62 0.95 3.02
CA ALA C 32 -30.06 1.65 1.81
C ALA C 32 -31.58 1.74 1.76
N GLU C 33 -32.26 0.62 2.03
CA GLU C 33 -33.73 0.62 2.07
C GLU C 33 -34.27 1.56 3.14
N PHE C 34 -33.66 1.54 4.33
CA PHE C 34 -34.10 2.38 5.44
C PHE C 34 -34.01 3.86 5.08
N LEU C 35 -32.90 4.28 4.48
CA LEU C 35 -32.73 5.69 4.14
C LEU C 35 -33.58 6.08 2.93
N LEU C 36 -33.69 5.20 1.94
CA LEU C 36 -34.52 5.50 0.79
C LEU C 36 -35.96 5.80 1.21
N GLU C 37 -36.48 5.04 2.18
CA GLU C 37 -37.87 5.23 2.56
C GLU C 37 -38.05 6.49 3.38
N LYS C 38 -36.98 7.03 3.96
CA LYS C 38 -37.01 8.36 4.58
C LYS C 38 -36.76 9.46 3.57
N GLY C 39 -36.72 9.14 2.28
CA GLY C 39 -36.54 10.14 1.24
C GLY C 39 -35.12 10.59 1.00
N TYR C 40 -34.12 9.89 1.52
CA TYR C 40 -32.74 10.24 1.24
C TYR C 40 -32.38 9.94 -0.21
N GLU C 41 -31.46 10.73 -0.75
CA GLU C 41 -30.70 10.28 -1.91
C GLU C 41 -29.56 9.44 -1.38
N VAL C 42 -29.42 8.21 -1.90
CA VAL C 42 -28.50 7.24 -1.32
C VAL C 42 -27.46 6.87 -2.36
N HIS C 43 -26.19 7.16 -2.06
CA HIS C 43 -25.07 6.79 -2.90
C HIS C 43 -24.29 5.66 -2.25
N GLY C 44 -23.75 4.78 -3.09
CA GLY C 44 -22.98 3.65 -2.59
C GLY C 44 -21.70 3.48 -3.37
N ILE C 45 -20.67 3.02 -2.67
CA ILE C 45 -19.41 2.65 -3.32
C ILE C 45 -19.41 1.14 -3.49
N VAL C 46 -19.20 0.68 -4.73
CA VAL C 46 -19.20 -0.75 -5.03
C VAL C 46 -17.84 -1.13 -5.60
N ARG C 47 -17.33 -2.26 -5.17
CA ARG C 47 -16.08 -2.75 -5.74
C ARG C 47 -16.29 -3.17 -7.18
N ARG C 48 -15.30 -2.92 -8.02
CA ARG C 48 -15.29 -3.59 -9.31
C ARG C 48 -15.19 -5.09 -9.08
N SER C 49 -15.99 -5.86 -9.81
CA SER C 49 -15.99 -7.30 -9.66
C SER C 49 -16.16 -7.92 -11.04
N SER C 50 -15.58 -9.11 -11.24
CA SER C 50 -15.65 -9.74 -12.56
C SER C 50 -17.06 -10.19 -12.90
N SER C 51 -17.92 -10.38 -11.90
CA SER C 51 -19.34 -10.59 -12.10
C SER C 51 -20.03 -9.63 -11.16
N PHE C 52 -21.34 -9.46 -11.30
CA PHE C 52 -21.92 -8.39 -10.50
C PHE C 52 -22.09 -8.82 -9.04
N ASN C 53 -21.96 -7.85 -8.14
CA ASN C 53 -21.97 -8.10 -6.71
C ASN C 53 -23.08 -7.33 -6.03
N THR C 54 -24.06 -6.86 -6.81
CA THR C 54 -25.13 -5.99 -6.33
C THR C 54 -26.41 -6.76 -6.06
N GLY C 55 -26.32 -8.08 -5.89
CA GLY C 55 -27.51 -8.90 -5.78
C GLY C 55 -28.44 -8.49 -4.66
N ARG C 56 -27.89 -7.96 -3.56
CA ARG C 56 -28.71 -7.56 -2.42
C ARG C 56 -29.47 -6.27 -2.66
N ILE C 57 -29.05 -5.45 -3.62
CA ILE C 57 -29.61 -4.12 -3.78
C ILE C 57 -30.11 -3.86 -5.20
N GLU C 58 -30.08 -4.88 -6.07
CA GLU C 58 -30.56 -4.67 -7.42
CA GLU C 58 -30.56 -4.69 -7.43
C GLU C 58 -32.05 -4.32 -7.44
N HIS C 59 -32.80 -4.77 -6.44
CA HIS C 59 -34.22 -4.42 -6.36
C HIS C 59 -34.43 -2.93 -6.10
N LEU C 60 -33.38 -2.22 -5.71
CA LEU C 60 -33.46 -0.78 -5.48
C LEU C 60 -33.11 0.05 -6.71
N TYR C 61 -32.82 -0.56 -7.85
CA TYR C 61 -32.80 0.21 -9.09
C TYR C 61 -34.20 0.74 -9.38
N LYS C 62 -34.28 1.91 -10.00
CA LYS C 62 -35.57 2.40 -10.49
C LYS C 62 -36.17 1.39 -11.46
N ASN C 63 -35.35 0.83 -12.34
CA ASN C 63 -35.77 -0.19 -13.31
C ASN C 63 -34.84 -1.38 -13.11
N PRO C 64 -35.28 -2.40 -12.36
CA PRO C 64 -34.40 -3.56 -12.12
C PRO C 64 -34.14 -4.41 -13.36
N GLN C 65 -34.97 -4.30 -14.40
CA GLN C 65 -34.72 -5.09 -15.61
C GLN C 65 -33.59 -4.51 -16.43
N ALA C 66 -33.52 -3.17 -16.52
CA ALA C 66 -32.49 -2.46 -17.25
C ALA C 66 -31.36 -2.00 -16.35
N HIS C 67 -31.51 -2.12 -15.03
CA HIS C 67 -30.53 -1.67 -14.05
C HIS C 67 -30.27 -0.18 -14.21
N ILE C 68 -31.38 0.58 -14.20
CA ILE C 68 -31.37 2.03 -14.30
C ILE C 68 -31.59 2.59 -12.90
N GLU C 69 -30.74 3.52 -12.51
CA GLU C 69 -30.79 4.05 -11.15
C GLU C 69 -31.87 5.11 -11.00
N GLY C 70 -32.47 5.13 -9.81
CA GLY C 70 -33.30 6.24 -9.38
C GLY C 70 -32.63 6.97 -8.23
N ASN C 71 -33.14 6.79 -7.02
CA ASN C 71 -32.60 7.51 -5.87
C ASN C 71 -31.43 6.81 -5.19
N MET C 72 -31.10 5.58 -5.58
CA MET C 72 -29.88 4.92 -5.14
C MET C 72 -28.90 4.94 -6.30
N LYS C 73 -27.74 5.58 -6.11
CA LYS C 73 -26.76 5.74 -7.17
C LYS C 73 -25.43 5.14 -6.74
N LEU C 74 -24.88 4.27 -7.58
CA LEU C 74 -23.69 3.49 -7.24
C LEU C 74 -22.46 4.05 -7.94
N HIS C 75 -21.30 3.84 -7.31
CA HIS C 75 -20.03 4.34 -7.83
C HIS C 75 -18.95 3.29 -7.61
N TYR C 76 -18.16 3.01 -8.66
CA TYR C 76 -17.05 2.09 -8.51
C TYR C 76 -15.97 2.72 -7.62
N GLY C 77 -15.47 1.93 -6.68
CA GLY C 77 -14.41 2.46 -5.82
C GLY C 77 -13.87 1.36 -4.94
N ASP C 78 -12.91 1.75 -4.10
CA ASP C 78 -12.31 0.81 -3.18
C ASP C 78 -11.73 1.60 -2.02
N LEU C 79 -11.88 1.08 -0.81
CA LEU C 79 -11.38 1.81 0.36
C LEU C 79 -9.86 1.88 0.40
N THR C 80 -9.13 1.15 -0.47
CA THR C 80 -7.68 1.28 -0.49
C THR C 80 -7.18 2.28 -1.51
N ASP C 81 -8.08 2.97 -2.22
CA ASP C 81 -7.71 3.91 -3.27
C ASP C 81 -8.12 5.32 -2.83
N SER C 82 -7.16 6.08 -2.29
CA SER C 82 -7.43 7.40 -1.73
C SER C 82 -8.08 8.34 -2.75
N THR C 83 -7.51 8.42 -3.94
CA THR C 83 -8.01 9.35 -4.95
C THR C 83 -9.45 9.04 -5.32
N CYS C 84 -9.81 7.75 -5.42
CA CYS C 84 -11.19 7.44 -5.78
C CYS C 84 -12.16 7.85 -4.69
N LEU C 85 -11.75 7.75 -3.41
CA LEU C 85 -12.64 8.17 -2.33
C LEU C 85 -12.87 9.68 -2.35
N VAL C 86 -11.80 10.45 -2.60
CA VAL C 86 -11.92 11.91 -2.71
C VAL C 86 -12.84 12.27 -3.88
N LYS C 87 -12.65 11.62 -5.03
CA LYS C 87 -13.47 11.96 -6.19
C LYS C 87 -14.95 11.71 -5.90
N ILE C 88 -15.26 10.59 -5.23
CA ILE C 88 -16.66 10.22 -5.02
C ILE C 88 -17.32 11.14 -4.00
N ILE C 89 -16.64 11.38 -2.87
CA ILE C 89 -17.16 12.29 -1.86
C ILE C 89 -17.31 13.70 -2.43
N ASN C 90 -16.34 14.15 -3.22
CA ASN C 90 -16.41 15.49 -3.77
C ASN C 90 -17.58 15.63 -4.75
N GLU C 91 -17.86 14.56 -5.50
CA GLU C 91 -18.97 14.57 -6.43
C GLU C 91 -20.30 14.51 -5.70
N VAL C 92 -20.39 13.68 -4.65
CA VAL C 92 -21.67 13.40 -4.00
C VAL C 92 -22.03 14.49 -3.00
N LYS C 93 -21.05 15.04 -2.29
CA LYS C 93 -21.30 15.98 -1.21
C LYS C 93 -22.33 15.42 -0.24
N PRO C 94 -22.04 14.29 0.41
CA PRO C 94 -23.02 13.69 1.31
C PRO C 94 -23.15 14.50 2.60
N THR C 95 -24.32 14.40 3.21
CA THR C 95 -24.52 14.87 4.57
C THR C 95 -24.23 13.79 5.60
N GLU C 96 -24.33 12.52 5.20
CA GLU C 96 -24.09 11.40 6.10
C GLU C 96 -23.26 10.36 5.37
N ILE C 97 -22.21 9.87 6.04
CA ILE C 97 -21.34 8.83 5.50
C ILE C 97 -21.40 7.66 6.46
N TYR C 98 -21.76 6.49 5.96
CA TYR C 98 -21.76 5.25 6.74
C TYR C 98 -20.64 4.37 6.21
N ASN C 99 -19.57 4.22 6.98
CA ASN C 99 -18.45 3.39 6.55
C ASN C 99 -18.69 1.95 7.00
N LEU C 100 -19.44 1.20 6.18
CA LEU C 100 -19.67 -0.21 6.42
C LEU C 100 -18.74 -1.13 5.63
N GLY C 101 -17.97 -0.59 4.68
CA GLY C 101 -17.12 -1.43 3.85
C GLY C 101 -15.98 -2.07 4.64
N ALA C 102 -15.82 -3.39 4.50
CA ALA C 102 -14.81 -4.08 5.27
C ALA C 102 -14.67 -5.51 4.79
N GLN C 103 -13.47 -6.05 4.92
CA GLN C 103 -13.28 -7.50 5.05
C GLN C 103 -13.82 -7.85 6.43
N SER C 104 -15.03 -8.40 6.49
CA SER C 104 -15.75 -8.48 7.76
C SER C 104 -15.70 -9.85 8.41
N HIS C 105 -14.98 -10.81 7.84
CA HIS C 105 -14.99 -12.19 8.33
C HIS C 105 -13.78 -12.44 9.23
N VAL C 106 -14.05 -12.93 10.45
CA VAL C 106 -13.00 -13.05 11.46
C VAL C 106 -12.05 -14.19 11.12
N LYS C 107 -12.60 -15.35 10.75
CA LYS C 107 -11.73 -16.50 10.45
C LYS C 107 -10.85 -16.20 9.24
N ILE C 108 -11.41 -15.61 8.19
CA ILE C 108 -10.59 -15.31 7.02
C ILE C 108 -9.48 -14.32 7.36
N SER C 109 -9.72 -13.41 8.32
CA SER C 109 -8.74 -12.38 8.64
C SER C 109 -7.41 -12.95 9.15
N PHE C 110 -7.39 -14.17 9.68
CA PHE C 110 -6.14 -14.72 10.18
C PHE C 110 -5.15 -14.98 9.05
N ASP C 111 -5.63 -15.40 7.89
CA ASP C 111 -4.75 -15.62 6.75
C ASP C 111 -4.90 -14.52 5.69
N LEU C 112 -5.68 -13.49 5.97
CA LEU C 112 -5.74 -12.30 5.14
C LEU C 112 -5.45 -11.09 6.03
N ALA C 113 -4.41 -11.19 6.86
CA ALA C 113 -4.22 -10.20 7.93
C ALA C 113 -3.87 -8.82 7.38
N GLU C 114 -2.97 -8.77 6.39
CA GLU C 114 -2.54 -7.48 5.86
C GLU C 114 -3.65 -6.81 5.06
N TYR C 115 -4.34 -7.57 4.20
CA TYR C 115 -5.47 -7.01 3.48
C TYR C 115 -6.52 -6.49 4.44
N THR C 116 -6.82 -7.26 5.48
CA THR C 116 -7.80 -6.84 6.48
C THR C 116 -7.38 -5.54 7.19
N ALA C 117 -6.10 -5.42 7.53
CA ALA C 117 -5.59 -4.17 8.11
C ALA C 117 -5.76 -3.01 7.13
N ASP C 118 -5.39 -3.24 5.88
CA ASP C 118 -5.42 -2.15 4.89
C ASP C 118 -6.83 -1.65 4.63
N VAL C 119 -7.81 -2.55 4.60
CA VAL C 119 -9.19 -2.18 4.28
C VAL C 119 -9.91 -1.68 5.54
N ASP C 120 -9.88 -2.48 6.61
CA ASP C 120 -10.69 -2.21 7.78
C ASP C 120 -10.07 -1.13 8.66
N GLY C 121 -8.73 -1.07 8.71
CA GLY C 121 -8.04 -0.08 9.52
C GLY C 121 -7.65 1.15 8.73
N VAL C 122 -6.66 1.01 7.85
CA VAL C 122 -6.19 2.18 7.10
C VAL C 122 -7.27 2.75 6.19
N GLY C 123 -8.17 1.91 5.67
CA GLY C 123 -9.25 2.40 4.82
C GLY C 123 -10.18 3.35 5.54
N THR C 124 -10.41 3.13 6.83
CA THR C 124 -11.20 4.09 7.61
C THR C 124 -10.52 5.45 7.66
N LEU C 125 -9.20 5.46 7.91
CA LEU C 125 -8.44 6.69 7.85
C LEU C 125 -8.51 7.32 6.47
N ARG C 126 -8.39 6.51 5.42
CA ARG C 126 -8.47 7.05 4.06
C ARG C 126 -9.80 7.75 3.82
N LEU C 127 -10.90 7.17 4.32
CA LEU C 127 -12.21 7.77 4.11
C LEU C 127 -12.36 9.04 4.95
N LEU C 128 -11.91 9.00 6.21
CA LEU C 128 -11.89 10.20 7.02
C LEU C 128 -11.02 11.29 6.39
N ASP C 129 -9.82 10.92 5.90
CA ASP C 129 -8.92 11.87 5.25
C ASP C 129 -9.54 12.44 3.98
N ALA C 130 -10.35 11.65 3.28
CA ALA C 130 -11.03 12.17 2.09
C ALA C 130 -12.04 13.26 2.45
N VAL C 131 -12.79 13.06 3.54
CA VAL C 131 -13.70 14.10 4.03
C VAL C 131 -12.94 15.39 4.29
N LYS C 132 -11.77 15.29 4.94
CA LYS C 132 -10.99 16.48 5.26
C LYS C 132 -10.43 17.13 4.01
N THR C 133 -9.91 16.32 3.08
CA THR C 133 -9.39 16.84 1.82
C THR C 133 -10.45 17.61 1.05
N CYS C 134 -11.69 17.10 1.06
CA CYS C 134 -12.79 17.79 0.35
C CYS C 134 -13.29 19.02 1.09
N GLY C 135 -12.74 19.36 2.26
CA GLY C 135 -13.21 20.50 3.01
C GLY C 135 -14.56 20.31 3.68
N LEU C 136 -14.95 19.07 3.96
CA LEU C 136 -16.29 18.79 4.46
C LEU C 136 -16.31 18.38 5.94
N ILE C 137 -15.27 18.75 6.70
CA ILE C 137 -15.23 18.37 8.12
C ILE C 137 -16.47 18.87 8.87
N ASN C 138 -16.98 20.05 8.50
CA ASN C 138 -18.11 20.62 9.20
C ASN C 138 -19.43 20.41 8.45
N SER C 139 -19.43 19.58 7.40
CA SER C 139 -20.61 19.38 6.57
C SER C 139 -21.15 17.96 6.59
N VAL C 140 -20.42 17.00 7.15
CA VAL C 140 -20.84 15.62 7.09
C VAL C 140 -20.86 15.03 8.48
N LYS C 141 -21.78 14.10 8.67
CA LYS C 141 -21.76 13.23 9.84
C LYS C 141 -21.24 11.87 9.40
N PHE C 142 -20.37 11.28 10.20
CA PHE C 142 -19.63 10.08 9.83
C PHE C 142 -19.95 8.96 10.80
N TYR C 143 -20.43 7.83 10.27
CA TYR C 143 -20.71 6.63 11.06
C TYR C 143 -19.67 5.57 10.78
N GLN C 144 -19.05 5.03 11.83
CA GLN C 144 -18.05 3.98 11.69
C GLN C 144 -18.60 2.64 12.17
N ALA C 145 -18.45 1.60 11.35
CA ALA C 145 -18.95 0.27 11.70
C ALA C 145 -17.96 -0.42 12.64
N SER C 146 -18.04 -0.06 13.92
CA SER C 146 -17.29 -0.80 14.93
C SER C 146 -18.07 -2.03 15.35
N THR C 147 -17.55 -2.76 16.34
CA THR C 147 -17.93 -4.17 16.45
C THR C 147 -17.62 -4.70 17.84
N SER C 148 -18.46 -5.64 18.29
CA SER C 148 -18.21 -6.29 19.56
C SER C 148 -16.95 -7.13 19.54
N GLU C 149 -16.42 -7.47 18.34
CA GLU C 149 -15.12 -8.15 18.29
C GLU C 149 -14.03 -7.34 18.98
N LEU C 150 -14.25 -6.04 19.15
CA LEU C 150 -13.30 -5.19 19.87
C LEU C 150 -13.10 -5.67 21.31
N TYR C 151 -14.15 -6.21 21.94
CA TYR C 151 -14.03 -6.68 23.31
C TYR C 151 -13.32 -8.03 23.41
N GLY C 152 -13.34 -8.83 22.33
CA GLY C 152 -12.56 -10.05 22.24
C GLY C 152 -12.61 -10.95 23.46
N LYS C 153 -11.50 -11.06 24.18
CA LYS C 153 -11.48 -11.77 25.47
C LYS C 153 -12.07 -10.83 26.51
N VAL C 154 -13.37 -11.01 26.80
CA VAL C 154 -14.12 -9.94 27.43
C VAL C 154 -13.56 -9.66 28.82
N GLN C 155 -13.35 -8.38 29.11
CA GLN C 155 -12.82 -7.93 30.38
C GLN C 155 -13.89 -7.67 31.42
N GLU C 156 -15.15 -7.50 30.99
CA GLU C 156 -16.32 -7.36 31.83
C GLU C 156 -17.48 -8.10 31.18
N ILE C 157 -18.43 -8.53 32.00
CA ILE C 157 -19.67 -9.11 31.50
C ILE C 157 -20.85 -8.44 32.21
N PRO C 158 -21.78 -7.83 31.46
CA PRO C 158 -21.76 -7.70 30.00
C PRO C 158 -20.82 -6.59 29.56
N GLN C 159 -20.68 -6.39 28.25
CA GLN C 159 -19.79 -5.37 27.72
C GLN C 159 -20.58 -4.11 27.40
N LYS C 160 -20.03 -2.96 27.80
CA LYS C 160 -20.65 -1.68 27.47
C LYS C 160 -19.58 -0.73 26.92
N GLU C 161 -19.93 0.55 26.74
CA GLU C 161 -19.04 1.48 26.06
C GLU C 161 -17.70 1.63 26.78
N THR C 162 -17.70 1.52 28.10
CA THR C 162 -16.49 1.72 28.89
C THR C 162 -15.70 0.43 29.11
N THR C 163 -16.21 -0.71 28.68
CA THR C 163 -15.46 -1.96 28.85
C THR C 163 -14.20 -1.89 28.00
N PRO C 164 -13.02 -2.17 28.57
CA PRO C 164 -11.79 -2.04 27.78
C PRO C 164 -11.71 -3.10 26.70
N PHE C 165 -11.11 -2.70 25.59
CA PHE C 165 -11.03 -3.56 24.41
C PHE C 165 -9.90 -4.56 24.56
N TYR C 166 -10.11 -5.76 24.00
CA TYR C 166 -9.11 -6.82 24.01
C TYR C 166 -9.28 -7.64 22.75
N PRO C 167 -8.82 -7.13 21.61
CA PRO C 167 -9.06 -7.83 20.33
C PRO C 167 -8.35 -9.17 20.24
N ARG C 168 -8.92 -10.06 19.42
CA ARG C 168 -8.49 -11.45 19.34
C ARG C 168 -8.34 -11.93 17.90
N SER C 169 -8.15 -11.04 16.94
CA SER C 169 -7.92 -11.44 15.56
C SER C 169 -7.34 -10.27 14.80
N PRO C 170 -6.75 -10.49 13.62
CA PRO C 170 -6.38 -9.36 12.77
C PRO C 170 -7.56 -8.48 12.42
N TYR C 171 -8.76 -9.06 12.27
CA TYR C 171 -9.97 -8.27 12.09
C TYR C 171 -10.20 -7.35 13.27
N GLY C 172 -10.16 -7.91 14.48
CA GLY C 172 -10.39 -7.10 15.66
C GLY C 172 -9.34 -6.01 15.86
N ALA C 173 -8.07 -6.34 15.61
CA ALA C 173 -7.02 -5.32 15.71
C ALA C 173 -7.21 -4.21 14.68
N ALA C 174 -7.57 -4.56 13.44
CA ALA C 174 -7.77 -3.53 12.43
C ALA C 174 -8.96 -2.64 12.75
N LYS C 175 -10.04 -3.24 13.27
CA LYS C 175 -11.22 -2.44 13.64
C LYS C 175 -10.93 -1.58 14.85
N LEU C 176 -9.99 -2.00 15.70
CA LEU C 176 -9.57 -1.18 16.82
C LEU C 176 -8.83 0.06 16.35
N TYR C 177 -7.92 -0.09 15.38
CA TYR C 177 -7.30 1.10 14.78
C TYR C 177 -8.39 2.03 14.24
N ALA C 178 -9.36 1.48 13.50
CA ALA C 178 -10.42 2.30 12.92
C ALA C 178 -11.24 3.00 14.00
N TYR C 179 -11.58 2.28 15.06
CA TYR C 179 -12.32 2.91 16.16
C TYR C 179 -11.62 4.17 16.66
N TRP C 180 -10.32 4.06 16.90
CA TRP C 180 -9.56 5.14 17.54
C TRP C 180 -9.18 6.25 16.58
N ILE C 181 -8.95 5.95 15.30
CA ILE C 181 -8.71 7.04 14.37
C ILE C 181 -9.99 7.83 14.15
N VAL C 182 -11.16 7.18 14.29
CA VAL C 182 -12.42 7.94 14.23
C VAL C 182 -12.54 8.87 15.43
N VAL C 183 -12.23 8.37 16.62
CA VAL C 183 -12.23 9.24 17.80
C VAL C 183 -11.29 10.42 17.57
N ASN C 184 -10.14 10.18 16.95
CA ASN C 184 -9.15 11.24 16.81
C ASN C 184 -9.62 12.34 15.86
N PHE C 185 -10.30 11.98 14.77
CA PHE C 185 -10.82 13.01 13.88
C PHE C 185 -11.92 13.82 14.57
N ARG C 186 -12.72 13.16 15.40
CA ARG C 186 -13.73 13.87 16.18
C ARG C 186 -13.05 14.83 17.14
N GLU C 187 -12.06 14.36 17.90
CA GLU C 187 -11.44 15.21 18.92
C GLU C 187 -10.50 16.24 18.31
N ALA C 188 -9.81 15.90 17.21
CA ALA C 188 -8.83 16.84 16.66
C ALA C 188 -9.49 17.87 15.76
N TYR C 189 -10.49 17.49 14.99
CA TYR C 189 -11.04 18.39 13.97
C TYR C 189 -12.52 18.67 14.17
N ASN C 190 -13.11 18.20 15.27
CA ASN C 190 -14.53 18.44 15.55
C ASN C 190 -15.42 17.82 14.48
N LEU C 191 -14.96 16.75 13.84
CA LEU C 191 -15.84 16.00 12.97
C LEU C 191 -16.94 15.34 13.79
N PHE C 192 -18.18 15.42 13.32
CA PHE C 192 -19.23 14.60 13.91
C PHE C 192 -19.01 13.16 13.45
N ALA C 193 -18.33 12.36 14.27
CA ALA C 193 -17.98 11.00 13.88
C ALA C 193 -18.22 10.09 15.09
N VAL C 194 -18.90 8.96 14.85
CA VAL C 194 -19.33 8.09 15.93
C VAL C 194 -18.95 6.65 15.61
N ASN C 195 -18.67 5.90 16.66
CA ASN C 195 -18.50 4.45 16.58
C ASN C 195 -19.76 3.75 17.03
N GLY C 196 -20.40 3.04 16.11
CA GLY C 196 -21.42 2.10 16.50
C GLY C 196 -20.75 0.80 16.86
N ILE C 197 -20.80 0.43 18.14
CA ILE C 197 -20.20 -0.83 18.61
C ILE C 197 -21.31 -1.88 18.56
N LEU C 198 -21.53 -2.44 17.38
CA LEU C 198 -22.68 -3.32 17.19
C LEU C 198 -22.27 -4.75 17.50
N PHE C 199 -23.09 -5.44 18.28
CA PHE C 199 -22.87 -6.87 18.46
C PHE C 199 -23.43 -7.62 17.25
N ASN C 200 -23.18 -8.94 17.22
CA ASN C 200 -23.49 -9.73 16.03
C ASN C 200 -24.93 -9.52 15.57
N HIS C 201 -25.11 -9.32 14.26
CA HIS C 201 -26.47 -9.23 13.75
C HIS C 201 -26.54 -9.93 12.40
N GLU C 202 -27.63 -10.71 12.24
CA GLU C 202 -27.81 -11.63 11.13
C GLU C 202 -29.15 -11.32 10.45
N SER C 203 -29.48 -12.14 9.45
CA SER C 203 -30.65 -11.93 8.59
C SER C 203 -30.61 -12.97 7.48
N PRO C 204 -31.67 -13.13 6.68
CA PRO C 204 -31.56 -14.02 5.51
C PRO C 204 -30.52 -13.53 4.50
N ARG C 205 -30.04 -12.30 4.60
CA ARG C 205 -29.00 -11.77 3.72
C ARG C 205 -27.58 -11.91 4.28
N ARG C 206 -27.44 -12.48 5.47
CA ARG C 206 -26.14 -12.72 6.08
C ARG C 206 -25.22 -13.50 5.14
N GLY C 207 -23.93 -13.16 5.16
CA GLY C 207 -22.96 -13.95 4.41
C GLY C 207 -23.03 -15.43 4.77
N ALA C 208 -22.87 -16.29 3.77
CA ALA C 208 -23.10 -17.72 3.94
C ALA C 208 -22.10 -18.40 4.87
N ASN C 209 -20.92 -17.82 5.09
CA ASN C 209 -19.93 -18.49 5.93
C ASN C 209 -19.81 -17.91 7.34
N PHE C 210 -20.75 -17.03 7.73
CA PHE C 210 -20.92 -16.77 9.16
C PHE C 210 -21.73 -17.91 9.76
N VAL C 211 -21.61 -18.09 11.08
CA VAL C 211 -22.05 -19.37 11.65
C VAL C 211 -23.57 -19.52 11.55
N THR C 212 -24.31 -18.42 11.73
CA THR C 212 -25.77 -18.50 11.73
C THR C 212 -26.29 -18.91 10.35
N ARG C 213 -25.82 -18.23 9.31
CA ARG C 213 -26.28 -18.50 7.95
C ARG C 213 -25.77 -19.85 7.46
N LYS C 214 -24.56 -20.22 7.86
CA LYS C 214 -24.07 -21.56 7.56
C LYS C 214 -25.00 -22.62 8.11
N ILE C 215 -25.49 -22.43 9.34
CA ILE C 215 -26.40 -23.40 9.93
C ILE C 215 -27.73 -23.40 9.20
N SER C 216 -28.31 -22.22 8.96
CA SER C 216 -29.64 -22.22 8.34
C SER C 216 -29.60 -22.74 6.91
N ARG C 217 -28.56 -22.38 6.14
CA ARG C 217 -28.39 -22.97 4.82
C ARG C 217 -28.25 -24.48 4.90
N SER C 218 -27.43 -24.97 5.83
CA SER C 218 -27.15 -26.40 5.89
C SER C 218 -28.34 -27.18 6.39
N VAL C 219 -29.09 -26.62 7.35
CA VAL C 219 -30.32 -27.25 7.79
C VAL C 219 -31.33 -27.29 6.65
N ALA C 220 -31.43 -26.19 5.89
CA ALA C 220 -32.33 -26.17 4.74
C ALA C 220 -31.96 -27.23 3.71
N LYS C 221 -30.66 -27.36 3.40
CA LYS C 221 -30.25 -28.37 2.43
C LYS C 221 -30.50 -29.78 2.95
N ILE C 222 -30.28 -30.02 4.24
CA ILE C 222 -30.54 -31.34 4.80
C ILE C 222 -32.03 -31.68 4.71
N TYR C 223 -32.87 -30.73 5.12
CA TYR C 223 -34.33 -30.87 4.99
C TYR C 223 -34.72 -31.33 3.59
N LEU C 224 -34.05 -30.82 2.56
CA LEU C 224 -34.44 -31.05 1.18
C LEU C 224 -33.69 -32.20 0.54
N GLY C 225 -32.88 -32.93 1.29
CA GLY C 225 -32.12 -34.02 0.71
C GLY C 225 -30.93 -33.61 -0.12
N GLN C 226 -30.57 -32.33 -0.13
CA GLN C 226 -29.40 -31.86 -0.87
C GLN C 226 -28.10 -32.06 -0.12
N LEU C 227 -28.15 -32.40 1.17
CA LEU C 227 -26.99 -32.51 2.02
C LEU C 227 -27.32 -33.50 3.13
N GLU C 228 -26.33 -34.28 3.55
CA GLU C 228 -26.55 -35.21 4.66
C GLU C 228 -25.97 -34.73 5.98
N CYS C 229 -24.87 -33.97 5.93
CA CYS C 229 -24.11 -33.66 7.12
C CYS C 229 -23.29 -32.40 6.84
N PHE C 230 -23.03 -31.61 7.88
CA PHE C 230 -22.12 -30.48 7.73
C PHE C 230 -21.27 -30.35 8.98
N SER C 231 -20.12 -29.70 8.81
CA SER C 231 -19.13 -29.53 9.87
C SER C 231 -19.16 -28.10 10.39
N LEU C 232 -19.05 -27.97 11.70
CA LEU C 232 -18.83 -26.67 12.33
C LEU C 232 -17.47 -26.67 13.02
N GLY C 233 -17.16 -25.54 13.64
CA GLY C 233 -15.99 -25.44 14.48
C GLY C 233 -16.34 -25.54 15.95
N ASN C 234 -16.20 -24.43 16.67
CA ASN C 234 -16.36 -24.43 18.11
C ASN C 234 -17.84 -24.33 18.45
N LEU C 235 -18.44 -25.45 18.86
CA LEU C 235 -19.86 -25.48 19.15
C LEU C 235 -20.25 -24.69 20.38
N ASP C 236 -19.29 -24.39 21.26
CA ASP C 236 -19.60 -23.81 22.57
C ASP C 236 -19.50 -22.29 22.61
N ALA C 237 -19.11 -21.66 21.51
CA ALA C 237 -19.06 -20.20 21.46
C ALA C 237 -20.44 -19.61 21.77
N LYS C 238 -20.46 -18.49 22.49
CA LYS C 238 -21.70 -17.85 22.91
C LYS C 238 -21.75 -16.44 22.35
N ARG C 239 -22.90 -16.05 21.80
CA ARG C 239 -23.02 -14.80 21.08
C ARG C 239 -24.31 -14.08 21.43
N ASP C 240 -24.25 -12.76 21.30
CA ASP C 240 -25.41 -11.87 21.35
C ASP C 240 -25.85 -11.61 19.91
N TRP C 241 -26.96 -12.23 19.48
CA TRP C 241 -27.40 -12.21 18.09
C TRP C 241 -28.69 -11.41 17.93
N GLY C 242 -28.65 -10.39 17.05
CA GLY C 242 -29.83 -9.65 16.69
C GLY C 242 -30.07 -9.65 15.19
N HIS C 243 -31.03 -8.85 14.73
CA HIS C 243 -31.41 -8.80 13.32
C HIS C 243 -30.86 -7.53 12.68
N ALA C 244 -30.24 -7.69 11.51
CA ALA C 244 -29.57 -6.56 10.86
C ALA C 244 -30.53 -5.43 10.54
N LYS C 245 -31.79 -5.74 10.20
CA LYS C 245 -32.74 -4.69 9.87
C LYS C 245 -33.02 -3.78 11.06
N ASP C 246 -33.04 -4.34 12.27
CA ASP C 246 -33.18 -3.49 13.46
C ASP C 246 -31.94 -2.63 13.67
N TYR C 247 -30.76 -3.18 13.39
CA TYR C 247 -29.53 -2.51 13.79
C TYR C 247 -29.15 -1.35 12.87
N VAL C 248 -29.46 -1.45 11.57
CA VAL C 248 -29.15 -0.31 10.70
C VAL C 248 -29.95 0.91 11.14
N GLU C 249 -31.12 0.70 11.73
CA GLU C 249 -31.87 1.83 12.27
C GLU C 249 -31.06 2.53 13.37
N ALA C 250 -30.33 1.77 14.18
CA ALA C 250 -29.49 2.36 15.22
C ALA C 250 -28.36 3.20 14.62
N MET C 251 -27.81 2.80 13.47
CA MET C 251 -26.78 3.61 12.82
C MET C 251 -27.31 5.00 12.51
N TRP C 252 -28.50 5.06 11.93
CA TRP C 252 -29.12 6.33 11.58
C TRP C 252 -29.43 7.17 12.81
N LEU C 253 -29.96 6.55 13.86
CA LEU C 253 -30.27 7.29 15.08
C LEU C 253 -29.01 7.90 15.69
N MET C 254 -27.88 7.19 15.62
CA MET C 254 -26.62 7.73 16.13
C MET C 254 -26.20 8.98 15.37
N LEU C 255 -26.52 9.07 14.08
CA LEU C 255 -26.22 10.30 13.36
C LEU C 255 -27.27 11.39 13.55
N GLN C 256 -28.45 11.05 14.08
CA GLN C 256 -29.44 12.06 14.44
C GLN C 256 -29.19 12.64 15.82
N ASN C 257 -28.26 12.07 16.58
CA ASN C 257 -28.01 12.51 17.93
C ASN C 257 -27.48 13.95 17.94
N ASP C 258 -27.81 14.69 19.00
CA ASP C 258 -27.37 16.08 19.11
C ASP C 258 -25.86 16.18 19.19
N GLU C 259 -25.20 15.19 19.79
CA GLU C 259 -23.76 15.19 19.91
C GLU C 259 -23.20 13.87 19.43
N PRO C 260 -21.98 13.87 18.91
CA PRO C 260 -21.38 12.62 18.43
C PRO C 260 -20.92 11.74 19.58
N GLU C 261 -21.63 10.64 19.80
CA GLU C 261 -21.34 9.70 20.87
C GLU C 261 -21.20 8.30 20.30
N ASP C 262 -20.42 7.47 20.99
CA ASP C 262 -20.29 6.07 20.65
C ASP C 262 -21.30 5.26 21.46
N PHE C 263 -21.86 4.22 20.82
CA PHE C 263 -22.93 3.44 21.42
C PHE C 263 -22.75 1.94 21.17
N VAL C 264 -22.93 1.15 22.21
CA VAL C 264 -23.14 -0.29 22.07
C VAL C 264 -24.58 -0.55 21.61
N ILE C 265 -24.74 -1.48 20.67
CA ILE C 265 -26.04 -1.90 20.14
C ILE C 265 -26.08 -3.40 20.16
N ALA C 266 -27.09 -3.98 20.81
CA ALA C 266 -27.07 -5.41 21.08
C ALA C 266 -28.45 -5.82 21.60
N THR C 267 -28.63 -7.13 21.82
CA THR C 267 -29.85 -7.61 22.45
C THR C 267 -29.71 -7.84 23.94
N GLY C 268 -28.50 -8.11 24.43
CA GLY C 268 -28.29 -8.49 25.81
C GLY C 268 -28.59 -9.94 26.14
N GLU C 269 -29.11 -10.71 25.18
CA GLU C 269 -29.41 -12.13 25.36
C GLU C 269 -28.37 -12.99 24.67
N VAL C 270 -27.87 -14.00 25.38
CA VAL C 270 -26.77 -14.84 24.92
C VAL C 270 -27.30 -16.21 24.53
N HIS C 271 -26.74 -16.77 23.46
CA HIS C 271 -27.01 -18.15 23.06
C HIS C 271 -25.74 -18.74 22.47
N SER C 272 -25.62 -20.06 22.56
CA SER C 272 -24.47 -20.76 22.01
C SER C 272 -24.70 -21.16 20.55
N VAL C 273 -23.60 -21.39 19.84
CA VAL C 273 -23.68 -22.01 18.52
C VAL C 273 -24.45 -23.32 18.61
N ARG C 274 -24.21 -24.09 19.66
CA ARG C 274 -24.94 -25.34 19.86
C ARG C 274 -26.45 -25.10 19.87
N GLU C 275 -26.88 -24.02 20.53
CA GLU C 275 -28.31 -23.74 20.63
C GLU C 275 -28.91 -23.31 19.30
N PHE C 276 -28.15 -22.50 18.53
CA PHE C 276 -28.62 -22.12 17.21
C PHE C 276 -28.83 -23.35 16.33
N VAL C 277 -27.91 -24.31 16.41
CA VAL C 277 -28.05 -25.56 15.68
C VAL C 277 -29.33 -26.28 16.11
N GLU C 278 -29.53 -26.42 17.43
CA GLU C 278 -30.69 -27.16 17.92
C GLU C 278 -32.00 -26.49 17.50
N LYS C 279 -32.09 -25.17 17.66
CA LYS C 279 -33.31 -24.47 17.30
C LYS C 279 -33.58 -24.57 15.81
N SER C 280 -32.56 -24.40 14.97
CA SER C 280 -32.73 -24.49 13.52
C SER C 280 -33.29 -25.85 13.13
N PHE C 281 -32.72 -26.93 13.68
CA PHE C 281 -33.17 -28.27 13.32
C PHE C 281 -34.59 -28.53 13.81
N LEU C 282 -34.99 -27.94 14.95
CA LEU C 282 -36.37 -28.07 15.39
C LEU C 282 -37.36 -27.50 14.39
N HIS C 283 -36.94 -26.50 13.62
CA HIS C 283 -37.87 -25.93 12.65
C HIS C 283 -38.15 -26.84 11.48
N ILE C 284 -37.26 -27.78 11.18
CA ILE C 284 -37.55 -28.81 10.19
C ILE C 284 -37.98 -30.11 10.87
N GLY C 285 -38.36 -30.06 12.14
CA GLY C 285 -38.89 -31.21 12.83
C GLY C 285 -37.87 -32.24 13.26
N LYS C 286 -36.65 -31.82 13.56
CA LYS C 286 -35.59 -32.74 13.95
C LYS C 286 -35.01 -32.30 15.28
N THR C 287 -34.85 -33.24 16.20
CA THR C 287 -34.20 -33.00 17.49
C THR C 287 -32.76 -33.49 17.40
N ILE C 288 -31.81 -32.61 17.67
CA ILE C 288 -30.40 -32.97 17.65
C ILE C 288 -29.97 -33.40 19.05
N VAL C 289 -29.31 -34.55 19.12
CA VAL C 289 -28.72 -35.08 20.34
C VAL C 289 -27.23 -35.20 20.12
N TRP C 290 -26.45 -34.64 21.04
CA TRP C 290 -24.99 -34.58 20.89
C TRP C 290 -24.34 -35.80 21.52
N GLU C 291 -23.35 -36.36 20.82
CA GLU C 291 -22.54 -37.46 21.29
C GLU C 291 -21.07 -37.11 21.09
N GLY C 292 -20.22 -37.53 22.02
CA GLY C 292 -18.79 -37.31 21.88
C GLY C 292 -18.37 -35.94 22.37
N LYS C 293 -17.06 -35.71 22.32
CA LYS C 293 -16.47 -34.46 22.80
C LYS C 293 -15.39 -33.99 21.85
N ASN C 294 -15.16 -32.68 21.86
CA ASN C 294 -14.05 -32.02 21.15
C ASN C 294 -14.26 -32.21 19.64
N GLU C 295 -13.20 -32.47 18.87
CA GLU C 295 -13.39 -32.63 17.43
C GLU C 295 -14.09 -33.92 17.07
N ASN C 296 -14.45 -34.75 18.05
CA ASN C 296 -15.18 -35.99 17.77
C ASN C 296 -16.65 -35.89 18.14
N GLU C 297 -17.08 -34.73 18.62
CA GLU C 297 -18.49 -34.54 18.91
C GLU C 297 -19.29 -34.51 17.59
N VAL C 298 -20.46 -35.16 17.62
CA VAL C 298 -21.37 -35.17 16.49
C VAL C 298 -22.78 -34.92 17.01
N GLY C 299 -23.59 -34.27 16.19
CA GLY C 299 -25.00 -34.06 16.49
C GLY C 299 -25.83 -35.01 15.67
N ARG C 300 -26.70 -35.75 16.34
CA ARG C 300 -27.49 -36.80 15.71
C ARG C 300 -28.96 -36.46 15.81
N CYS C 301 -29.70 -36.73 14.74
CA CYS C 301 -31.14 -36.55 14.78
C CYS C 301 -31.75 -37.64 15.65
N LYS C 302 -32.45 -37.25 16.71
CA LYS C 302 -33.05 -38.25 17.59
C LYS C 302 -34.06 -39.11 16.84
N GLU C 303 -34.90 -38.49 16.02
CA GLU C 303 -36.01 -39.20 15.39
C GLU C 303 -35.53 -40.26 14.40
N THR C 304 -34.43 -39.98 13.68
CA THR C 304 -33.97 -40.87 12.62
C THR C 304 -32.64 -41.56 12.93
N GLY C 305 -31.88 -41.08 13.92
CA GLY C 305 -30.58 -41.65 14.19
C GLY C 305 -29.48 -41.25 13.24
N LYS C 306 -29.73 -40.33 12.31
CA LYS C 306 -28.72 -39.88 11.35
C LYS C 306 -27.87 -38.76 11.96
N VAL C 307 -26.55 -38.88 11.82
CA VAL C 307 -25.64 -37.80 12.18
C VAL C 307 -25.73 -36.70 11.15
N HIS C 308 -26.12 -35.50 11.58
CA HIS C 308 -26.19 -34.34 10.70
C HIS C 308 -25.14 -33.26 10.95
N VAL C 309 -24.48 -33.25 12.11
CA VAL C 309 -23.48 -32.23 12.44
C VAL C 309 -22.21 -32.90 12.93
N THR C 310 -21.06 -32.51 12.37
CA THR C 310 -19.75 -32.90 12.87
C THR C 310 -18.92 -31.65 13.16
N VAL C 311 -17.73 -31.89 13.72
CA VAL C 311 -16.81 -30.82 14.09
C VAL C 311 -15.54 -30.99 13.28
N ASP C 312 -15.05 -29.90 12.69
CA ASP C 312 -13.79 -29.89 11.96
C ASP C 312 -12.93 -28.77 12.52
N LEU C 313 -11.71 -29.12 12.93
CA LEU C 313 -10.83 -28.14 13.55
C LEU C 313 -10.46 -27.01 12.60
N LYS C 314 -10.62 -27.19 11.28
CA LYS C 314 -10.29 -26.14 10.34
C LYS C 314 -11.21 -24.92 10.48
N TYR C 315 -12.35 -25.07 11.16
CA TYR C 315 -13.23 -23.93 11.39
C TYR C 315 -12.98 -23.24 12.72
N TYR C 316 -12.11 -23.79 13.56
CA TYR C 316 -11.70 -23.10 14.77
C TYR C 316 -10.87 -21.85 14.42
N ARG C 317 -10.78 -20.94 15.39
CA ARG C 317 -9.90 -19.78 15.31
C ARG C 317 -8.76 -19.93 16.30
N PRO C 318 -7.54 -19.55 15.92
CA PRO C 318 -6.40 -19.71 16.84
C PRO C 318 -6.62 -19.01 18.17
N THR C 319 -7.30 -17.85 18.18
CA THR C 319 -7.62 -17.11 19.40
C THR C 319 -9.13 -16.83 19.36
N GLU C 320 -9.89 -17.71 19.98
CA GLU C 320 -11.34 -17.64 19.95
C GLU C 320 -11.86 -16.49 20.80
N VAL C 321 -13.06 -16.01 20.45
CA VAL C 321 -13.82 -15.06 21.24
C VAL C 321 -14.96 -15.88 21.87
N ASP C 322 -14.81 -16.24 23.14
CA ASP C 322 -15.64 -17.29 23.72
C ASP C 322 -17.05 -16.81 24.00
N PHE C 323 -17.22 -15.53 24.30
CA PHE C 323 -18.44 -15.05 24.93
C PHE C 323 -18.64 -13.57 24.64
N LEU C 324 -19.82 -13.21 24.14
CA LEU C 324 -20.18 -11.81 23.95
C LEU C 324 -21.59 -11.56 24.45
N GLN C 325 -21.76 -10.47 25.18
CA GLN C 325 -23.06 -10.05 25.69
C GLN C 325 -23.06 -8.54 25.82
N GLY C 326 -23.92 -7.87 25.06
CA GLY C 326 -23.90 -6.41 25.01
C GLY C 326 -24.88 -5.77 25.99
N ASP C 327 -24.43 -4.69 26.62
CA ASP C 327 -25.29 -3.84 27.45
C ASP C 327 -25.49 -2.53 26.69
N CYS C 328 -26.67 -2.38 26.09
CA CYS C 328 -27.00 -1.18 25.32
C CYS C 328 -27.87 -0.21 26.12
N THR C 329 -27.70 -0.16 27.44
CA THR C 329 -28.43 0.78 28.28
C THR C 329 -28.32 2.21 27.74
N LYS C 330 -27.10 2.62 27.37
CA LYS C 330 -26.88 4.00 26.94
C LYS C 330 -27.67 4.35 25.69
N ALA C 331 -27.69 3.45 24.69
CA ALA C 331 -28.47 3.70 23.49
C ALA C 331 -29.96 3.66 23.78
N LYS C 332 -30.40 2.77 24.68
CA LYS C 332 -31.82 2.76 25.05
C LYS C 332 -32.23 4.08 25.64
N GLN C 333 -31.39 4.66 26.50
CA GLN C 333 -31.70 5.93 27.15
C GLN C 333 -31.64 7.10 26.17
N LYS C 334 -30.58 7.18 25.37
CA LYS C 334 -30.38 8.38 24.55
C LYS C 334 -30.99 8.29 23.16
N LEU C 335 -31.00 7.11 22.53
CA LEU C 335 -31.55 7.02 21.18
C LEU C 335 -32.96 6.48 21.15
N ASN C 336 -33.49 6.02 22.28
CA ASN C 336 -34.78 5.32 22.33
C ASN C 336 -34.82 4.15 21.33
N TRP C 337 -33.69 3.45 21.20
CA TRP C 337 -33.58 2.30 20.33
C TRP C 337 -33.91 1.02 21.09
N LYS C 338 -34.71 0.15 20.46
CA LYS C 338 -35.12 -1.12 21.06
C LYS C 338 -35.04 -2.20 19.97
N PRO C 339 -34.40 -3.33 20.25
CA PRO C 339 -34.45 -4.44 19.29
C PRO C 339 -35.88 -4.96 19.13
N ARG C 340 -36.25 -5.29 17.90
CA ARG C 340 -37.58 -5.82 17.61
C ARG C 340 -37.60 -7.34 17.46
N VAL C 341 -36.59 -7.92 16.80
CA VAL C 341 -36.55 -9.35 16.54
C VAL C 341 -35.72 -10.03 17.62
N ALA C 342 -36.29 -11.05 18.26
CA ALA C 342 -35.59 -11.85 19.25
C ALA C 342 -35.01 -13.11 18.63
N PHE C 343 -34.09 -13.74 19.37
CA PHE C 343 -33.28 -14.85 18.85
C PHE C 343 -34.14 -15.95 18.23
N ASP C 344 -35.19 -16.38 18.93
CA ASP C 344 -36.03 -17.46 18.40
C ASP C 344 -36.61 -17.10 17.05
N GLU C 345 -37.11 -15.87 16.91
CA GLU C 345 -37.70 -15.45 15.65
C GLU C 345 -36.65 -15.35 14.55
N LEU C 346 -35.44 -14.89 14.90
CA LEU C 346 -34.36 -14.78 13.92
C LEU C 346 -34.02 -16.15 13.33
N VAL C 347 -33.96 -17.17 14.19
CA VAL C 347 -33.67 -18.53 13.74
C VAL C 347 -34.76 -19.01 12.78
N ARG C 348 -36.03 -18.86 13.18
CA ARG C 348 -37.14 -19.26 12.33
C ARG C 348 -37.09 -18.56 10.98
N GLU C 349 -36.85 -17.25 11.00
CA GLU C 349 -36.85 -16.48 9.76
C GLU C 349 -35.73 -16.94 8.83
N MET C 350 -34.54 -17.21 9.38
CA MET C 350 -33.42 -17.61 8.54
C MET C 350 -33.59 -19.03 8.00
N VAL C 351 -34.05 -19.97 8.83
CA VAL C 351 -34.29 -21.32 8.33
C VAL C 351 -35.38 -21.29 7.27
N HIS C 352 -36.46 -20.57 7.53
CA HIS C 352 -37.57 -20.53 6.59
C HIS C 352 -37.14 -19.91 5.27
N ALA C 353 -36.36 -18.83 5.32
CA ALA C 353 -35.91 -18.19 4.09
C ALA C 353 -34.98 -19.09 3.29
N ASP C 354 -34.12 -19.85 3.98
CA ASP C 354 -33.17 -20.69 3.25
C ASP C 354 -33.81 -21.97 2.72
N VAL C 355 -34.85 -22.50 3.38
CA VAL C 355 -35.59 -23.61 2.79
C VAL C 355 -36.14 -23.20 1.43
N GLU C 356 -36.76 -22.02 1.37
CA GLU C 356 -37.28 -21.53 0.10
C GLU C 356 -36.19 -21.37 -0.94
N LEU C 357 -35.08 -20.73 -0.55
CA LEU C 357 -33.96 -20.54 -1.46
C LEU C 357 -33.45 -21.87 -2.02
N MET C 358 -33.20 -22.84 -1.14
CA MET C 358 -32.63 -24.09 -1.59
C MET C 358 -33.61 -24.89 -2.45
N ARG C 359 -34.92 -24.80 -2.17
CA ARG C 359 -35.88 -25.53 -2.98
C ARG C 359 -35.93 -24.98 -4.40
N THR C 360 -35.84 -23.65 -4.53
CA THR C 360 -35.80 -23.01 -5.83
C THR C 360 -34.50 -23.32 -6.56
N ASN C 361 -33.37 -23.32 -5.85
CA ASN C 361 -32.06 -23.48 -6.50
C ASN C 361 -31.15 -24.36 -5.65
N PRO C 362 -31.09 -25.67 -5.94
CA PRO C 362 -30.24 -26.56 -5.13
C PRO C 362 -28.76 -26.20 -5.14
N ASN C 363 -28.32 -25.37 -6.08
CA ASN C 363 -26.92 -24.97 -6.14
C ASN C 363 -26.64 -23.69 -5.38
N ALA C 364 -27.67 -23.10 -4.75
CA ALA C 364 -27.50 -21.86 -4.01
C ALA C 364 -26.65 -22.07 -2.77
N GLY D 14 5.53 -36.18 -13.40
CA GLY D 14 4.19 -36.27 -13.94
C GLY D 14 3.16 -35.50 -13.14
N ARG D 15 3.60 -34.88 -12.05
CA ARG D 15 2.72 -34.07 -11.21
C ARG D 15 2.33 -32.80 -11.96
N ASN D 16 1.02 -32.55 -12.08
CA ASN D 16 0.48 -31.40 -12.82
C ASN D 16 -0.46 -30.65 -11.88
N VAL D 17 0.03 -29.55 -11.29
CA VAL D 17 -0.75 -28.78 -10.32
C VAL D 17 -0.70 -27.33 -10.77
N ALA D 18 -1.84 -26.79 -11.17
CA ALA D 18 -1.95 -25.39 -11.57
C ALA D 18 -2.46 -24.52 -10.44
N LEU D 19 -1.96 -23.30 -10.38
CA LEU D 19 -2.51 -22.24 -9.54
C LEU D 19 -2.96 -21.09 -10.43
N ILE D 20 -4.26 -20.79 -10.38
CA ILE D 20 -4.85 -19.75 -11.19
C ILE D 20 -5.25 -18.62 -10.25
N THR D 21 -4.59 -17.48 -10.36
CA THR D 21 -5.20 -16.26 -9.83
C THR D 21 -6.25 -15.75 -10.81
N GLY D 22 -7.32 -15.16 -10.28
CA GLY D 22 -8.40 -14.75 -11.17
C GLY D 22 -9.25 -15.90 -11.67
N ILE D 23 -9.31 -17.00 -10.90
CA ILE D 23 -10.06 -18.16 -11.35
C ILE D 23 -11.56 -17.88 -11.46
N THR D 24 -12.08 -16.86 -10.77
CA THR D 24 -13.51 -16.59 -10.85
C THR D 24 -13.91 -15.82 -12.09
N GLY D 25 -12.96 -15.25 -12.84
CA GLY D 25 -13.26 -14.44 -13.99
C GLY D 25 -13.58 -15.28 -15.23
N GLN D 26 -13.82 -14.58 -16.34
CA GLN D 26 -14.13 -15.26 -17.60
C GLN D 26 -13.05 -16.29 -17.94
N ASP D 27 -11.81 -15.82 -18.09
CA ASP D 27 -10.74 -16.70 -18.56
C ASP D 27 -10.45 -17.81 -17.56
N GLY D 28 -10.38 -17.46 -16.27
CA GLY D 28 -10.11 -18.47 -15.25
C GLY D 28 -11.11 -19.61 -15.29
N SER D 29 -12.37 -19.31 -15.57
CA SER D 29 -13.37 -20.38 -15.53
C SER D 29 -13.19 -21.32 -16.72
N TYR D 30 -12.88 -20.78 -17.90
CA TYR D 30 -12.58 -21.63 -19.05
C TYR D 30 -11.27 -22.38 -18.85
N LEU D 31 -10.26 -21.72 -18.27
CA LEU D 31 -8.97 -22.38 -18.07
C LEU D 31 -9.07 -23.48 -17.02
N ALA D 32 -9.80 -23.23 -15.94
CA ALA D 32 -10.00 -24.29 -14.96
C ALA D 32 -10.60 -25.54 -15.62
N GLU D 33 -11.62 -25.37 -16.46
CA GLU D 33 -12.21 -26.51 -17.15
C GLU D 33 -11.19 -27.20 -18.04
N PHE D 34 -10.41 -26.42 -18.80
CA PHE D 34 -9.44 -26.97 -19.73
C PHE D 34 -8.40 -27.79 -18.98
N LEU D 35 -7.88 -27.26 -17.86
CA LEU D 35 -6.83 -27.96 -17.13
C LEU D 35 -7.39 -29.17 -16.38
N LEU D 36 -8.58 -29.06 -15.81
CA LEU D 36 -9.23 -30.22 -15.22
C LEU D 36 -9.40 -31.32 -16.26
N GLU D 37 -9.83 -30.96 -17.47
CA GLU D 37 -10.00 -31.96 -18.53
C GLU D 37 -8.67 -32.67 -18.83
N LYS D 38 -7.56 -31.97 -18.66
CA LYS D 38 -6.25 -32.57 -18.88
C LYS D 38 -5.70 -33.24 -17.63
N GLY D 39 -6.52 -33.41 -16.60
CA GLY D 39 -6.11 -34.17 -15.44
C GLY D 39 -5.32 -33.38 -14.41
N TYR D 40 -5.27 -32.06 -14.53
CA TYR D 40 -4.57 -31.24 -13.55
C TYR D 40 -5.33 -31.21 -12.24
N GLU D 41 -4.58 -31.12 -11.15
CA GLU D 41 -5.15 -30.62 -9.90
C GLU D 41 -5.10 -29.09 -9.97
N VAL D 42 -6.27 -28.44 -9.90
CA VAL D 42 -6.39 -27.01 -10.17
C VAL D 42 -6.69 -26.29 -8.87
N HIS D 43 -5.83 -25.35 -8.50
CA HIS D 43 -6.05 -24.49 -7.34
C HIS D 43 -6.32 -23.08 -7.83
N GLY D 44 -7.21 -22.37 -7.15
CA GLY D 44 -7.52 -21.01 -7.50
C GLY D 44 -7.48 -20.12 -6.28
N ILE D 45 -7.18 -18.85 -6.51
CA ILE D 45 -7.25 -17.85 -5.44
C ILE D 45 -8.51 -17.03 -5.66
N VAL D 46 -9.37 -16.98 -4.64
CA VAL D 46 -10.63 -16.27 -4.75
C VAL D 46 -10.65 -15.13 -3.73
N ARG D 47 -11.20 -13.98 -4.13
CA ARG D 47 -11.32 -12.88 -3.19
C ARG D 47 -12.42 -13.17 -2.19
N ARG D 48 -12.19 -12.80 -0.94
CA ARG D 48 -13.30 -12.73 0.00
C ARG D 48 -14.30 -11.70 -0.51
N SER D 49 -15.57 -12.06 -0.57
CA SER D 49 -16.60 -11.09 -0.90
C SER D 49 -17.84 -11.32 -0.05
N SER D 50 -18.63 -10.26 0.14
CA SER D 50 -19.78 -10.35 1.05
C SER D 50 -20.82 -11.34 0.53
N SER D 51 -20.85 -11.59 -0.78
CA SER D 51 -21.62 -12.67 -1.38
C SER D 51 -20.65 -13.53 -2.17
N PHE D 52 -21.04 -14.75 -2.50
CA PHE D 52 -20.10 -15.58 -3.22
C PHE D 52 -19.91 -15.07 -4.65
N ASN D 53 -18.67 -15.15 -5.13
CA ASN D 53 -18.29 -14.65 -6.44
C ASN D 53 -17.86 -15.79 -7.35
N THR D 54 -18.24 -17.02 -7.02
CA THR D 54 -17.76 -18.21 -7.70
C THR D 54 -18.74 -18.75 -8.74
N GLY D 55 -19.74 -17.96 -9.14
CA GLY D 55 -20.79 -18.45 -10.02
C GLY D 55 -20.29 -19.08 -11.32
N ARG D 56 -19.16 -18.61 -11.84
CA ARG D 56 -18.65 -19.18 -13.08
C ARG D 56 -18.03 -20.56 -12.91
N ILE D 57 -17.67 -20.95 -11.70
CA ILE D 57 -16.89 -22.17 -11.52
C ILE D 57 -17.58 -23.08 -10.52
N GLU D 58 -18.80 -22.72 -10.12
CA GLU D 58 -19.55 -23.51 -9.14
C GLU D 58 -19.85 -24.90 -9.67
N HIS D 59 -20.03 -25.04 -10.98
CA HIS D 59 -20.23 -26.36 -11.57
C HIS D 59 -18.97 -27.23 -11.50
N LEU D 60 -17.82 -26.68 -11.11
CA LEU D 60 -16.60 -27.49 -11.01
C LEU D 60 -16.36 -28.03 -9.60
N TYR D 61 -17.27 -27.81 -8.67
CA TYR D 61 -17.25 -28.56 -7.42
C TYR D 61 -17.58 -30.02 -7.69
N LYS D 62 -16.98 -30.91 -6.90
CA LYS D 62 -17.35 -32.33 -6.98
C LYS D 62 -18.84 -32.50 -6.74
N ASN D 63 -19.37 -31.83 -5.71
CA ASN D 63 -20.82 -31.76 -5.48
C ASN D 63 -21.22 -30.29 -5.52
N PRO D 64 -21.79 -29.82 -6.63
CA PRO D 64 -22.22 -28.41 -6.71
C PRO D 64 -23.31 -28.04 -5.72
N GLN D 65 -24.09 -29.01 -5.23
CA GLN D 65 -25.18 -28.70 -4.31
C GLN D 65 -24.67 -28.47 -2.90
N ALA D 66 -23.58 -29.13 -2.52
CA ALA D 66 -22.97 -28.97 -1.22
C ALA D 66 -21.69 -28.15 -1.27
N HIS D 67 -21.25 -27.72 -2.45
CA HIS D 67 -20.00 -26.97 -2.63
C HIS D 67 -18.82 -27.67 -1.96
N ILE D 68 -18.73 -28.98 -2.21
CA ILE D 68 -17.60 -29.80 -1.78
C ILE D 68 -16.62 -29.90 -2.94
N GLU D 69 -15.34 -29.68 -2.65
CA GLU D 69 -14.36 -29.65 -3.71
C GLU D 69 -13.91 -31.05 -4.11
N GLY D 70 -13.62 -31.22 -5.40
CA GLY D 70 -12.92 -32.37 -5.90
C GLY D 70 -11.52 -31.98 -6.35
N ASN D 71 -11.26 -32.00 -7.66
CA ASN D 71 -9.95 -31.67 -8.20
C ASN D 71 -9.72 -30.18 -8.41
N MET D 72 -10.72 -29.33 -8.16
CA MET D 72 -10.52 -27.87 -8.17
C MET D 72 -10.68 -27.38 -6.73
N LYS D 73 -9.62 -26.79 -6.18
CA LYS D 73 -9.58 -26.39 -4.78
C LYS D 73 -9.34 -24.89 -4.68
N LEU D 74 -10.10 -24.22 -3.82
CA LEU D 74 -10.13 -22.77 -3.79
C LEU D 74 -9.47 -22.23 -2.52
N HIS D 75 -8.86 -21.04 -2.64
CA HIS D 75 -8.17 -20.43 -1.52
C HIS D 75 -8.53 -18.95 -1.46
N TYR D 76 -8.93 -18.47 -0.29
CA TYR D 76 -9.12 -17.04 -0.12
C TYR D 76 -7.78 -16.33 -0.17
N GLY D 77 -7.71 -15.22 -0.91
CA GLY D 77 -6.47 -14.50 -1.05
C GLY D 77 -6.70 -13.22 -1.82
N ASP D 78 -5.63 -12.45 -1.96
CA ASP D 78 -5.67 -11.21 -2.72
C ASP D 78 -4.28 -10.89 -3.23
N LEU D 79 -4.22 -10.41 -4.48
CA LEU D 79 -2.93 -10.06 -5.07
C LEU D 79 -2.25 -8.90 -4.36
N THR D 80 -2.92 -8.22 -3.44
CA THR D 80 -2.29 -7.15 -2.71
C THR D 80 -1.81 -7.59 -1.34
N ASP D 81 -1.95 -8.87 -0.99
CA ASP D 81 -1.54 -9.38 0.33
C ASP D 81 -0.38 -10.35 0.13
N SER D 82 0.84 -9.84 0.28
CA SER D 82 2.05 -10.62 0.02
C SER D 82 2.05 -11.93 0.80
N THR D 83 1.72 -11.86 2.10
CA THR D 83 1.83 -13.04 2.95
C THR D 83 0.88 -14.15 2.51
N CYS D 84 -0.36 -13.81 2.12
CA CYS D 84 -1.27 -14.87 1.73
C CYS D 84 -0.80 -15.57 0.47
N LEU D 85 -0.19 -14.82 -0.46
CA LEU D 85 0.32 -15.44 -1.69
C LEU D 85 1.43 -16.44 -1.39
N VAL D 86 2.37 -16.07 -0.50
CA VAL D 86 3.44 -16.98 -0.11
C VAL D 86 2.85 -18.23 0.55
N LYS D 87 1.92 -18.04 1.48
CA LYS D 87 1.34 -19.18 2.17
C LYS D 87 0.65 -20.13 1.19
N ILE D 88 -0.13 -19.58 0.25
CA ILE D 88 -0.88 -20.42 -0.70
C ILE D 88 0.09 -21.13 -1.64
N ILE D 89 1.06 -20.41 -2.17
CA ILE D 89 2.01 -21.04 -3.09
C ILE D 89 2.83 -22.10 -2.34
N ASN D 90 3.20 -21.80 -1.10
CA ASN D 90 3.98 -22.77 -0.33
C ASN D 90 3.19 -24.05 -0.04
N GLU D 91 1.89 -23.92 0.22
CA GLU D 91 1.07 -25.09 0.49
C GLU D 91 0.76 -25.88 -0.77
N VAL D 92 0.52 -25.18 -1.88
CA VAL D 92 0.08 -25.83 -3.10
C VAL D 92 1.26 -26.43 -3.86
N LYS D 93 2.41 -25.76 -3.84
CA LYS D 93 3.57 -26.15 -4.62
C LYS D 93 3.16 -26.39 -6.08
N PRO D 94 2.66 -25.38 -6.76
CA PRO D 94 2.17 -25.60 -8.14
C PRO D 94 3.32 -25.84 -9.11
N THR D 95 3.03 -26.56 -10.18
CA THR D 95 3.97 -26.65 -11.29
C THR D 95 3.72 -25.59 -12.35
N GLU D 96 2.49 -25.08 -12.43
CA GLU D 96 2.13 -24.01 -13.34
C GLU D 96 1.32 -22.97 -12.59
N ILE D 97 1.63 -21.70 -12.82
CA ILE D 97 0.90 -20.58 -12.23
C ILE D 97 0.40 -19.71 -13.35
N TYR D 98 -0.90 -19.41 -13.35
CA TYR D 98 -1.49 -18.52 -14.34
C TYR D 98 -2.00 -17.29 -13.61
N ASN D 99 -1.34 -16.15 -13.83
CA ASN D 99 -1.74 -14.92 -13.15
C ASN D 99 -2.77 -14.18 -13.99
N LEU D 100 -4.03 -14.58 -13.83
CA LEU D 100 -5.12 -13.91 -14.52
C LEU D 100 -5.82 -12.88 -13.66
N GLY D 101 -5.47 -12.80 -12.36
CA GLY D 101 -6.19 -11.89 -11.47
C GLY D 101 -5.89 -10.43 -11.79
N ALA D 102 -6.94 -9.63 -11.95
CA ALA D 102 -6.75 -8.22 -12.28
C ALA D 102 -8.05 -7.46 -12.16
N GLN D 103 -7.93 -6.17 -11.85
CA GLN D 103 -8.94 -5.20 -12.27
C GLN D 103 -8.79 -5.03 -13.77
N SER D 104 -9.70 -5.63 -14.54
CA SER D 104 -9.45 -5.82 -15.97
C SER D 104 -10.19 -4.83 -16.86
N HIS D 105 -10.90 -3.86 -16.29
CA HIS D 105 -11.77 -2.97 -17.06
C HIS D 105 -11.07 -1.65 -17.34
N VAL D 106 -10.98 -1.28 -18.62
CA VAL D 106 -10.20 -0.12 -19.01
C VAL D 106 -10.90 1.17 -18.57
N LYS D 107 -12.20 1.27 -18.80
CA LYS D 107 -12.91 2.49 -18.41
C LYS D 107 -12.86 2.72 -16.91
N ILE D 108 -13.09 1.67 -16.13
CA ILE D 108 -13.07 1.81 -14.67
C ILE D 108 -11.68 2.20 -14.20
N SER D 109 -10.65 1.78 -14.92
CA SER D 109 -9.28 2.05 -14.49
C SER D 109 -8.96 3.53 -14.44
N PHE D 110 -9.71 4.37 -15.18
CA PHE D 110 -9.40 5.80 -15.18
C PHE D 110 -9.72 6.47 -13.84
N ASP D 111 -10.73 6.01 -13.11
CA ASP D 111 -11.01 6.55 -11.78
C ASP D 111 -10.66 5.58 -10.66
N LEU D 112 -10.07 4.44 -10.98
CA LEU D 112 -9.53 3.47 -10.04
C LEU D 112 -8.07 3.21 -10.35
N ALA D 113 -7.34 4.28 -10.64
CA ALA D 113 -6.01 4.15 -11.23
C ALA D 113 -5.01 3.56 -10.25
N GLU D 114 -5.09 3.96 -8.97
CA GLU D 114 -4.11 3.45 -8.00
C GLU D 114 -4.38 2.00 -7.64
N TYR D 115 -5.64 1.66 -7.39
CA TYR D 115 -5.99 0.26 -7.14
C TYR D 115 -5.58 -0.61 -8.32
N THR D 116 -5.81 -0.13 -9.55
CA THR D 116 -5.44 -0.91 -10.72
C THR D 116 -3.93 -1.12 -10.81
N ALA D 117 -3.15 -0.10 -10.42
CA ALA D 117 -1.71 -0.26 -10.42
C ALA D 117 -1.28 -1.26 -9.36
N ASP D 118 -1.91 -1.21 -8.18
CA ASP D 118 -1.47 -2.08 -7.09
C ASP D 118 -1.77 -3.54 -7.39
N VAL D 119 -2.91 -3.82 -8.02
CA VAL D 119 -3.32 -5.19 -8.31
C VAL D 119 -2.67 -5.70 -9.59
N ASP D 120 -2.78 -4.93 -10.68
CA ASP D 120 -2.36 -5.43 -11.98
C ASP D 120 -0.85 -5.35 -12.16
N GLY D 121 -0.22 -4.32 -11.58
CA GLY D 121 1.21 -4.13 -11.71
C GLY D 121 1.98 -4.70 -10.53
N VAL D 122 1.89 -4.04 -9.37
CA VAL D 122 2.63 -4.52 -8.21
C VAL D 122 2.19 -5.94 -7.84
N GLY D 123 0.90 -6.25 -8.02
CA GLY D 123 0.42 -7.59 -7.69
C GLY D 123 1.15 -8.68 -8.47
N THR D 124 1.53 -8.40 -9.71
CA THR D 124 2.33 -9.34 -10.48
C THR D 124 3.69 -9.55 -9.85
N LEU D 125 4.34 -8.46 -9.45
CA LEU D 125 5.60 -8.55 -8.72
C LEU D 125 5.42 -9.40 -7.46
N ARG D 126 4.37 -9.11 -6.67
CA ARG D 126 4.15 -9.86 -5.45
C ARG D 126 4.03 -11.36 -5.71
N LEU D 127 3.33 -11.73 -6.80
CA LEU D 127 3.20 -13.15 -7.10
C LEU D 127 4.55 -13.74 -7.52
N LEU D 128 5.32 -13.00 -8.32
CA LEU D 128 6.64 -13.49 -8.72
C LEU D 128 7.56 -13.63 -7.50
N ASP D 129 7.58 -12.61 -6.63
CA ASP D 129 8.41 -12.70 -5.43
C ASP D 129 7.96 -13.82 -4.50
N ALA D 130 6.66 -14.15 -4.50
CA ALA D 130 6.20 -15.29 -3.71
C ALA D 130 6.77 -16.60 -4.24
N VAL D 131 6.80 -16.77 -5.57
CA VAL D 131 7.44 -17.95 -6.14
C VAL D 131 8.89 -18.04 -5.69
N LYS D 132 9.62 -16.92 -5.81
CA LYS D 132 11.03 -16.89 -5.44
C LYS D 132 11.21 -17.17 -3.96
N THR D 133 10.44 -16.49 -3.11
CA THR D 133 10.47 -16.73 -1.67
C THR D 133 10.26 -18.20 -1.34
N CYS D 134 9.40 -18.88 -2.09
CA CYS D 134 9.06 -20.28 -1.82
C CYS D 134 10.07 -21.28 -2.36
N GLY D 135 11.17 -20.80 -2.95
CA GLY D 135 12.18 -21.70 -3.49
C GLY D 135 11.76 -22.42 -4.76
N LEU D 136 10.82 -21.87 -5.51
CA LEU D 136 10.20 -22.58 -6.62
C LEU D 136 10.56 -21.99 -7.99
N ILE D 137 11.49 -21.02 -8.04
CA ILE D 137 11.89 -20.41 -9.32
C ILE D 137 12.27 -21.49 -10.33
N ASN D 138 12.86 -22.58 -9.86
CA ASN D 138 13.29 -23.66 -10.74
C ASN D 138 12.20 -24.68 -11.01
N SER D 139 11.10 -24.68 -10.23
CA SER D 139 10.07 -25.69 -10.31
C SER D 139 8.76 -25.21 -10.94
N VAL D 140 8.61 -23.91 -11.19
CA VAL D 140 7.33 -23.32 -11.59
C VAL D 140 7.45 -22.78 -13.01
N LYS D 141 6.40 -22.97 -13.80
CA LYS D 141 6.22 -22.22 -15.04
C LYS D 141 5.11 -21.20 -14.82
N PHE D 142 5.39 -19.94 -15.21
CA PHE D 142 4.59 -18.79 -14.82
C PHE D 142 4.01 -18.13 -16.07
N TYR D 143 2.68 -18.01 -16.13
CA TYR D 143 1.99 -17.32 -17.21
C TYR D 143 1.47 -15.98 -16.71
N GLN D 144 1.84 -14.89 -17.39
CA GLN D 144 1.29 -13.57 -17.10
C GLN D 144 0.25 -13.19 -18.15
N ALA D 145 -0.92 -12.73 -17.66
CA ALA D 145 -2.03 -12.28 -18.52
C ALA D 145 -1.73 -10.88 -19.08
N SER D 146 -0.87 -10.84 -20.10
CA SER D 146 -0.64 -9.57 -20.78
C SER D 146 -1.76 -9.33 -21.80
N THR D 147 -1.70 -8.18 -22.48
CA THR D 147 -2.90 -7.71 -23.15
C THR D 147 -2.54 -6.81 -24.33
N SER D 148 -3.40 -6.84 -25.36
CA SER D 148 -3.22 -5.93 -26.49
C SER D 148 -3.38 -4.46 -26.12
N GLU D 149 -4.01 -4.14 -24.97
CA GLU D 149 -4.04 -2.76 -24.50
C GLU D 149 -2.64 -2.17 -24.34
N LEU D 150 -1.62 -3.00 -24.17
CA LEU D 150 -0.24 -2.53 -24.14
C LEU D 150 0.11 -1.76 -25.39
N TYR D 151 -0.43 -2.16 -26.54
CA TYR D 151 -0.10 -1.48 -27.78
C TYR D 151 -0.77 -0.10 -27.85
N GLY D 152 -1.94 0.04 -27.22
CA GLY D 152 -2.62 1.32 -27.09
C GLY D 152 -2.74 2.08 -28.38
N LYS D 153 -2.06 3.22 -28.48
CA LYS D 153 -1.96 3.94 -29.74
C LYS D 153 -0.94 3.21 -30.60
N VAL D 154 -1.41 2.31 -31.48
CA VAL D 154 -0.55 1.28 -32.03
C VAL D 154 0.62 1.89 -32.80
N GLN D 155 1.80 1.30 -32.61
CA GLN D 155 3.03 1.78 -33.23
C GLN D 155 3.39 1.02 -34.50
N GLU D 156 2.78 -0.15 -34.70
CA GLU D 156 2.91 -0.93 -35.93
C GLU D 156 1.53 -1.51 -36.23
N ILE D 157 1.29 -1.78 -37.51
CA ILE D 157 0.06 -2.48 -37.94
C ILE D 157 0.48 -3.58 -38.91
N PRO D 158 0.17 -4.86 -38.60
CA PRO D 158 -0.46 -5.32 -37.36
C PRO D 158 0.51 -5.29 -36.18
N GLN D 159 0.06 -5.69 -35.00
CA GLN D 159 0.91 -5.65 -33.81
C GLN D 159 1.45 -7.04 -33.54
N LYS D 160 2.77 -7.12 -33.33
CA LYS D 160 3.37 -8.39 -33.02
C LYS D 160 4.21 -8.27 -31.75
N GLU D 161 4.97 -9.31 -31.42
CA GLU D 161 5.68 -9.35 -30.14
C GLU D 161 6.70 -8.23 -30.02
N THR D 162 7.23 -7.74 -31.16
CA THR D 162 8.28 -6.74 -31.18
C THR D 162 7.76 -5.34 -31.43
N THR D 163 6.44 -5.18 -31.58
CA THR D 163 5.85 -3.86 -31.67
C THR D 163 6.06 -3.09 -30.37
N PRO D 164 6.64 -1.89 -30.39
CA PRO D 164 6.77 -1.10 -29.16
C PRO D 164 5.41 -0.72 -28.55
N PHE D 165 5.36 -0.77 -27.22
CA PHE D 165 4.12 -0.52 -26.49
C PHE D 165 3.83 0.98 -26.39
N TYR D 166 2.55 1.31 -26.30
CA TYR D 166 2.11 2.70 -26.13
C TYR D 166 0.80 2.69 -25.35
N PRO D 167 0.85 2.48 -24.04
CA PRO D 167 -0.39 2.34 -23.26
C PRO D 167 -1.18 3.65 -23.21
N ARG D 168 -2.50 3.50 -23.04
CA ARG D 168 -3.45 4.60 -23.13
C ARG D 168 -4.44 4.62 -21.97
N SER D 169 -4.12 3.96 -20.86
CA SER D 169 -4.98 4.01 -19.69
C SER D 169 -4.16 3.60 -18.47
N PRO D 170 -4.64 3.90 -17.25
CA PRO D 170 -3.94 3.36 -16.08
C PRO D 170 -3.93 1.84 -16.08
N TYR D 171 -4.92 1.20 -16.73
CA TYR D 171 -4.88 -0.25 -16.89
C TYR D 171 -3.71 -0.67 -17.77
N GLY D 172 -3.59 -0.08 -18.95
CA GLY D 172 -2.47 -0.38 -19.83
C GLY D 172 -1.14 -0.13 -19.16
N ALA D 173 -1.01 1.00 -18.47
CA ALA D 173 0.26 1.30 -17.80
C ALA D 173 0.58 0.27 -16.74
N ALA D 174 -0.42 -0.14 -15.95
CA ALA D 174 -0.18 -1.15 -14.93
C ALA D 174 0.22 -2.49 -15.54
N LYS D 175 -0.45 -2.88 -16.63
CA LYS D 175 -0.07 -4.14 -17.27
C LYS D 175 1.30 -4.04 -17.93
N LEU D 176 1.70 -2.85 -18.35
CA LEU D 176 3.05 -2.66 -18.89
C LEU D 176 4.09 -2.89 -17.80
N TYR D 177 3.84 -2.38 -16.59
CA TYR D 177 4.72 -2.70 -15.47
C TYR D 177 4.82 -4.21 -15.28
N ALA D 178 3.67 -4.88 -15.23
CA ALA D 178 3.64 -6.33 -15.03
C ALA D 178 4.41 -7.05 -16.14
N TYR D 179 4.21 -6.65 -17.40
CA TYR D 179 4.91 -7.27 -18.51
C TYR D 179 6.42 -7.26 -18.29
N TRP D 180 6.97 -6.09 -17.95
CA TRP D 180 8.41 -5.96 -17.85
C TRP D 180 8.97 -6.59 -16.59
N ILE D 181 8.22 -6.59 -15.49
CA ILE D 181 8.74 -7.22 -14.29
C ILE D 181 8.76 -8.74 -14.48
N VAL D 182 7.84 -9.27 -15.29
CA VAL D 182 7.87 -10.69 -15.66
C VAL D 182 9.13 -10.98 -16.49
N VAL D 183 9.42 -10.12 -17.48
CA VAL D 183 10.63 -10.32 -18.27
C VAL D 183 11.86 -10.27 -17.36
N ASN D 184 11.83 -9.39 -16.35
CA ASN D 184 13.00 -9.25 -15.49
C ASN D 184 13.22 -10.47 -14.62
N PHE D 185 12.15 -11.09 -14.10
CA PHE D 185 12.33 -12.34 -13.36
C PHE D 185 12.84 -13.45 -14.28
N ARG D 186 12.37 -13.47 -15.52
CA ARG D 186 12.85 -14.45 -16.49
C ARG D 186 14.35 -14.29 -16.73
N GLU D 187 14.79 -13.05 -16.93
CA GLU D 187 16.18 -12.82 -17.28
C GLU D 187 17.10 -12.84 -16.07
N ALA D 188 16.62 -12.35 -14.90
CA ALA D 188 17.51 -12.24 -13.75
C ALA D 188 17.63 -13.55 -12.98
N TYR D 189 16.56 -14.34 -12.95
CA TYR D 189 16.51 -15.52 -12.10
C TYR D 189 16.23 -16.80 -12.87
N ASN D 190 16.15 -16.73 -14.19
CA ASN D 190 15.91 -17.90 -15.05
C ASN D 190 14.57 -18.55 -14.77
N LEU D 191 13.61 -17.76 -14.31
CA LEU D 191 12.25 -18.25 -14.17
C LEU D 191 11.63 -18.52 -15.53
N PHE D 192 10.99 -19.68 -15.68
CA PHE D 192 10.19 -19.89 -16.88
C PHE D 192 8.93 -19.04 -16.74
N ALA D 193 8.94 -17.83 -17.29
CA ALA D 193 7.81 -16.93 -17.19
C ALA D 193 7.56 -16.29 -18.55
N VAL D 194 6.29 -16.25 -18.95
CA VAL D 194 5.91 -15.81 -20.29
C VAL D 194 4.80 -14.77 -20.21
N ASN D 195 4.82 -13.86 -21.18
CA ASN D 195 3.75 -12.90 -21.38
C ASN D 195 2.88 -13.38 -22.53
N GLY D 196 1.66 -13.80 -22.21
CA GLY D 196 0.64 -13.99 -23.21
C GLY D 196 0.08 -12.65 -23.58
N ILE D 197 0.36 -12.17 -24.79
CA ILE D 197 -0.13 -10.86 -25.24
C ILE D 197 -1.43 -11.14 -25.99
N LEU D 198 -2.49 -11.35 -25.24
CA LEU D 198 -3.77 -11.75 -25.82
C LEU D 198 -4.58 -10.52 -26.21
N PHE D 199 -5.14 -10.54 -27.41
CA PHE D 199 -6.08 -9.53 -27.87
C PHE D 199 -7.47 -9.87 -27.33
N ASN D 200 -8.41 -8.95 -27.52
CA ASN D 200 -9.74 -9.06 -26.91
C ASN D 200 -10.36 -10.44 -27.15
N HIS D 201 -10.86 -11.06 -26.08
CA HIS D 201 -11.58 -12.32 -26.22
C HIS D 201 -12.81 -12.32 -25.33
N GLU D 202 -13.92 -12.74 -25.91
CA GLU D 202 -15.25 -12.64 -25.35
C GLU D 202 -15.85 -14.04 -25.28
N SER D 203 -17.04 -14.13 -24.67
CA SER D 203 -17.74 -15.40 -24.52
C SER D 203 -19.08 -15.12 -23.85
N PRO D 204 -19.97 -16.12 -23.73
CA PRO D 204 -21.17 -15.92 -22.91
C PRO D 204 -20.88 -15.59 -21.44
N ARG D 205 -19.64 -15.77 -20.97
CA ARG D 205 -19.26 -15.48 -19.59
C ARG D 205 -18.55 -14.14 -19.44
N ARG D 206 -18.41 -13.39 -20.52
CA ARG D 206 -17.76 -12.09 -20.51
C ARG D 206 -18.42 -11.17 -19.48
N GLY D 207 -17.60 -10.34 -18.81
CA GLY D 207 -18.14 -9.34 -17.90
C GLY D 207 -19.18 -8.50 -18.60
N ALA D 208 -20.25 -8.12 -17.89
CA ALA D 208 -21.41 -7.53 -18.52
C ALA D 208 -21.17 -6.11 -19.04
N ASN D 209 -20.17 -5.40 -18.55
CA ASN D 209 -19.91 -4.03 -18.97
C ASN D 209 -18.72 -3.91 -19.94
N PHE D 210 -18.23 -5.02 -20.48
CA PHE D 210 -17.43 -4.93 -21.70
C PHE D 210 -18.37 -4.81 -22.90
N VAL D 211 -17.85 -4.26 -24.00
CA VAL D 211 -18.78 -3.73 -25.01
C VAL D 211 -19.55 -4.86 -25.71
N THR D 212 -18.93 -6.02 -25.89
CA THR D 212 -19.57 -7.10 -26.63
C THR D 212 -20.74 -7.69 -25.83
N ARG D 213 -20.47 -8.05 -24.57
CA ARG D 213 -21.50 -8.59 -23.69
C ARG D 213 -22.58 -7.57 -23.37
N LYS D 214 -22.22 -6.29 -23.30
CA LYS D 214 -23.23 -5.24 -23.14
C LYS D 214 -24.21 -5.24 -24.31
N ILE D 215 -23.68 -5.32 -25.53
CA ILE D 215 -24.54 -5.36 -26.72
C ILE D 215 -25.40 -6.61 -26.71
N SER D 216 -24.78 -7.78 -26.51
CA SER D 216 -25.55 -9.02 -26.57
C SER D 216 -26.58 -9.09 -25.44
N ARG D 217 -26.23 -8.61 -24.24
CA ARG D 217 -27.23 -8.54 -23.16
C ARG D 217 -28.38 -7.61 -23.55
N SER D 218 -28.06 -6.42 -24.05
CA SER D 218 -29.10 -5.45 -24.37
C SER D 218 -29.97 -5.92 -25.52
N VAL D 219 -29.37 -6.48 -26.57
CA VAL D 219 -30.15 -6.99 -27.71
C VAL D 219 -31.11 -8.08 -27.25
N ALA D 220 -30.65 -8.97 -26.36
CA ALA D 220 -31.51 -10.02 -25.84
C ALA D 220 -32.70 -9.43 -25.08
N LYS D 221 -32.45 -8.45 -24.21
CA LYS D 221 -33.54 -7.83 -23.44
C LYS D 221 -34.51 -7.11 -24.38
N ILE D 222 -34.01 -6.42 -25.40
CA ILE D 222 -34.89 -5.79 -26.38
C ILE D 222 -35.73 -6.84 -27.09
N TYR D 223 -35.11 -7.94 -27.49
CA TYR D 223 -35.82 -9.00 -28.21
C TYR D 223 -37.02 -9.49 -27.42
N LEU D 224 -36.85 -9.64 -26.10
CA LEU D 224 -37.89 -10.14 -25.22
C LEU D 224 -38.84 -9.03 -24.74
N GLY D 225 -38.68 -7.81 -25.24
CA GLY D 225 -39.55 -6.73 -24.81
C GLY D 225 -39.31 -6.26 -23.39
N GLN D 226 -38.11 -6.47 -22.85
CA GLN D 226 -37.80 -6.09 -21.48
C GLN D 226 -36.95 -4.83 -21.41
N LEU D 227 -36.55 -4.31 -22.56
CA LEU D 227 -35.75 -3.09 -22.67
C LEU D 227 -36.11 -2.43 -23.99
N GLU D 228 -36.12 -1.10 -24.00
CA GLU D 228 -36.38 -0.36 -25.23
C GLU D 228 -35.10 0.13 -25.89
N CYS D 229 -34.13 0.59 -25.12
CA CYS D 229 -32.99 1.28 -25.71
C CYS D 229 -31.82 1.18 -24.74
N PHE D 230 -30.61 1.29 -25.28
CA PHE D 230 -29.41 1.39 -24.44
C PHE D 230 -28.40 2.31 -25.08
N SER D 231 -27.48 2.82 -24.27
CA SER D 231 -26.50 3.79 -24.71
C SER D 231 -25.11 3.16 -24.73
N LEU D 232 -24.35 3.50 -25.77
CA LEU D 232 -22.97 3.08 -25.95
C LEU D 232 -22.08 4.31 -25.98
N GLY D 233 -20.77 4.07 -26.07
CA GLY D 233 -19.83 5.15 -26.21
C GLY D 233 -19.33 5.30 -27.63
N ASN D 234 -18.06 5.02 -27.86
CA ASN D 234 -17.42 5.22 -29.16
C ASN D 234 -17.80 4.07 -30.09
N LEU D 235 -18.73 4.33 -31.01
CA LEU D 235 -19.19 3.30 -31.94
C LEU D 235 -18.16 2.89 -32.98
N ASP D 236 -17.14 3.72 -33.20
CA ASP D 236 -16.22 3.50 -34.32
C ASP D 236 -14.93 2.81 -33.91
N ALA D 237 -14.81 2.40 -32.65
CA ALA D 237 -13.61 1.68 -32.20
C ALA D 237 -13.53 0.34 -32.93
N LYS D 238 -12.31 -0.07 -33.27
CA LYS D 238 -12.09 -1.28 -34.04
C LYS D 238 -11.24 -2.25 -33.22
N ARG D 239 -11.70 -3.51 -33.18
CA ARG D 239 -11.13 -4.52 -32.30
C ARG D 239 -10.94 -5.84 -33.03
N ASP D 240 -9.92 -6.57 -32.58
CA ASP D 240 -9.66 -7.96 -32.92
C ASP D 240 -10.27 -8.79 -31.79
N TRP D 241 -11.43 -9.41 -32.06
CA TRP D 241 -12.20 -10.18 -31.08
C TRP D 241 -12.12 -11.67 -31.39
N GLY D 242 -11.72 -12.46 -30.40
CA GLY D 242 -11.81 -13.91 -30.48
C GLY D 242 -12.61 -14.47 -29.32
N HIS D 243 -12.58 -15.81 -29.14
CA HIS D 243 -13.37 -16.47 -28.11
C HIS D 243 -12.46 -16.91 -26.97
N ALA D 244 -12.85 -16.57 -25.73
CA ALA D 244 -12.02 -16.85 -24.56
C ALA D 244 -11.68 -18.33 -24.47
N LYS D 245 -12.62 -19.22 -24.84
CA LYS D 245 -12.38 -20.65 -24.70
C LYS D 245 -11.23 -21.10 -25.60
N ASP D 246 -11.14 -20.52 -26.81
CA ASP D 246 -9.97 -20.80 -27.65
C ASP D 246 -8.70 -20.28 -27.01
N TYR D 247 -8.76 -19.10 -26.41
CA TYR D 247 -7.52 -18.43 -26.00
C TYR D 247 -6.91 -19.04 -24.75
N VAL D 248 -7.70 -19.64 -23.85
CA VAL D 248 -7.08 -20.23 -22.65
C VAL D 248 -6.23 -21.42 -23.04
N GLU D 249 -6.55 -22.11 -24.13
CA GLU D 249 -5.70 -23.20 -24.58
C GLU D 249 -4.31 -22.67 -24.97
N ALA D 250 -4.28 -21.51 -25.62
CA ALA D 250 -2.99 -20.90 -25.95
C ALA D 250 -2.15 -20.64 -24.71
N MET D 251 -2.78 -20.26 -23.60
CA MET D 251 -2.01 -20.01 -22.38
C MET D 251 -1.29 -21.28 -21.94
N TRP D 252 -2.00 -22.40 -21.92
CA TRP D 252 -1.40 -23.68 -21.57
C TRP D 252 -0.31 -24.06 -22.57
N LEU D 253 -0.55 -23.86 -23.87
CA LEU D 253 0.45 -24.19 -24.89
C LEU D 253 1.75 -23.43 -24.66
N MET D 254 1.66 -22.16 -24.25
CA MET D 254 2.86 -21.39 -23.98
C MET D 254 3.66 -21.98 -22.83
N LEU D 255 3.00 -22.58 -21.86
CA LEU D 255 3.73 -23.21 -20.77
C LEU D 255 4.24 -24.60 -21.13
N GLN D 256 3.84 -25.15 -22.27
CA GLN D 256 4.39 -26.42 -22.75
C GLN D 256 5.62 -26.24 -23.62
N ASN D 257 5.87 -25.03 -24.12
CA ASN D 257 7.03 -24.74 -24.95
C ASN D 257 8.33 -25.07 -24.21
N ASP D 258 9.33 -25.51 -24.97
CA ASP D 258 10.63 -25.84 -24.38
C ASP D 258 11.31 -24.61 -23.79
N GLU D 259 11.14 -23.44 -24.42
CA GLU D 259 11.73 -22.19 -23.95
C GLU D 259 10.65 -21.20 -23.58
N PRO D 260 10.90 -20.33 -22.58
CA PRO D 260 9.91 -19.30 -22.22
C PRO D 260 9.91 -18.17 -23.24
N GLU D 261 8.81 -18.01 -23.96
CA GLU D 261 8.71 -16.96 -24.95
C GLU D 261 7.37 -16.24 -24.80
N ASP D 262 7.36 -14.96 -25.16
CA ASP D 262 6.14 -14.18 -25.21
C ASP D 262 5.46 -14.39 -26.56
N PHE D 263 4.12 -14.44 -26.56
CA PHE D 263 3.35 -14.66 -27.77
C PHE D 263 2.14 -13.74 -27.85
N VAL D 264 1.91 -13.20 -29.05
CA VAL D 264 0.65 -12.55 -29.37
C VAL D 264 -0.36 -13.63 -29.73
N ILE D 265 -1.57 -13.52 -29.18
CA ILE D 265 -2.67 -14.42 -29.49
C ILE D 265 -3.83 -13.57 -29.97
N ALA D 266 -4.31 -13.85 -31.19
CA ALA D 266 -5.30 -12.96 -31.80
C ALA D 266 -5.91 -13.66 -33.02
N THR D 267 -6.89 -13.00 -33.64
CA THR D 267 -7.46 -13.52 -34.89
C THR D 267 -6.90 -12.84 -36.14
N GLY D 268 -6.37 -11.63 -35.99
CA GLY D 268 -5.94 -10.85 -37.13
C GLY D 268 -7.06 -10.25 -37.95
N GLU D 269 -8.32 -10.43 -37.54
CA GLU D 269 -9.47 -9.85 -38.24
C GLU D 269 -10.06 -8.73 -37.41
N VAL D 270 -10.35 -7.61 -38.06
CA VAL D 270 -10.78 -6.37 -37.40
C VAL D 270 -12.25 -6.13 -37.70
N HIS D 271 -13.01 -5.76 -36.68
CA HIS D 271 -14.39 -5.30 -36.81
C HIS D 271 -14.62 -4.16 -35.83
N SER D 272 -15.62 -3.35 -36.14
CA SER D 272 -15.97 -2.19 -35.31
C SER D 272 -17.05 -2.55 -34.29
N VAL D 273 -17.11 -1.74 -33.23
CA VAL D 273 -18.24 -1.81 -32.29
C VAL D 273 -19.55 -1.67 -33.05
N ARG D 274 -19.59 -0.74 -34.01
CA ARG D 274 -20.77 -0.54 -34.84
C ARG D 274 -21.21 -1.84 -35.51
N GLU D 275 -20.25 -2.59 -36.07
CA GLU D 275 -20.59 -3.87 -36.70
C GLU D 275 -21.11 -4.88 -35.69
N PHE D 276 -20.53 -4.90 -34.48
CA PHE D 276 -21.03 -5.82 -33.46
C PHE D 276 -22.49 -5.52 -33.16
N VAL D 277 -22.83 -4.23 -33.03
CA VAL D 277 -24.23 -3.84 -32.83
C VAL D 277 -25.10 -4.37 -33.96
N GLU D 278 -24.69 -4.10 -35.20
CA GLU D 278 -25.52 -4.46 -36.36
C GLU D 278 -25.70 -5.96 -36.46
N LYS D 279 -24.62 -6.72 -36.34
CA LYS D 279 -24.74 -8.18 -36.44
C LYS D 279 -25.57 -8.75 -35.29
N SER D 280 -25.43 -8.17 -34.09
CA SER D 280 -26.21 -8.64 -32.95
C SER D 280 -27.71 -8.47 -33.18
N PHE D 281 -28.12 -7.27 -33.60
CA PHE D 281 -29.55 -7.05 -33.85
C PHE D 281 -30.04 -7.93 -34.99
N LEU D 282 -29.20 -8.16 -36.00
CA LEU D 282 -29.59 -9.02 -37.10
C LEU D 282 -30.06 -10.39 -36.61
N HIS D 283 -29.43 -10.90 -35.54
CA HIS D 283 -29.82 -12.21 -35.01
C HIS D 283 -31.13 -12.20 -34.24
N ILE D 284 -31.69 -11.05 -33.93
CA ILE D 284 -33.04 -11.02 -33.38
C ILE D 284 -34.02 -10.48 -34.42
N GLY D 285 -33.62 -10.48 -35.68
CA GLY D 285 -34.48 -10.09 -36.77
C GLY D 285 -34.64 -8.60 -36.98
N LYS D 286 -33.69 -7.80 -36.51
CA LYS D 286 -33.80 -6.34 -36.62
C LYS D 286 -32.61 -5.78 -37.38
N THR D 287 -32.91 -4.85 -38.29
CA THR D 287 -31.92 -4.16 -39.10
C THR D 287 -31.72 -2.77 -38.51
N ILE D 288 -30.50 -2.49 -38.05
CA ILE D 288 -30.18 -1.21 -37.46
C ILE D 288 -29.73 -0.25 -38.56
N VAL D 289 -30.32 0.95 -38.57
CA VAL D 289 -29.91 2.03 -39.45
C VAL D 289 -29.52 3.20 -38.56
N TRP D 290 -28.46 3.92 -38.95
CA TRP D 290 -27.85 4.96 -38.13
C TRP D 290 -28.28 6.35 -38.58
N GLU D 291 -28.51 7.22 -37.60
CA GLU D 291 -28.87 8.61 -37.85
C GLU D 291 -28.03 9.49 -36.96
N GLY D 292 -27.75 10.71 -37.43
CA GLY D 292 -27.04 11.67 -36.62
C GLY D 292 -25.55 11.38 -36.55
N LYS D 293 -24.86 12.17 -35.74
CA LYS D 293 -23.41 12.03 -35.63
C LYS D 293 -22.96 12.35 -34.20
N ASN D 294 -21.78 11.86 -33.86
CA ASN D 294 -21.12 12.11 -32.56
C ASN D 294 -22.07 11.63 -31.47
N GLU D 295 -22.21 12.36 -30.37
CA GLU D 295 -23.03 11.91 -29.25
C GLU D 295 -24.52 11.97 -29.55
N ASN D 296 -24.91 12.49 -30.70
CA ASN D 296 -26.31 12.51 -31.11
C ASN D 296 -26.64 11.43 -32.11
N GLU D 297 -25.70 10.51 -32.38
CA GLU D 297 -25.99 9.40 -33.27
C GLU D 297 -26.92 8.39 -32.58
N VAL D 298 -27.89 7.88 -33.33
CA VAL D 298 -28.80 6.88 -32.80
C VAL D 298 -28.92 5.75 -33.81
N GLY D 299 -29.20 4.56 -33.30
CA GLY D 299 -29.44 3.38 -34.11
C GLY D 299 -30.91 3.01 -33.99
N ARG D 300 -31.56 2.88 -35.15
CA ARG D 300 -33.00 2.68 -35.21
C ARG D 300 -33.31 1.38 -35.94
N CYS D 301 -34.32 0.66 -35.44
CA CYS D 301 -34.78 -0.54 -36.13
C CYS D 301 -35.48 -0.15 -37.42
N LYS D 302 -35.00 -0.69 -38.55
CA LYS D 302 -35.64 -0.38 -39.83
C LYS D 302 -37.06 -0.93 -39.89
N GLU D 303 -37.26 -2.14 -39.39
CA GLU D 303 -38.56 -2.78 -39.55
C GLU D 303 -39.64 -2.14 -38.70
N THR D 304 -39.30 -1.58 -37.54
CA THR D 304 -40.30 -0.98 -36.65
C THR D 304 -40.16 0.52 -36.47
N GLY D 305 -39.05 1.12 -36.88
CA GLY D 305 -38.83 2.54 -36.63
C GLY D 305 -38.44 2.89 -35.21
N LYS D 306 -38.20 1.91 -34.35
CA LYS D 306 -37.94 2.19 -32.94
C LYS D 306 -36.45 2.40 -32.72
N VAL D 307 -36.11 3.43 -31.95
CA VAL D 307 -34.71 3.70 -31.60
C VAL D 307 -34.30 2.73 -30.50
N HIS D 308 -33.23 1.97 -30.75
CA HIS D 308 -32.72 1.02 -29.75
C HIS D 308 -31.33 1.34 -29.24
N VAL D 309 -30.57 2.20 -29.90
CA VAL D 309 -29.19 2.51 -29.49
C VAL D 309 -29.01 4.03 -29.49
N THR D 310 -28.46 4.55 -28.40
CA THR D 310 -28.04 5.94 -28.33
C THR D 310 -26.57 5.99 -27.89
N VAL D 311 -26.00 7.18 -27.93
CA VAL D 311 -24.60 7.38 -27.56
C VAL D 311 -24.57 8.27 -26.31
N ASP D 312 -23.75 7.91 -25.34
CA ASP D 312 -23.56 8.72 -24.13
C ASP D 312 -22.08 8.90 -23.90
N LEU D 313 -21.63 10.17 -23.86
CA LEU D 313 -20.20 10.43 -23.72
C LEU D 313 -19.62 9.83 -22.45
N LYS D 314 -20.45 9.53 -21.44
CA LYS D 314 -19.92 8.95 -20.21
C LYS D 314 -19.27 7.60 -20.45
N TYR D 315 -19.58 6.91 -21.55
CA TYR D 315 -18.91 5.65 -21.86
C TYR D 315 -17.66 5.81 -22.71
N TYR D 316 -17.36 7.02 -23.19
CA TYR D 316 -16.11 7.29 -23.87
C TYR D 316 -14.94 7.21 -22.88
N ARG D 317 -13.72 6.96 -23.44
CA ARG D 317 -12.51 7.03 -22.63
C ARG D 317 -11.73 8.30 -22.99
N PRO D 318 -11.10 8.94 -22.00
CA PRO D 318 -10.34 10.16 -22.29
C PRO D 318 -9.25 9.96 -23.32
N THR D 319 -8.62 8.78 -23.34
CA THR D 319 -7.57 8.42 -24.30
C THR D 319 -7.98 7.10 -24.93
N GLU D 320 -8.64 7.17 -26.09
CA GLU D 320 -9.19 5.96 -26.69
C GLU D 320 -8.06 5.12 -27.32
N VAL D 321 -8.35 3.83 -27.41
CA VAL D 321 -7.55 2.89 -28.19
C VAL D 321 -8.35 2.63 -29.47
N ASP D 322 -7.94 3.25 -30.57
CA ASP D 322 -8.83 3.29 -31.73
C ASP D 322 -8.87 1.98 -32.50
N PHE D 323 -7.75 1.26 -32.56
CA PHE D 323 -7.57 0.19 -33.53
C PHE D 323 -6.60 -0.84 -32.98
N LEU D 324 -6.98 -2.12 -33.04
CA LEU D 324 -6.10 -3.22 -32.66
C LEU D 324 -6.25 -4.35 -33.67
N GLN D 325 -5.12 -4.91 -34.10
CA GLN D 325 -5.11 -6.04 -35.02
C GLN D 325 -3.83 -6.82 -34.76
N GLY D 326 -3.99 -8.05 -34.30
CA GLY D 326 -2.87 -8.85 -33.88
C GLY D 326 -2.32 -9.74 -34.98
N ASP D 327 -1.02 -9.95 -34.92
CA ASP D 327 -0.30 -10.86 -35.81
C ASP D 327 0.20 -12.02 -34.95
N CYS D 328 -0.54 -13.13 -34.97
CA CYS D 328 -0.15 -14.30 -34.18
C CYS D 328 0.64 -15.32 -34.99
N THR D 329 1.46 -14.85 -35.95
CA THR D 329 2.28 -15.75 -36.76
C THR D 329 3.21 -16.60 -35.89
N LYS D 330 3.85 -15.96 -34.89
CA LYS D 330 4.82 -16.69 -34.07
C LYS D 330 4.15 -17.82 -33.30
N ALA D 331 2.95 -17.56 -32.74
CA ALA D 331 2.21 -18.61 -32.05
C ALA D 331 1.79 -19.71 -33.00
N LYS D 332 1.35 -19.36 -34.21
CA LYS D 332 0.92 -20.40 -35.13
C LYS D 332 2.08 -21.30 -35.50
N GLN D 333 3.26 -20.71 -35.75
CA GLN D 333 4.44 -21.50 -36.08
C GLN D 333 4.91 -22.33 -34.89
N LYS D 334 5.13 -21.69 -33.74
CA LYS D 334 5.80 -22.35 -32.61
C LYS D 334 4.86 -23.17 -31.73
N LEU D 335 3.61 -22.73 -31.57
CA LEU D 335 2.68 -23.43 -30.70
C LEU D 335 1.66 -24.28 -31.45
N ASN D 336 1.60 -24.14 -32.79
CA ASN D 336 0.58 -24.79 -33.62
C ASN D 336 -0.82 -24.40 -33.17
N TRP D 337 -0.97 -23.15 -32.70
CA TRP D 337 -2.26 -22.65 -32.25
C TRP D 337 -2.99 -21.95 -33.38
N LYS D 338 -4.32 -22.08 -33.40
CA LYS D 338 -5.20 -21.43 -34.37
C LYS D 338 -6.51 -21.06 -33.69
N PRO D 339 -7.07 -19.89 -34.00
CA PRO D 339 -8.40 -19.56 -33.46
C PRO D 339 -9.46 -20.39 -34.16
N ARG D 340 -10.39 -20.94 -33.36
CA ARG D 340 -11.45 -21.77 -33.90
C ARG D 340 -12.71 -20.98 -34.19
N VAL D 341 -13.08 -20.04 -33.32
CA VAL D 341 -14.30 -19.27 -33.44
C VAL D 341 -13.99 -17.91 -34.05
N ALA D 342 -14.68 -17.59 -35.14
CA ALA D 342 -14.53 -16.31 -35.81
C ALA D 342 -15.68 -15.38 -35.43
N PHE D 343 -15.55 -14.12 -35.85
CA PHE D 343 -16.39 -13.03 -35.37
C PHE D 343 -17.89 -13.32 -35.53
N ASP D 344 -18.29 -13.80 -36.69
CA ASP D 344 -19.71 -14.03 -36.94
C ASP D 344 -20.28 -15.04 -35.96
N GLU D 345 -19.56 -16.15 -35.71
CA GLU D 345 -20.06 -17.14 -34.78
C GLU D 345 -20.01 -16.63 -33.35
N LEU D 346 -19.02 -15.78 -33.03
CA LEU D 346 -18.93 -15.21 -31.69
C LEU D 346 -20.18 -14.41 -31.38
N VAL D 347 -20.59 -13.54 -32.30
CA VAL D 347 -21.77 -12.70 -32.09
C VAL D 347 -23.02 -13.55 -31.89
N ARG D 348 -23.25 -14.52 -32.78
CA ARG D 348 -24.45 -15.36 -32.67
C ARG D 348 -24.48 -16.11 -31.35
N GLU D 349 -23.35 -16.71 -30.98
CA GLU D 349 -23.30 -17.47 -29.74
C GLU D 349 -23.64 -16.60 -28.55
N MET D 350 -23.12 -15.37 -28.54
CA MET D 350 -23.33 -14.50 -27.38
C MET D 350 -24.77 -13.99 -27.32
N VAL D 351 -25.34 -13.61 -28.47
CA VAL D 351 -26.73 -13.14 -28.45
C VAL D 351 -27.67 -14.28 -28.07
N HIS D 352 -27.46 -15.47 -28.64
CA HIS D 352 -28.33 -16.60 -28.33
C HIS D 352 -28.20 -17.01 -26.87
N ALA D 353 -26.97 -17.00 -26.33
CA ALA D 353 -26.81 -17.32 -24.92
C ALA D 353 -27.58 -16.34 -24.05
N ASP D 354 -27.47 -15.04 -24.35
CA ASP D 354 -28.11 -14.06 -23.49
C ASP D 354 -29.62 -14.03 -23.66
N VAL D 355 -30.14 -14.33 -24.86
CA VAL D 355 -31.59 -14.51 -25.00
C VAL D 355 -32.09 -15.60 -24.06
N GLU D 356 -31.42 -16.75 -24.06
CA GLU D 356 -31.83 -17.84 -23.20
C GLU D 356 -31.69 -17.47 -21.73
N LEU D 357 -30.69 -16.67 -21.39
CA LEU D 357 -30.54 -16.22 -20.01
C LEU D 357 -31.69 -15.30 -19.62
N MET D 358 -32.00 -14.28 -20.45
CA MET D 358 -33.04 -13.33 -20.07
C MET D 358 -34.42 -13.99 -20.00
N ARG D 359 -34.67 -15.02 -20.82
CA ARG D 359 -35.91 -15.80 -20.71
C ARG D 359 -36.12 -16.34 -19.30
N THR D 360 -35.06 -16.69 -18.60
CA THR D 360 -35.19 -17.26 -17.26
C THR D 360 -35.34 -16.21 -16.18
N ASN D 361 -34.90 -14.97 -16.44
CA ASN D 361 -34.79 -13.95 -15.41
C ASN D 361 -34.75 -12.57 -16.05
N PRO D 362 -35.82 -11.79 -15.95
CA PRO D 362 -35.81 -10.44 -16.55
C PRO D 362 -34.88 -9.48 -15.83
N ASN D 363 -34.37 -9.85 -14.66
CA ASN D 363 -33.46 -9.00 -13.92
C ASN D 363 -32.00 -9.41 -14.12
N ALA D 364 -31.73 -10.38 -14.97
CA ALA D 364 -30.36 -10.85 -15.18
C ALA D 364 -29.47 -9.76 -15.83
#